data_6ROH
#
_entry.id   6ROH
#
_cell.length_a   1.00
_cell.length_b   1.00
_cell.length_c   1.00
_cell.angle_alpha   90.00
_cell.angle_beta   90.00
_cell.angle_gamma   90.00
#
_symmetry.space_group_name_H-M   'P 1'
#
loop_
_entity.id
_entity.type
_entity.pdbx_description
1 polymer 'Probable phospholipid-transporting ATPase DRS2'
2 polymer 'Cell division control protein 50'
3 branched 2-acetamido-2-deoxy-beta-D-glucopyranose-(1-4)-2-acetamido-2-deoxy-beta-D-glucopyranose
4 branched beta-D-mannopyranose-(1-3)-beta-D-mannopyranose-(1-4)-2-acetamido-2-deoxy-beta-D-glucopyranose-(1-4)-2-acetamido-2-deoxy-beta-D-glucopyranose
5 non-polymer 1,2-DICAPROYL-SN-PHOSPHATIDYL-L-SERINE
6 non-polymer 'MAGNESIUM ION'
7 non-polymer 2-acetamido-2-deoxy-beta-D-glucopyranose
8 water water
#
loop_
_entity_poly.entity_id
_entity_poly.type
_entity_poly.pdbx_seq_one_letter_code
_entity_poly.pdbx_strand_id
1 'polypeptide(L)'
;MNDDRETPPKRKPGEDDTLFDIDFLDDTTSHSGSRSKVTNSHANANYIPPSHVLPEETIDLDADDDNIENDVHENLFMSN
NHDDQTSWNANRFDSDAYQPQSLRAVKPPGLFARFGNGLKNAFTFKRKKGPESFEMNHYNAVTNNELDDNYLDSRNKFNI
KILFNRYILRKNVGDAEGNGEPRVIHINDSLANSSFGYSDNHISTTKYNFATFLPKFLFQEFSKYANLFFLCTSAIQQVP
HVSPTNRYTTIGTLLVVLIVSAMKECIEDIKRANSDKELNNSTAEIFSEAHDDFVEKRWIDIRVGDIIRVKSEEPIPADT
IILSSSEPEGLCYIETANLDGETNLKIKQSRVETAKFIDVKTLKNMNGKVVSEQPNSSLYTYEGTMTLNDRQIPLSPDQM
ILRGATLRNTAWIFGLVIFTGHETKLLRNATATPIKRTAVEKIINRQIIALFTVLIVLILISSIGNVIMSTADAKHLSYL
YLEGTNKAGLFFKDFLTFWILFSNLVPISLFVTVELIKYYQAFMIGSDLDLYYEKTDTPTVVRTSSLVEELGQIEYIFS
(BFD)KTGTLTRNIMEFKSCSIAGHCYIDKIPEDKTATVEDGIEVGYRKFDDLKKKLNDPSDEDSPIINDFLTLLATCHT
VIPEFQSDGSIKYQAASPDEGALVQGGADLGYKFIIRKPNSVTVLLEETGEEKEYQLLNICEFNSTRKRMSAIFRFPDGS
IKLFCKGADTVILERLDDEANQYVEATMRHLEDYASEGLRTLCLAMRDISEGEYEEWNSIYNEAATTLDNRAEKLDEAAN
LIEKNLILIGATAIEDKLQDGVPETIHTLQEAGIKIWVLTGDRQETAINIGMSCRLLSEDMNLLIINEETRDDTERNLLE
KINALNEHQLSTHDMNTLALVIDGKSLGFALEPELEDYLLTVAKLCKAVICCRVSPLQKALVVKMVKRKSSSLLLAIGDG
ANDVSMIQAAHVGVGISGMEGMQAARSADIAVGQFKFLKKLLLVHGSWSYQRISVAILYSFYKNTALYMTQFWYVFANAF
SGQSIMESWTMSFYNLFFTVWPPFVIGVFDQFVSSRLLERYPQLYKLGQKGQFFSVYIFWGWIINGFFHSAIVFIGTILI
YRYGFALNMHGELADHWSWGVTVYTTSVIIVLGKAALVTNQWTKFTLIAIPGSLLFWLIFFPIYASIFPHANISREYYGV
VKHTYGSGVFWLTLIVLPIFALVRDFLWKYYKRMYEPETYHVIQEMQKYNISDSRPHVQQFQNAIRKVRQVQRMKKQRGF
AFSQAEEGGQEKIVRMYDTTQKRGKYGELQDASANPFNDNNGLGSNDFESAEPFIENPFADGNQNSNRFSSSRDDISFDI
GGGGLVPRGSGGTAAAPGPAPAPAPASAPAAAAPAGAGTPVTAPLAGTIWKVLASEGQTVAAGEVLLILEAMKMETEIRA
AQAGTVRGIAVKAGDAVAVGDTLMT
;
A
2 'polypeptide(L)'
;MVSLFKRGKAPPLTKEGPTSKKPPNTAFRQQRLKAWQPILSPQSVLPLLIFVACIFTPIGIGLIVSATKVQDLTIDYSHC
DTKASTTAFEDIPKKYIKYHFKSKVENKPQWRLTENENGEQSCELQFEIPNDIKKSIFIYYKITNFYQNHRRYVQSFDTK
QILGEPIKKDDLDTSCSPIRSREDKIIYPCGLIANSMFNDTFSQVLSGIDDTEDYNLTNKHISWSIDRHRFKTTKYNASD
IVPPPNWMKKYPDGYTDENLPDIHTWEEFQVWMRTAAFPKFYKLTLKNESASLPKGKYQMNIELNYPISLFGGTKSFVLT
TNGAIGGRNMSLGVLYLIVAGLCALFGIIFLVKLIFQPRAMGDHTYLNFDDEENEDYEDVHAENTTLREILGGGGLVPRG
SGGHHHHHHHHHH
;
C
#
# COMPACT_ATOMS: atom_id res chain seq x y z
N PRO A 182 -15.28 -17.32 -39.38
CA PRO A 182 -14.46 -16.12 -39.62
C PRO A 182 -15.26 -14.84 -39.50
N ARG A 183 -14.57 -13.70 -39.45
CA ARG A 183 -15.23 -12.41 -39.30
C ARG A 183 -15.46 -11.78 -40.68
N VAL A 184 -16.69 -11.38 -40.95
CA VAL A 184 -17.10 -10.81 -42.22
C VAL A 184 -17.35 -9.32 -42.04
N ILE A 185 -16.72 -8.50 -42.88
CA ILE A 185 -16.76 -7.04 -42.76
C ILE A 185 -17.10 -6.47 -44.13
N HIS A 186 -18.20 -5.74 -44.21
CA HIS A 186 -18.55 -5.05 -45.44
C HIS A 186 -17.89 -3.69 -45.49
N ILE A 187 -17.70 -3.16 -46.70
CA ILE A 187 -17.05 -1.87 -46.88
C ILE A 187 -18.09 -0.81 -47.20
N ASN A 188 -18.07 0.29 -46.42
CA ASN A 188 -18.91 1.49 -46.61
C ASN A 188 -20.41 1.20 -46.49
N ASP A 189 -20.80 0.51 -45.41
CA ASP A 189 -22.18 0.51 -44.90
C ASP A 189 -22.12 0.19 -43.40
N SER A 190 -22.31 1.23 -42.58
CA SER A 190 -22.14 1.08 -41.15
C SER A 190 -23.32 0.38 -40.49
N LEU A 191 -24.48 0.37 -41.15
CA LEU A 191 -25.65 -0.28 -40.55
C LEU A 191 -25.54 -1.79 -40.63
N ALA A 192 -24.88 -2.30 -41.66
CA ALA A 192 -24.73 -3.75 -41.83
C ALA A 192 -23.57 -4.32 -41.03
N ASN A 193 -22.60 -3.50 -40.64
CA ASN A 193 -21.44 -3.97 -39.90
C ASN A 193 -21.53 -3.68 -38.41
N SER A 194 -22.74 -3.43 -37.91
CA SER A 194 -22.99 -3.38 -36.47
C SER A 194 -23.99 -4.44 -36.03
N SER A 195 -24.66 -5.10 -36.97
CA SER A 195 -25.62 -6.13 -36.61
C SER A 195 -24.93 -7.41 -36.16
N PHE A 196 -23.63 -7.56 -36.46
CA PHE A 196 -22.88 -8.69 -35.92
C PHE A 196 -22.54 -8.48 -34.45
N GLY A 197 -22.52 -7.22 -34.00
CA GLY A 197 -22.29 -6.94 -32.60
C GLY A 197 -20.84 -7.00 -32.18
N TYR A 198 -19.98 -6.29 -32.90
CA TYR A 198 -18.59 -6.20 -32.52
C TYR A 198 -18.41 -5.19 -31.39
N SER A 199 -17.22 -5.17 -30.81
CA SER A 199 -16.91 -4.20 -29.78
C SER A 199 -16.70 -2.82 -30.40
N ASP A 200 -16.70 -1.80 -29.54
CA ASP A 200 -16.36 -0.47 -30.01
C ASP A 200 -14.88 -0.18 -29.75
N ASN A 201 -14.48 1.06 -29.99
CA ASN A 201 -13.07 1.39 -30.00
C ASN A 201 -12.56 1.79 -28.62
N HIS A 202 -13.42 1.78 -27.61
CA HIS A 202 -12.96 2.17 -26.29
C HIS A 202 -12.24 1.00 -25.64
N ILE A 203 -11.30 1.32 -24.77
CA ILE A 203 -10.73 0.33 -23.86
C ILE A 203 -11.05 0.77 -22.45
N SER A 204 -11.21 -0.19 -21.55
CA SER A 204 -11.57 0.07 -20.17
C SER A 204 -10.36 -0.24 -19.30
N THR A 205 -9.88 0.77 -18.58
CA THR A 205 -8.77 0.63 -17.66
C THR A 205 -9.27 0.30 -16.25
N THR A 206 -10.52 0.63 -15.96
CA THR A 206 -11.07 0.63 -14.61
C THR A 206 -11.14 -0.78 -14.01
N LYS A 207 -11.08 -0.81 -12.68
CA LYS A 207 -11.08 -2.07 -11.95
C LYS A 207 -12.43 -2.76 -12.02
N TYR A 208 -13.51 -1.99 -12.01
CA TYR A 208 -14.86 -2.54 -12.08
C TYR A 208 -15.77 -1.58 -12.84
N ASN A 209 -16.81 -2.15 -13.42
CA ASN A 209 -17.89 -1.37 -14.01
C ASN A 209 -18.98 -1.14 -12.96
N PHE A 210 -20.16 -0.70 -13.40
CA PHE A 210 -21.29 -0.60 -12.49
C PHE A 210 -21.81 -1.98 -12.08
N ALA A 211 -21.60 -3.00 -12.92
CA ALA A 211 -22.14 -4.32 -12.62
C ALA A 211 -21.33 -5.04 -11.57
N THR A 212 -20.01 -5.06 -11.70
CA THR A 212 -19.13 -5.87 -10.87
C THR A 212 -18.48 -5.04 -9.77
N PHE A 213 -19.20 -4.06 -9.23
CA PHE A 213 -18.67 -3.32 -8.10
C PHE A 213 -18.93 -4.05 -6.80
N LEU A 214 -20.10 -4.66 -6.66
CA LEU A 214 -20.44 -5.36 -5.42
C LEU A 214 -19.64 -6.64 -5.19
N PRO A 215 -19.49 -7.59 -6.15
CA PRO A 215 -18.71 -8.79 -5.79
C PRO A 215 -17.20 -8.55 -5.68
N LYS A 216 -16.65 -7.60 -6.45
CA LYS A 216 -15.20 -7.43 -6.43
C LYS A 216 -14.76 -6.61 -5.22
N PHE A 217 -15.61 -5.71 -4.73
CA PHE A 217 -15.24 -4.95 -3.53
C PHE A 217 -15.46 -5.77 -2.28
N LEU A 218 -16.49 -6.63 -2.27
CA LEU A 218 -16.74 -7.45 -1.10
C LEU A 218 -15.72 -8.57 -0.97
N PHE A 219 -15.27 -9.15 -2.09
CA PHE A 219 -14.22 -10.16 -2.05
C PHE A 219 -12.88 -9.57 -1.66
N GLN A 220 -12.66 -8.29 -1.95
CA GLN A 220 -11.42 -7.63 -1.56
C GLN A 220 -11.43 -7.30 -0.07
N GLU A 221 -12.61 -7.03 0.49
CA GLU A 221 -12.70 -6.69 1.90
C GLU A 221 -12.86 -7.91 2.80
N PHE A 222 -13.54 -8.95 2.33
CA PHE A 222 -13.67 -10.16 3.12
C PHE A 222 -12.42 -11.04 3.06
N SER A 223 -11.51 -10.79 2.13
CA SER A 223 -10.23 -11.47 2.15
C SER A 223 -9.34 -10.93 3.25
N LYS A 224 -9.60 -9.72 3.71
CA LYS A 224 -9.05 -9.28 4.98
C LYS A 224 -9.80 -9.99 6.11
N TYR A 225 -9.06 -10.45 7.11
CA TYR A 225 -9.65 -11.34 8.11
C TYR A 225 -10.37 -10.59 9.22
N ALA A 226 -10.05 -9.31 9.44
CA ALA A 226 -10.77 -8.53 10.43
C ALA A 226 -12.20 -8.25 10.00
N ASN A 227 -12.42 -8.05 8.70
CA ASN A 227 -13.76 -7.77 8.20
C ASN A 227 -14.58 -9.04 8.06
N LEU A 228 -13.95 -10.21 8.11
CA LEU A 228 -14.67 -11.48 8.09
C LEU A 228 -15.02 -11.94 9.50
N PHE A 229 -14.21 -11.56 10.48
CA PHE A 229 -14.48 -11.91 11.86
C PHE A 229 -15.65 -11.09 12.41
N PHE A 230 -15.68 -9.80 12.12
CA PHE A 230 -16.72 -8.92 12.63
C PHE A 230 -18.04 -9.09 11.90
N LEU A 231 -18.02 -9.69 10.71
CA LEU A 231 -19.28 -10.09 10.09
C LEU A 231 -19.90 -11.27 10.83
N CYS A 232 -19.05 -12.16 11.36
CA CYS A 232 -19.56 -13.26 12.17
C CYS A 232 -19.94 -12.82 13.57
N THR A 233 -19.24 -11.83 14.13
CA THR A 233 -19.54 -11.32 15.46
C THR A 233 -20.90 -10.64 15.50
N SER A 234 -21.22 -9.85 14.46
CA SER A 234 -22.46 -9.10 14.40
C SER A 234 -23.69 -9.99 14.27
N ALA A 235 -23.54 -11.23 13.82
CA ALA A 235 -24.63 -12.19 13.85
C ALA A 235 -24.78 -12.86 15.21
N ILE A 236 -23.69 -12.94 15.96
CA ILE A 236 -23.74 -13.52 17.30
C ILE A 236 -24.45 -12.58 18.28
N GLN A 237 -24.42 -11.27 17.99
CA GLN A 237 -25.14 -10.32 18.84
C GLN A 237 -26.65 -10.37 18.65
N GLN A 238 -27.14 -11.13 17.67
CA GLN A 238 -28.56 -11.06 17.34
C GLN A 238 -29.39 -12.10 18.08
N VAL A 239 -28.77 -13.18 18.54
CA VAL A 239 -29.50 -14.11 19.41
C VAL A 239 -29.74 -13.44 20.75
N PRO A 240 -30.97 -13.49 21.30
CA PRO A 240 -31.30 -12.61 22.44
C PRO A 240 -30.61 -13.02 23.73
N HIS A 241 -30.44 -12.03 24.62
CA HIS A 241 -29.90 -12.08 25.96
C HIS A 241 -28.42 -12.46 25.98
N VAL A 242 -27.72 -12.40 24.86
CA VAL A 242 -26.35 -12.89 24.82
C VAL A 242 -25.36 -11.73 24.92
N SER A 243 -25.58 -10.65 24.19
CA SER A 243 -24.59 -9.59 24.06
C SER A 243 -24.53 -8.74 25.32
N PRO A 244 -23.34 -8.43 25.84
CA PRO A 244 -23.27 -7.48 26.97
C PRO A 244 -23.58 -6.06 26.55
N THR A 245 -23.15 -5.66 25.37
CA THR A 245 -23.47 -4.35 24.82
C THR A 245 -24.77 -4.44 24.03
N ASN A 246 -25.23 -3.31 23.47
CA ASN A 246 -26.45 -3.37 22.69
C ASN A 246 -26.15 -3.93 21.31
N ARG A 247 -27.21 -4.44 20.65
CA ARG A 247 -27.04 -5.32 19.50
C ARG A 247 -26.61 -4.59 18.24
N TYR A 248 -26.70 -3.27 18.19
CA TYR A 248 -26.34 -2.49 17.02
C TYR A 248 -24.94 -1.89 17.13
N THR A 249 -24.13 -2.38 18.05
CA THR A 249 -22.85 -1.76 18.35
C THR A 249 -21.80 -2.09 17.29
N THR A 250 -21.73 -3.36 16.88
CA THR A 250 -20.65 -3.76 15.99
C THR A 250 -21.09 -3.79 14.53
N ILE A 251 -22.40 -3.80 14.28
CA ILE A 251 -22.86 -3.67 12.90
C ILE A 251 -22.93 -2.21 12.49
N GLY A 252 -22.97 -1.29 13.46
CA GLY A 252 -22.91 0.12 13.11
C GLY A 252 -21.49 0.56 12.82
N THR A 253 -20.52 -0.04 13.49
CA THR A 253 -19.12 0.20 13.20
C THR A 253 -18.68 -0.48 11.90
N LEU A 254 -19.23 -1.65 11.59
CA LEU A 254 -18.87 -2.33 10.35
C LEU A 254 -19.44 -1.64 9.11
N LEU A 255 -20.61 -1.03 9.22
CA LEU A 255 -21.17 -0.31 8.08
C LEU A 255 -20.44 1.01 7.85
N VAL A 256 -19.85 1.58 8.89
CA VAL A 256 -19.08 2.81 8.69
C VAL A 256 -17.79 2.52 7.95
N VAL A 257 -17.08 1.46 8.32
CA VAL A 257 -15.78 1.20 7.70
C VAL A 257 -15.94 0.60 6.31
N LEU A 258 -17.07 -0.06 6.05
CA LEU A 258 -17.33 -0.56 4.71
C LEU A 258 -17.84 0.52 3.76
N ILE A 259 -18.18 1.69 4.29
CA ILE A 259 -18.58 2.80 3.44
C ILE A 259 -17.39 3.70 3.13
N VAL A 260 -16.54 3.95 4.13
CA VAL A 260 -15.31 4.70 3.92
C VAL A 260 -14.36 3.95 3.00
N SER A 261 -14.34 2.62 3.09
CA SER A 261 -13.55 1.83 2.17
C SER A 261 -14.14 1.83 0.76
N ALA A 262 -15.45 1.97 0.62
CA ALA A 262 -16.06 2.06 -0.70
C ALA A 262 -15.93 3.45 -1.29
N MET A 263 -15.69 4.47 -0.47
CA MET A 263 -15.45 5.81 -0.99
C MET A 263 -14.04 5.95 -1.55
N LYS A 264 -13.06 5.32 -0.91
CA LYS A 264 -11.69 5.35 -1.41
C LYS A 264 -11.57 4.61 -2.74
N GLU A 265 -12.34 3.53 -2.88
CA GLU A 265 -12.33 2.77 -4.12
C GLU A 265 -12.97 3.52 -5.28
N CYS A 266 -14.04 4.27 -5.01
CA CYS A 266 -14.77 4.92 -6.10
C CYS A 266 -14.03 6.15 -6.61
N ILE A 267 -13.34 6.88 -5.74
CA ILE A 267 -12.61 8.07 -6.18
C ILE A 267 -11.27 7.73 -6.80
N GLU A 268 -10.87 6.46 -6.83
CA GLU A 268 -9.77 6.02 -7.66
C GLU A 268 -10.25 5.48 -9.00
N ASP A 269 -11.40 4.81 -9.01
CA ASP A 269 -11.91 4.27 -10.24
C ASP A 269 -12.60 5.32 -11.09
N ILE A 270 -12.84 6.51 -10.52
CA ILE A 270 -13.23 7.66 -11.33
C ILE A 270 -12.01 8.29 -11.97
N LYS A 271 -10.92 8.43 -11.21
CA LYS A 271 -9.65 8.91 -11.77
C LYS A 271 -9.04 7.92 -12.74
N ARG A 272 -9.38 6.64 -12.63
CA ARG A 272 -9.00 5.66 -13.63
C ARG A 272 -9.88 5.71 -14.86
N ALA A 273 -11.03 6.40 -14.79
CA ALA A 273 -11.97 6.44 -15.90
C ALA A 273 -11.86 7.70 -16.74
N ASN A 274 -11.41 8.83 -16.17
CA ASN A 274 -11.28 10.03 -16.97
C ASN A 274 -9.87 10.16 -17.56
N SER A 275 -8.87 9.55 -16.91
CA SER A 275 -7.58 9.38 -17.58
C SER A 275 -7.65 8.33 -18.66
N ASP A 276 -8.62 7.41 -18.57
CA ASP A 276 -8.92 6.52 -19.67
C ASP A 276 -9.70 7.25 -20.77
N LYS A 277 -10.38 8.33 -20.40
CA LYS A 277 -11.22 9.06 -21.36
C LYS A 277 -10.41 9.92 -22.31
N GLU A 278 -9.18 10.29 -21.94
CA GLU A 278 -8.39 11.13 -22.83
C GLU A 278 -7.82 10.32 -23.99
N LEU A 279 -7.80 8.99 -23.86
CA LEU A 279 -7.47 8.15 -25.01
C LEU A 279 -8.65 8.02 -25.96
N ASN A 280 -9.85 7.76 -25.44
CA ASN A 280 -11.01 7.53 -26.28
C ASN A 280 -11.51 8.80 -26.95
N ASN A 281 -11.09 9.98 -26.46
CA ASN A 281 -11.56 11.24 -27.01
C ASN A 281 -10.47 11.91 -27.83
N SER A 282 -9.56 11.12 -28.39
CA SER A 282 -8.51 11.66 -29.25
C SER A 282 -8.98 11.71 -30.69
N THR A 283 -8.26 12.50 -31.49
CA THR A 283 -8.71 12.85 -32.83
C THR A 283 -8.53 11.68 -33.79
N ALA A 284 -9.49 11.51 -34.69
CA ALA A 284 -9.43 10.48 -35.72
C ALA A 284 -10.32 10.89 -36.88
N GLU A 285 -9.73 11.10 -38.05
CA GLU A 285 -10.51 11.47 -39.22
C GLU A 285 -11.27 10.26 -39.75
N ILE A 286 -12.58 10.38 -39.84
CA ILE A 286 -13.47 9.28 -40.20
C ILE A 286 -14.23 9.67 -41.46
N PHE A 287 -14.14 8.82 -42.49
CA PHE A 287 -14.92 9.04 -43.70
C PHE A 287 -16.39 8.82 -43.42
N SER A 288 -17.22 9.77 -43.83
CA SER A 288 -18.66 9.66 -43.72
C SER A 288 -19.26 9.61 -45.11
N GLU A 289 -20.00 8.54 -45.42
CA GLU A 289 -20.45 8.30 -46.79
C GLU A 289 -21.56 9.29 -47.18
N ALA A 290 -22.35 9.74 -46.21
CA ALA A 290 -23.34 10.77 -46.51
C ALA A 290 -22.68 12.14 -46.68
N HIS A 291 -21.52 12.34 -46.05
CA HIS A 291 -20.80 13.60 -46.17
C HIS A 291 -19.82 13.59 -47.34
N ASP A 292 -19.21 12.42 -47.61
CA ASP A 292 -18.20 12.22 -48.66
C ASP A 292 -16.98 13.12 -48.48
N ASP A 293 -16.55 13.28 -47.22
CA ASP A 293 -15.28 13.90 -46.89
C ASP A 293 -14.88 13.44 -45.50
N PHE A 294 -13.61 13.65 -45.16
CA PHE A 294 -13.10 13.18 -43.88
C PHE A 294 -13.42 14.18 -42.77
N VAL A 295 -14.40 13.84 -41.94
CA VAL A 295 -14.83 14.69 -40.85
C VAL A 295 -14.10 14.28 -39.58
N GLU A 296 -13.75 15.27 -38.77
CA GLU A 296 -13.08 15.02 -37.51
C GLU A 296 -14.04 14.42 -36.51
N LYS A 297 -13.62 13.32 -35.88
CA LYS A 297 -14.41 12.68 -34.85
C LYS A 297 -13.47 12.21 -33.75
N ARG A 298 -14.01 11.39 -32.85
CA ARG A 298 -13.18 10.83 -31.79
C ARG A 298 -12.80 9.39 -32.12
N TRP A 299 -11.89 8.84 -31.31
CA TRP A 299 -11.48 7.45 -31.48
C TRP A 299 -12.63 6.49 -31.24
N ILE A 300 -13.47 6.80 -30.24
CA ILE A 300 -14.49 5.87 -29.76
C ILE A 300 -15.62 5.69 -30.78
N ASP A 301 -15.75 6.62 -31.73
CA ASP A 301 -16.76 6.51 -32.76
C ASP A 301 -16.32 5.66 -33.95
N ILE A 302 -15.23 4.92 -33.83
CA ILE A 302 -14.75 4.05 -34.89
C ILE A 302 -15.44 2.71 -34.73
N ARG A 303 -16.28 2.36 -35.69
CA ARG A 303 -16.90 1.05 -35.77
C ARG A 303 -16.09 0.16 -36.70
N VAL A 304 -16.36 -1.13 -36.65
CA VAL A 304 -15.67 -2.06 -37.53
C VAL A 304 -16.22 -1.89 -38.95
N GLY A 305 -15.33 -1.60 -39.90
CA GLY A 305 -15.73 -1.44 -41.28
C GLY A 305 -15.63 0.01 -41.72
N ASP A 306 -15.03 0.83 -40.87
CA ASP A 306 -14.99 2.27 -41.06
C ASP A 306 -13.64 2.69 -41.62
N ILE A 307 -13.65 3.22 -42.83
CA ILE A 307 -12.44 3.69 -43.51
C ILE A 307 -11.99 4.99 -42.83
N ILE A 308 -10.75 5.01 -42.36
CA ILE A 308 -10.19 6.16 -41.67
C ILE A 308 -8.98 6.67 -42.44
N ARG A 309 -8.44 7.77 -41.96
CA ARG A 309 -7.25 8.38 -42.53
C ARG A 309 -6.31 8.77 -41.40
N VAL A 310 -5.08 8.27 -41.46
CA VAL A 310 -4.06 8.52 -40.45
C VAL A 310 -2.98 9.37 -41.08
N LYS A 311 -2.65 10.49 -40.46
CA LYS A 311 -1.64 11.38 -40.99
C LYS A 311 -0.25 10.95 -40.52
N SER A 312 0.74 11.81 -40.75
CA SER A 312 2.11 11.51 -40.38
C SER A 312 2.29 11.62 -38.87
N GLU A 313 3.11 10.70 -38.33
CA GLU A 313 3.48 10.64 -36.91
C GLU A 313 2.26 10.56 -36.00
N GLU A 314 1.21 9.89 -36.49
CA GLU A 314 -0.01 9.73 -35.74
C GLU A 314 -0.18 8.28 -35.35
N PRO A 315 -0.67 7.99 -34.14
CA PRO A 315 -0.88 6.60 -33.76
C PRO A 315 -2.07 6.02 -34.50
N ILE A 316 -1.98 4.74 -34.84
CA ILE A 316 -3.07 4.06 -35.53
C ILE A 316 -4.14 3.70 -34.51
N PRO A 317 -5.41 4.00 -34.76
CA PRO A 317 -6.41 3.83 -33.69
C PRO A 317 -7.04 2.44 -33.61
N ALA A 318 -6.89 1.61 -34.63
CA ALA A 318 -7.46 0.28 -34.60
C ALA A 318 -6.66 -0.64 -35.52
N ASP A 319 -6.99 -1.92 -35.49
CA ASP A 319 -6.34 -2.89 -36.37
C ASP A 319 -6.83 -2.69 -37.78
N THR A 320 -5.94 -2.23 -38.66
CA THR A 320 -6.29 -1.60 -39.91
C THR A 320 -5.55 -2.28 -41.06
N ILE A 321 -6.24 -2.45 -42.18
CA ILE A 321 -5.62 -2.89 -43.42
C ILE A 321 -5.64 -1.70 -44.38
N ILE A 322 -4.44 -1.29 -44.83
CA ILE A 322 -4.33 -0.10 -45.65
C ILE A 322 -4.85 -0.39 -47.05
N LEU A 323 -5.42 0.62 -47.69
CA LEU A 323 -5.94 0.44 -49.04
C LEU A 323 -5.09 1.20 -50.04
N SER A 324 -4.67 2.40 -49.70
CA SER A 324 -3.80 3.20 -50.56
C SER A 324 -3.06 4.18 -49.65
N SER A 325 -2.08 4.87 -50.21
CA SER A 325 -1.26 5.80 -49.45
C SER A 325 -0.70 6.83 -50.42
N SER A 326 0.08 7.76 -49.87
CA SER A 326 0.64 8.85 -50.66
C SER A 326 1.95 8.47 -51.34
N GLU A 327 2.66 7.48 -50.82
CA GLU A 327 3.96 7.12 -51.35
C GLU A 327 3.82 6.34 -52.66
N PRO A 328 4.91 6.19 -53.44
CA PRO A 328 4.83 5.38 -54.66
C PRO A 328 4.42 3.94 -54.41
N GLU A 329 3.59 3.43 -55.33
CA GLU A 329 2.92 2.12 -55.28
C GLU A 329 2.11 1.90 -54.00
N GLY A 330 1.69 2.96 -53.33
CA GLY A 330 0.89 2.87 -52.12
C GLY A 330 1.57 2.18 -50.96
N LEU A 331 2.68 2.72 -50.48
CA LEU A 331 3.39 2.12 -49.36
C LEU A 331 3.42 3.09 -48.19
N CYS A 332 3.85 2.59 -47.05
CA CYS A 332 3.97 3.38 -45.84
C CYS A 332 4.95 2.69 -44.92
N TYR A 333 5.43 3.43 -43.94
CA TYR A 333 6.32 2.89 -42.92
C TYR A 333 5.63 3.00 -41.57
N ILE A 334 5.71 1.94 -40.78
CA ILE A 334 5.17 1.95 -39.43
C ILE A 334 6.30 1.73 -38.45
N GLU A 335 6.21 2.38 -37.30
CA GLU A 335 7.13 2.14 -36.21
C GLU A 335 6.47 1.20 -35.21
N THR A 336 7.15 0.11 -34.89
CA THR A 336 6.58 -0.92 -34.02
C THR A 336 7.33 -1.01 -32.69
N ALA A 337 7.64 0.14 -32.08
CA ALA A 337 8.28 0.11 -30.78
C ALA A 337 7.30 -0.15 -29.65
N ASN A 338 6.00 -0.23 -29.94
CA ASN A 338 5.02 -0.67 -28.96
C ASN A 338 4.52 -2.06 -29.23
N LEU A 339 4.68 -2.56 -30.45
CA LEU A 339 4.33 -3.95 -30.74
C LEU A 339 5.39 -4.90 -30.22
N ASP A 340 6.66 -4.59 -30.48
CA ASP A 340 7.78 -5.26 -29.86
C ASP A 340 8.83 -4.20 -29.56
N GLY A 341 10.03 -4.64 -29.23
CA GLY A 341 11.03 -3.64 -28.93
C GLY A 341 11.88 -3.22 -30.09
N GLU A 342 11.54 -3.62 -31.31
CA GLU A 342 12.42 -3.40 -32.45
C GLU A 342 12.37 -1.95 -32.88
N THR A 343 13.55 -1.35 -33.05
CA THR A 343 13.68 0.09 -33.21
C THR A 343 13.75 0.53 -34.66
N ASN A 344 13.53 -0.37 -35.62
CA ASN A 344 13.55 0.02 -37.01
C ASN A 344 12.13 0.23 -37.54
N LEU A 345 12.03 0.47 -38.84
CA LEU A 345 10.76 0.73 -39.49
C LEU A 345 10.44 -0.42 -40.43
N LYS A 346 9.16 -0.75 -40.54
CA LYS A 346 8.72 -1.89 -41.33
C LYS A 346 7.83 -1.41 -42.46
N ILE A 347 8.19 -1.80 -43.68
CA ILE A 347 7.43 -1.35 -44.84
C ILE A 347 6.13 -2.13 -44.95
N LYS A 348 5.02 -1.41 -45.10
CA LYS A 348 3.73 -1.99 -45.36
C LYS A 348 3.27 -1.48 -46.71
N GLN A 349 2.93 -2.39 -47.61
CA GLN A 349 2.63 -2.03 -48.99
C GLN A 349 1.21 -2.45 -49.32
N SER A 350 0.39 -1.48 -49.71
CA SER A 350 -0.97 -1.75 -50.10
C SER A 350 -1.01 -2.51 -51.41
N ARG A 351 -2.11 -3.23 -51.63
CA ARG A 351 -2.24 -4.05 -52.81
C ARG A 351 -2.38 -3.20 -54.07
N VAL A 352 -1.97 -3.77 -55.20
CA VAL A 352 -2.00 -3.03 -56.46
C VAL A 352 -3.43 -2.86 -56.94
N GLU A 353 -4.34 -3.75 -56.51
CA GLU A 353 -5.71 -3.68 -56.97
C GLU A 353 -6.49 -2.61 -56.22
N THR A 354 -6.00 -2.18 -55.07
CA THR A 354 -6.68 -1.19 -54.25
C THR A 354 -5.93 0.13 -54.15
N ALA A 355 -4.74 0.25 -54.74
CA ALA A 355 -3.93 1.45 -54.55
C ALA A 355 -4.37 2.59 -55.45
N LYS A 356 -5.36 2.36 -56.32
CA LYS A 356 -5.80 3.42 -57.22
C LYS A 356 -6.70 4.42 -56.49
N PHE A 357 -7.31 4.01 -55.38
CA PHE A 357 -8.25 4.84 -54.65
C PHE A 357 -7.48 5.85 -53.79
N ILE A 358 -7.10 6.94 -54.43
CA ILE A 358 -6.23 7.93 -53.82
C ILE A 358 -6.96 9.23 -53.50
N ASP A 359 -8.17 9.39 -53.99
CA ASP A 359 -8.94 10.62 -53.80
C ASP A 359 -10.10 10.35 -52.85
N VAL A 360 -10.48 11.39 -52.09
CA VAL A 360 -11.59 11.27 -51.16
C VAL A 360 -12.92 11.16 -51.91
N LYS A 361 -13.02 11.79 -53.08
CA LYS A 361 -14.29 11.81 -53.80
C LYS A 361 -14.57 10.49 -54.51
N THR A 362 -13.55 9.72 -54.85
CA THR A 362 -13.75 8.41 -55.44
C THR A 362 -13.80 7.30 -54.41
N LEU A 363 -13.80 7.64 -53.12
CA LEU A 363 -13.80 6.66 -52.04
C LEU A 363 -15.19 6.08 -51.77
N LYS A 364 -16.21 6.50 -52.51
CA LYS A 364 -17.57 6.04 -52.32
C LYS A 364 -17.95 4.91 -53.26
N ASN A 365 -17.01 4.40 -54.05
CA ASN A 365 -17.28 3.33 -54.99
C ASN A 365 -16.81 1.98 -54.49
N MET A 366 -16.35 1.90 -53.24
CA MET A 366 -15.89 0.64 -52.67
C MET A 366 -17.09 -0.16 -52.18
N ASN A 367 -17.35 -1.29 -52.82
CA ASN A 367 -18.48 -2.16 -52.46
C ASN A 367 -18.00 -3.60 -52.47
N GLY A 368 -18.23 -4.30 -51.37
CA GLY A 368 -17.83 -5.69 -51.27
C GLY A 368 -17.75 -6.09 -49.81
N LYS A 369 -16.99 -7.17 -49.55
CA LYS A 369 -16.81 -7.65 -48.20
C LYS A 369 -15.33 -7.92 -47.94
N VAL A 370 -15.00 -8.00 -46.66
CA VAL A 370 -13.67 -8.41 -46.19
C VAL A 370 -13.86 -9.58 -45.25
N VAL A 371 -13.31 -10.74 -45.63
CA VAL A 371 -13.36 -11.92 -44.78
C VAL A 371 -12.06 -11.98 -43.99
N SER A 372 -12.16 -11.75 -42.69
CA SER A 372 -10.99 -11.67 -41.82
C SER A 372 -10.90 -12.92 -40.95
N GLU A 373 -9.92 -12.92 -40.06
CA GLU A 373 -9.73 -13.99 -39.09
C GLU A 373 -10.30 -13.56 -37.74
N GLN A 374 -10.24 -14.47 -36.78
CA GLN A 374 -10.65 -14.16 -35.43
C GLN A 374 -9.51 -13.48 -34.69
N PRO A 375 -9.80 -12.73 -33.62
CA PRO A 375 -8.72 -12.17 -32.79
C PRO A 375 -7.95 -13.27 -32.09
N ASN A 376 -6.63 -13.28 -32.28
CA ASN A 376 -5.81 -14.38 -31.80
C ASN A 376 -4.51 -13.96 -31.12
N SER A 377 -4.21 -12.67 -31.06
CA SER A 377 -3.03 -12.09 -30.41
C SER A 377 -1.71 -12.62 -30.98
N SER A 378 -1.72 -13.10 -32.22
CA SER A 378 -0.51 -13.46 -32.95
C SER A 378 -0.09 -12.24 -33.75
N LEU A 379 1.03 -11.63 -33.36
CA LEU A 379 1.35 -10.29 -33.84
C LEU A 379 1.80 -10.27 -35.29
N TYR A 380 2.57 -11.26 -35.72
CA TYR A 380 3.21 -11.21 -37.03
C TYR A 380 2.51 -12.06 -38.08
N THR A 381 1.35 -12.65 -37.75
CA THR A 381 0.60 -13.44 -38.70
C THR A 381 -0.81 -12.86 -38.86
N TYR A 382 -1.33 -12.91 -40.08
CA TYR A 382 -2.71 -12.57 -40.37
C TYR A 382 -3.06 -13.21 -41.70
N GLU A 383 -4.30 -13.67 -41.83
CA GLU A 383 -4.83 -14.10 -43.11
C GLU A 383 -6.20 -13.49 -43.32
N GLY A 384 -6.43 -12.93 -44.51
CA GLY A 384 -7.70 -12.33 -44.84
C GLY A 384 -7.90 -12.35 -46.34
N THR A 385 -9.15 -12.10 -46.74
CA THR A 385 -9.51 -12.12 -48.15
C THR A 385 -10.56 -11.06 -48.40
N MET A 386 -10.23 -10.08 -49.23
CA MET A 386 -11.13 -8.97 -49.56
C MET A 386 -11.65 -9.15 -50.97
N THR A 387 -12.98 -9.09 -51.12
CA THR A 387 -13.61 -9.12 -52.43
C THR A 387 -14.08 -7.69 -52.75
N LEU A 388 -13.26 -6.96 -53.51
CA LEU A 388 -13.53 -5.56 -53.79
C LEU A 388 -13.87 -5.40 -55.26
N ASN A 389 -15.15 -5.14 -55.55
CA ASN A 389 -15.69 -4.94 -56.90
C ASN A 389 -15.43 -6.14 -57.81
N ASP A 390 -16.04 -7.28 -57.43
CA ASP A 390 -16.08 -8.51 -58.22
C ASP A 390 -14.68 -9.06 -58.50
N ARG A 391 -13.80 -8.98 -57.52
CA ARG A 391 -12.41 -9.39 -57.68
C ARG A 391 -11.84 -9.75 -56.32
N GLN A 392 -11.20 -10.91 -56.23
CA GLN A 392 -10.60 -11.36 -54.98
C GLN A 392 -9.26 -10.66 -54.75
N ILE A 393 -8.98 -10.37 -53.49
CA ILE A 393 -7.69 -9.82 -53.08
C ILE A 393 -7.17 -10.69 -51.94
N PRO A 394 -6.07 -11.42 -52.13
CA PRO A 394 -5.46 -12.18 -51.03
C PRO A 394 -4.62 -11.27 -50.14
N LEU A 395 -5.12 -10.99 -48.95
CA LEU A 395 -4.43 -10.10 -48.03
C LEU A 395 -3.30 -10.83 -47.30
N SER A 396 -2.58 -10.10 -46.48
CA SER A 396 -1.28 -10.52 -45.99
C SER A 396 -0.94 -9.70 -44.75
N PRO A 397 0.01 -10.17 -43.93
CA PRO A 397 0.57 -9.28 -42.89
C PRO A 397 1.40 -8.13 -43.41
N ASP A 398 1.72 -8.10 -44.70
CA ASP A 398 2.33 -6.91 -45.30
C ASP A 398 1.30 -5.82 -45.57
N GLN A 399 0.01 -6.16 -45.53
CA GLN A 399 -1.04 -5.18 -45.75
C GLN A 399 -1.76 -4.78 -44.48
N MET A 400 -1.40 -5.34 -43.33
CA MET A 400 -2.09 -5.09 -42.07
C MET A 400 -1.20 -4.33 -41.11
N ILE A 401 -1.71 -3.24 -40.56
CA ILE A 401 -1.04 -2.47 -39.53
C ILE A 401 -1.85 -2.59 -38.23
N LEU A 402 -1.15 -2.71 -37.11
CA LEU A 402 -1.79 -2.98 -35.83
C LEU A 402 -2.02 -1.68 -35.07
N ARG A 403 -2.66 -1.80 -33.91
CA ARG A 403 -3.10 -0.63 -33.16
C ARG A 403 -1.96 0.09 -32.45
N GLY A 404 -1.01 -0.64 -31.87
CA GLY A 404 0.08 0.04 -31.20
C GLY A 404 1.09 0.71 -32.12
N ALA A 405 1.03 0.46 -33.42
CA ALA A 405 2.01 0.99 -34.34
C ALA A 405 1.74 2.47 -34.64
N THR A 406 2.77 3.15 -35.12
CA THR A 406 2.73 4.57 -35.43
C THR A 406 3.13 4.76 -36.88
N LEU A 407 2.28 5.45 -37.65
CA LEU A 407 2.53 5.67 -39.05
C LEU A 407 3.61 6.74 -39.22
N ARG A 408 4.72 6.40 -39.87
CA ARG A 408 5.83 7.33 -39.98
C ARG A 408 6.34 7.39 -41.41
N ASN A 409 6.99 8.52 -41.72
CA ASN A 409 7.67 8.80 -42.99
C ASN A 409 6.75 8.68 -44.20
N THR A 410 5.48 9.02 -44.02
CA THR A 410 4.52 9.08 -45.11
C THR A 410 3.42 10.07 -44.75
N ALA A 411 2.73 10.59 -45.75
CA ALA A 411 1.74 11.63 -45.52
C ALA A 411 0.46 11.06 -44.93
N TRP A 412 -0.19 10.16 -45.66
CA TRP A 412 -1.48 9.65 -45.21
C TRP A 412 -1.68 8.24 -45.75
N ILE A 413 -2.70 7.57 -45.20
CA ILE A 413 -3.14 6.25 -45.61
C ILE A 413 -4.66 6.22 -45.54
N PHE A 414 -5.26 5.29 -46.28
CA PHE A 414 -6.71 5.20 -46.38
C PHE A 414 -7.21 3.84 -45.95
N GLY A 415 -6.77 3.36 -44.80
CA GLY A 415 -7.11 2.01 -44.41
C GLY A 415 -8.44 1.90 -43.70
N LEU A 416 -9.05 0.72 -43.79
CA LEU A 416 -10.27 0.39 -43.07
C LEU A 416 -9.92 -0.49 -41.90
N VAL A 417 -10.70 -0.39 -40.82
CA VAL A 417 -10.36 -1.10 -39.60
C VAL A 417 -11.06 -2.45 -39.58
N ILE A 418 -10.51 -3.39 -38.80
CA ILE A 418 -11.01 -4.75 -38.71
C ILE A 418 -11.28 -5.17 -37.27
N PHE A 419 -10.27 -5.08 -36.42
CA PHE A 419 -10.43 -5.33 -34.99
C PHE A 419 -10.33 -4.00 -34.27
N THR A 420 -11.06 -3.85 -33.17
CA THR A 420 -11.06 -2.59 -32.47
C THR A 420 -11.32 -2.80 -30.99
N GLY A 421 -10.77 -1.90 -30.17
CA GLY A 421 -11.03 -1.94 -28.75
C GLY A 421 -10.29 -3.06 -28.06
N HIS A 422 -11.04 -4.03 -27.55
CA HIS A 422 -10.45 -5.14 -26.81
C HIS A 422 -10.40 -6.42 -27.62
N GLU A 423 -10.59 -6.35 -28.93
CA GLU A 423 -10.35 -7.50 -29.79
C GLU A 423 -9.17 -7.27 -30.72
N THR A 424 -8.39 -6.21 -30.48
CA THR A 424 -7.16 -5.99 -31.23
C THR A 424 -6.11 -7.02 -30.83
N LYS A 425 -5.08 -7.14 -31.68
CA LYS A 425 -4.10 -8.22 -31.49
C LYS A 425 -3.16 -7.95 -30.32
N LEU A 426 -3.10 -6.73 -29.83
CA LEU A 426 -2.17 -6.40 -28.75
C LEU A 426 -2.86 -6.16 -27.42
N LEU A 427 -4.19 -6.08 -27.40
CA LEU A 427 -4.92 -5.82 -26.16
C LEU A 427 -5.98 -6.88 -25.88
N ARG A 428 -5.78 -8.09 -26.41
CA ARG A 428 -6.72 -9.18 -26.11
C ARG A 428 -6.59 -9.63 -24.66
N ASN A 429 -5.36 -9.92 -24.23
CA ASN A 429 -5.15 -10.50 -22.91
C ASN A 429 -4.99 -9.45 -21.82
N ALA A 430 -4.99 -8.18 -22.18
CA ALA A 430 -5.06 -7.13 -21.17
C ALA A 430 -6.45 -7.09 -20.58
N THR A 431 -6.53 -7.24 -19.26
CA THR A 431 -7.81 -7.37 -18.56
C THR A 431 -8.01 -6.12 -17.72
N ALA A 432 -9.07 -6.13 -16.92
CA ALA A 432 -9.24 -5.10 -15.90
C ALA A 432 -8.19 -5.25 -14.82
N THR A 433 -8.07 -4.22 -13.99
CA THR A 433 -7.09 -4.18 -12.92
C THR A 433 -7.36 -5.28 -11.89
N PRO A 434 -6.49 -6.26 -11.74
CA PRO A 434 -6.77 -7.36 -10.83
C PRO A 434 -6.53 -6.98 -9.37
N ILE A 435 -7.09 -7.79 -8.49
CA ILE A 435 -6.89 -7.59 -7.06
C ILE A 435 -5.47 -8.05 -6.72
N LYS A 436 -4.63 -7.11 -6.30
CA LYS A 436 -3.24 -7.41 -5.96
C LYS A 436 -3.10 -7.29 -4.44
N ARG A 437 -3.09 -8.43 -3.77
CA ARG A 437 -2.91 -8.46 -2.33
C ARG A 437 -1.45 -8.18 -1.99
N THR A 438 -1.21 -7.05 -1.32
CA THR A 438 0.14 -6.66 -0.95
C THR A 438 0.69 -7.57 0.15
N ALA A 439 2.02 -7.54 0.30
CA ALA A 439 2.69 -8.45 1.20
C ALA A 439 2.51 -8.09 2.67
N VAL A 440 2.26 -6.82 2.97
CA VAL A 440 1.97 -6.42 4.35
C VAL A 440 0.59 -6.94 4.76
N GLU A 441 -0.38 -6.88 3.85
CA GLU A 441 -1.72 -7.38 4.11
C GLU A 441 -1.74 -8.90 4.27
N LYS A 442 -0.76 -9.60 3.73
CA LYS A 442 -0.64 -11.02 3.99
C LYS A 442 -0.02 -11.29 5.36
N ILE A 443 0.67 -10.31 5.93
CA ILE A 443 1.21 -10.48 7.27
C ILE A 443 0.15 -10.17 8.33
N ILE A 444 -0.74 -9.20 8.05
CA ILE A 444 -1.83 -8.87 8.97
C ILE A 444 -2.76 -10.06 9.12
N ASN A 445 -2.98 -10.80 8.04
CA ASN A 445 -3.82 -11.99 8.08
C ASN A 445 -3.22 -13.11 8.91
N ARG A 446 -1.90 -13.08 9.15
CA ARG A 446 -1.28 -14.03 10.06
C ARG A 446 -1.30 -13.55 11.50
N GLN A 447 -1.30 -12.23 11.72
CA GLN A 447 -1.41 -11.70 13.07
C GLN A 447 -2.85 -11.63 13.56
N ILE A 448 -3.82 -11.85 12.68
CA ILE A 448 -5.20 -12.00 13.12
C ILE A 448 -5.47 -13.44 13.52
N ILE A 449 -4.87 -14.40 12.81
CA ILE A 449 -4.90 -15.80 13.25
C ILE A 449 -4.10 -15.95 14.54
N ALA A 450 -3.04 -15.16 14.71
CA ALA A 450 -2.32 -15.15 15.97
C ALA A 450 -3.06 -14.40 17.07
N LEU A 451 -4.17 -13.75 16.75
CA LEU A 451 -5.00 -13.08 17.74
C LEU A 451 -6.29 -13.83 18.02
N PHE A 452 -6.70 -14.74 17.13
CA PHE A 452 -7.78 -15.66 17.46
C PHE A 452 -7.32 -16.69 18.48
N THR A 453 -6.04 -17.03 18.51
CA THR A 453 -5.56 -18.01 19.47
C THR A 453 -5.36 -17.38 20.85
N VAL A 454 -5.37 -16.05 20.93
CA VAL A 454 -5.47 -15.38 22.23
C VAL A 454 -6.94 -15.19 22.56
N LEU A 455 -7.79 -15.05 21.54
CA LEU A 455 -9.22 -14.89 21.75
C LEU A 455 -9.85 -16.18 22.27
N ILE A 456 -9.55 -17.31 21.63
CA ILE A 456 -10.17 -18.58 22.00
C ILE A 456 -9.69 -19.05 23.37
N VAL A 457 -8.45 -18.74 23.72
CA VAL A 457 -7.92 -19.09 25.04
C VAL A 457 -8.64 -18.31 26.13
N LEU A 458 -8.82 -17.00 25.93
CA LEU A 458 -9.43 -16.16 26.95
C LEU A 458 -10.94 -16.30 27.00
N ILE A 459 -11.58 -16.80 25.95
CA ILE A 459 -12.96 -17.22 26.06
C ILE A 459 -13.06 -18.51 26.86
N LEU A 460 -12.09 -19.42 26.68
CA LEU A 460 -12.13 -20.69 27.39
C LEU A 460 -11.74 -20.54 28.86
N ILE A 461 -10.87 -19.59 29.18
CA ILE A 461 -10.57 -19.30 30.58
C ILE A 461 -11.80 -18.73 31.27
N SER A 462 -12.53 -17.86 30.60
CA SER A 462 -13.65 -17.18 31.20
C SER A 462 -14.92 -18.01 31.20
N SER A 463 -15.00 -19.07 30.40
CA SER A 463 -16.23 -19.85 30.34
C SER A 463 -16.16 -21.14 31.12
N ILE A 464 -14.96 -21.62 31.46
CA ILE A 464 -14.87 -22.72 32.41
C ILE A 464 -14.86 -22.20 33.85
N GLY A 465 -14.55 -20.92 34.04
CA GLY A 465 -14.73 -20.32 35.35
C GLY A 465 -16.17 -19.96 35.66
N ASN A 466 -16.98 -19.78 34.61
CA ASN A 466 -18.41 -19.55 34.80
C ASN A 466 -19.13 -20.83 35.18
N VAL A 467 -18.67 -21.96 34.68
CA VAL A 467 -19.29 -23.25 35.02
C VAL A 467 -18.87 -23.68 36.41
N ILE A 468 -17.62 -23.37 36.78
CA ILE A 468 -17.12 -23.75 38.11
C ILE A 468 -17.80 -22.91 39.19
N MET A 469 -17.85 -21.59 39.01
CA MET A 469 -18.35 -20.71 40.06
C MET A 469 -19.87 -20.80 40.23
N SER A 470 -20.62 -20.97 39.14
CA SER A 470 -22.07 -20.96 39.27
C SER A 470 -22.60 -22.31 39.77
N THR A 471 -21.75 -23.33 39.83
CA THR A 471 -22.19 -24.61 40.38
C THR A 471 -21.58 -24.87 41.74
N ALA A 472 -20.42 -24.29 42.04
CA ALA A 472 -19.87 -24.41 43.39
C ALA A 472 -20.58 -23.46 44.35
N ASP A 473 -20.90 -22.25 43.89
CA ASP A 473 -21.55 -21.24 44.72
C ASP A 473 -23.02 -21.08 44.36
N ALA A 474 -23.72 -22.18 44.07
CA ALA A 474 -25.12 -22.08 43.65
C ALA A 474 -26.04 -21.72 44.80
N LYS A 475 -25.60 -21.93 46.04
CA LYS A 475 -26.42 -21.53 47.18
C LYS A 475 -26.12 -20.09 47.61
N HIS A 476 -25.05 -19.51 47.09
CA HIS A 476 -24.68 -18.14 47.42
C HIS A 476 -25.03 -17.16 46.33
N LEU A 477 -25.57 -17.62 45.22
CA LEU A 477 -26.03 -16.77 44.13
C LEU A 477 -27.52 -16.96 43.89
N SER A 478 -28.29 -17.06 44.96
CA SER A 478 -29.71 -17.32 44.82
C SER A 478 -30.49 -16.04 44.55
N TYR A 479 -29.84 -14.89 44.70
CA TYR A 479 -30.46 -13.63 44.35
C TYR A 479 -30.39 -13.33 42.86
N LEU A 480 -29.61 -14.10 42.09
CA LEU A 480 -29.61 -13.95 40.64
C LEU A 480 -30.73 -14.76 39.99
N TYR A 481 -31.34 -15.68 40.73
CA TYR A 481 -32.36 -16.62 40.24
C TYR A 481 -31.86 -17.41 39.04
N LEU A 482 -30.66 -17.98 39.19
CA LEU A 482 -30.06 -18.73 38.11
C LEU A 482 -30.81 -20.04 37.87
N GLU A 483 -30.92 -20.42 36.60
CA GLU A 483 -31.73 -21.57 36.22
C GLU A 483 -31.05 -22.88 36.58
N GLY A 484 -29.86 -23.12 36.04
CA GLY A 484 -29.24 -24.41 36.16
C GLY A 484 -29.90 -25.45 35.28
N THR A 485 -30.10 -25.12 34.00
CA THR A 485 -30.76 -26.04 33.08
C THR A 485 -29.87 -27.24 32.77
N ASN A 486 -28.70 -26.99 32.19
CA ASN A 486 -27.72 -28.03 31.95
C ASN A 486 -26.34 -27.39 31.80
N LYS A 487 -25.31 -28.18 32.12
CA LYS A 487 -23.94 -27.67 32.09
C LYS A 487 -23.42 -27.44 30.68
N ALA A 488 -24.09 -28.00 29.67
CA ALA A 488 -23.73 -27.74 28.28
C ALA A 488 -24.66 -26.76 27.59
N GLY A 489 -25.79 -26.42 28.21
CA GLY A 489 -26.73 -25.49 27.60
C GLY A 489 -26.31 -24.04 27.74
N LEU A 490 -26.05 -23.59 28.96
CA LEU A 490 -25.58 -22.22 29.17
C LEU A 490 -24.07 -22.12 29.23
N PHE A 491 -23.34 -23.22 28.97
CA PHE A 491 -21.96 -23.07 28.55
C PHE A 491 -21.90 -22.39 27.20
N PHE A 492 -22.71 -22.87 26.25
CA PHE A 492 -22.74 -22.28 24.91
C PHE A 492 -23.37 -20.90 24.91
N LYS A 493 -24.42 -20.69 25.73
CA LYS A 493 -25.05 -19.39 25.82
C LYS A 493 -24.13 -18.35 26.43
N ASP A 494 -23.19 -18.78 27.27
CA ASP A 494 -22.15 -17.89 27.75
C ASP A 494 -20.87 -18.01 26.95
N PHE A 495 -20.75 -18.99 26.06
CA PHE A 495 -19.63 -19.01 25.13
C PHE A 495 -19.72 -17.85 24.15
N LEU A 496 -20.94 -17.54 23.71
CA LEU A 496 -21.15 -16.45 22.76
C LEU A 496 -21.07 -15.08 23.40
N THR A 497 -21.32 -14.99 24.72
CA THR A 497 -21.22 -13.70 25.40
C THR A 497 -19.78 -13.23 25.48
N PHE A 498 -18.87 -14.13 25.84
CA PHE A 498 -17.47 -13.79 25.85
C PHE A 498 -16.89 -13.68 24.45
N TRP A 499 -17.55 -14.29 23.45
CA TRP A 499 -17.17 -14.04 22.06
C TRP A 499 -17.42 -12.58 21.69
N ILE A 500 -18.54 -12.02 22.16
CA ILE A 500 -18.91 -10.64 21.82
C ILE A 500 -18.10 -9.65 22.62
N LEU A 501 -17.95 -9.90 23.93
CA LEU A 501 -17.26 -8.99 24.83
C LEU A 501 -15.78 -8.86 24.49
N PHE A 502 -15.18 -9.91 23.94
CA PHE A 502 -13.76 -9.92 23.61
C PHE A 502 -13.52 -9.75 22.12
N SER A 503 -14.56 -9.54 21.32
CA SER A 503 -14.42 -9.48 19.87
C SER A 503 -13.59 -8.31 19.40
N ASN A 504 -13.53 -7.23 20.17
CA ASN A 504 -12.78 -6.06 19.76
C ASN A 504 -11.31 -6.14 20.10
N LEU A 505 -10.78 -7.34 20.39
CA LEU A 505 -9.35 -7.53 20.35
C LEU A 505 -8.83 -7.40 18.93
N VAL A 506 -9.52 -8.00 17.98
CA VAL A 506 -9.24 -7.78 16.56
C VAL A 506 -9.64 -6.35 16.22
N PRO A 507 -8.74 -5.55 15.64
CA PRO A 507 -9.07 -4.14 15.35
C PRO A 507 -10.03 -4.02 14.19
N ILE A 508 -11.14 -3.32 14.40
CA ILE A 508 -12.15 -3.18 13.37
C ILE A 508 -11.79 -2.05 12.40
N SER A 509 -11.10 -1.03 12.88
CA SER A 509 -10.67 0.09 12.05
C SER A 509 -9.19 0.01 11.70
N LEU A 510 -8.68 -1.19 11.43
CA LEU A 510 -7.28 -1.35 11.07
C LEU A 510 -7.10 -1.30 9.56
N PHE A 511 -7.98 -1.99 8.83
CA PHE A 511 -7.81 -2.09 7.39
C PHE A 511 -8.26 -0.83 6.66
N VAL A 512 -9.25 -0.12 7.18
CA VAL A 512 -9.66 1.12 6.51
C VAL A 512 -8.81 2.29 7.00
N THR A 513 -8.07 2.11 8.09
CA THR A 513 -7.04 3.07 8.42
C THR A 513 -5.83 2.92 7.52
N VAL A 514 -5.38 1.69 7.26
CA VAL A 514 -4.21 1.48 6.42
C VAL A 514 -4.55 1.72 4.95
N GLU A 515 -5.84 1.67 4.59
CA GLU A 515 -6.22 2.04 3.24
C GLU A 515 -6.13 3.53 2.99
N LEU A 516 -6.44 4.35 4.00
CA LEU A 516 -6.33 5.79 3.85
C LEU A 516 -4.94 6.32 4.17
N ILE A 517 -4.07 5.51 4.77
CA ILE A 517 -2.66 5.83 4.78
C ILE A 517 -2.05 5.49 3.43
N LYS A 518 -2.52 4.41 2.81
CA LYS A 518 -2.06 4.06 1.48
C LYS A 518 -2.62 5.00 0.42
N TYR A 519 -3.84 5.50 0.61
CA TYR A 519 -4.39 6.46 -0.35
C TYR A 519 -3.68 7.80 -0.24
N TYR A 520 -3.40 8.25 0.97
CA TYR A 520 -2.81 9.56 1.10
C TYR A 520 -1.31 9.54 0.84
N GLN A 521 -0.66 8.38 0.92
CA GLN A 521 0.74 8.31 0.55
C GLN A 521 0.91 8.30 -0.96
N ALA A 522 -0.06 7.72 -1.67
CA ALA A 522 -0.08 7.81 -3.12
C ALA A 522 -0.34 9.24 -3.58
N PHE A 523 -1.07 10.01 -2.78
CA PHE A 523 -1.27 11.42 -3.10
C PHE A 523 0.03 12.21 -2.94
N MET A 524 0.82 11.88 -1.92
CA MET A 524 2.07 12.60 -1.70
C MET A 524 3.18 12.11 -2.61
N ILE A 525 3.03 10.92 -3.19
CA ILE A 525 3.95 10.48 -4.24
C ILE A 525 3.68 11.25 -5.52
N GLY A 526 2.41 11.35 -5.91
CA GLY A 526 2.05 12.04 -7.12
C GLY A 526 2.13 13.55 -7.07
N SER A 527 2.50 14.12 -5.93
CA SER A 527 2.65 15.55 -5.78
C SER A 527 4.11 15.97 -5.67
N ASP A 528 5.04 15.03 -5.81
CA ASP A 528 6.45 15.35 -5.69
C ASP A 528 6.96 15.96 -6.99
N LEU A 529 7.78 16.99 -6.87
CA LEU A 529 8.36 17.62 -8.05
C LEU A 529 9.56 16.87 -8.60
N ASP A 530 10.24 16.09 -7.77
CA ASP A 530 11.35 15.27 -8.23
C ASP A 530 10.88 14.03 -8.99
N LEU A 531 9.59 13.74 -8.95
CA LEU A 531 9.00 12.69 -9.79
C LEU A 531 8.12 13.26 -10.87
N TYR A 532 8.32 14.50 -11.26
CA TYR A 532 7.52 15.19 -12.27
C TYR A 532 8.40 15.54 -13.47
N TYR A 533 7.95 15.16 -14.66
CA TYR A 533 8.70 15.36 -15.89
C TYR A 533 8.28 16.69 -16.51
N GLU A 534 9.20 17.66 -16.50
CA GLU A 534 8.90 19.01 -16.97
C GLU A 534 8.76 19.11 -18.48
N LYS A 535 9.40 18.22 -19.24
CA LYS A 535 9.42 18.36 -20.69
C LYS A 535 8.07 18.05 -21.31
N THR A 536 7.42 16.99 -20.85
CA THR A 536 6.11 16.60 -21.37
C THR A 536 4.99 17.18 -20.51
N ASP A 537 5.34 17.83 -19.39
CA ASP A 537 4.41 18.31 -18.36
C ASP A 537 3.52 17.17 -17.86
N THR A 538 4.18 16.15 -17.33
CA THR A 538 3.54 14.95 -16.85
C THR A 538 4.00 14.64 -15.43
N PRO A 539 3.12 14.69 -14.45
CA PRO A 539 3.47 14.22 -13.11
C PRO A 539 3.24 12.73 -13.00
N THR A 540 3.79 12.14 -11.94
CA THR A 540 3.54 10.74 -11.69
C THR A 540 2.17 10.59 -11.03
N VAL A 541 1.49 9.49 -11.36
CA VAL A 541 0.19 9.18 -10.78
C VAL A 541 0.21 7.74 -10.30
N VAL A 542 -0.44 7.50 -9.17
CA VAL A 542 -0.58 6.16 -8.60
C VAL A 542 -2.04 5.77 -8.75
N ARG A 543 -2.31 4.83 -9.64
CA ARG A 543 -3.69 4.43 -9.90
C ARG A 543 -4.15 3.38 -8.89
N THR A 544 -3.40 2.29 -8.77
CA THR A 544 -3.66 1.28 -7.75
C THR A 544 -2.86 1.66 -6.51
N SER A 545 -3.52 2.32 -5.57
CA SER A 545 -2.85 2.79 -4.36
C SER A 545 -2.81 1.77 -3.25
N SER A 546 -3.20 0.53 -3.51
CA SER A 546 -3.07 -0.53 -2.51
C SER A 546 -1.64 -1.04 -2.39
N LEU A 547 -0.73 -0.60 -3.26
CA LEU A 547 0.61 -1.14 -3.36
C LEU A 547 1.68 -0.08 -3.15
N VAL A 548 1.45 0.84 -2.21
CA VAL A 548 2.46 1.86 -1.94
C VAL A 548 3.56 1.29 -1.06
N GLU A 549 3.23 0.34 -0.19
CA GLU A 549 4.22 -0.17 0.74
C GLU A 549 4.98 -1.35 0.17
N GLU A 550 4.55 -1.87 -0.98
CA GLU A 550 5.33 -2.89 -1.67
C GLU A 550 6.58 -2.32 -2.32
N LEU A 551 6.68 -1.00 -2.47
CA LEU A 551 7.85 -0.39 -3.07
C LEU A 551 9.03 -0.33 -2.12
N GLY A 552 8.88 -0.77 -0.87
CA GLY A 552 9.99 -0.85 0.06
C GLY A 552 10.57 -2.23 0.23
N GLN A 553 10.10 -3.20 -0.55
CA GLN A 553 10.51 -4.60 -0.40
C GLN A 553 10.84 -5.22 -1.75
N ILE A 554 11.21 -4.41 -2.73
CA ILE A 554 11.48 -4.92 -4.08
C ILE A 554 12.83 -5.62 -4.07
N GLU A 555 12.88 -6.82 -4.66
CA GLU A 555 14.10 -7.59 -4.77
C GLU A 555 14.47 -7.92 -6.20
N TYR A 556 13.55 -7.78 -7.14
CA TYR A 556 13.84 -8.01 -8.56
C TYR A 556 13.11 -6.95 -9.37
N ILE A 557 13.85 -6.24 -10.21
CA ILE A 557 13.26 -5.28 -11.15
C ILE A 557 13.33 -5.91 -12.54
N PHE A 558 12.19 -6.03 -13.20
CA PHE A 558 12.10 -6.60 -14.53
C PHE A 558 11.87 -5.45 -15.50
N SER A 559 12.95 -4.96 -16.09
CA SER A 559 12.85 -3.78 -16.94
C SER A 559 12.69 -4.13 -18.41
N LYS A 561 13.68 -2.55 -22.46
CA LYS A 561 14.76 -1.77 -23.03
C LYS A 561 14.29 -0.59 -23.87
N THR A 562 13.62 -0.88 -24.98
CA THR A 562 13.29 0.14 -25.98
C THR A 562 12.21 1.07 -25.45
N GLY A 563 12.55 2.34 -25.32
CA GLY A 563 11.65 3.33 -24.78
C GLY A 563 11.75 3.53 -23.29
N THR A 564 12.07 2.48 -22.54
CA THR A 564 12.26 2.57 -21.10
C THR A 564 13.69 2.91 -20.74
N LEU A 565 14.66 2.16 -21.25
CA LEU A 565 16.07 2.47 -21.04
C LEU A 565 16.62 3.40 -22.11
N THR A 566 16.25 3.18 -23.36
CA THR A 566 16.76 3.95 -24.48
C THR A 566 15.77 5.04 -24.87
N ARG A 567 16.30 6.11 -25.46
CA ARG A 567 15.50 7.22 -25.93
C ARG A 567 15.00 7.03 -27.35
N ASN A 568 15.37 5.92 -28.00
CA ASN A 568 15.01 5.58 -29.38
C ASN A 568 15.50 6.65 -30.37
N ILE A 569 16.68 7.18 -30.12
CA ILE A 569 17.34 8.17 -30.97
C ILE A 569 18.79 7.73 -31.14
N MET A 570 19.26 7.66 -32.38
CA MET A 570 20.64 7.31 -32.66
C MET A 570 21.37 8.48 -33.28
N GLU A 571 22.62 8.67 -32.89
CA GLU A 571 23.44 9.77 -33.38
C GLU A 571 24.85 9.27 -33.69
N PHE A 572 25.38 9.70 -34.84
CA PHE A 572 26.75 9.42 -35.24
C PHE A 572 27.73 10.04 -34.27
N LYS A 573 28.42 9.21 -33.50
CA LYS A 573 29.25 9.68 -32.39
C LYS A 573 30.69 9.97 -32.84
N SER A 574 31.34 8.97 -33.42
CA SER A 574 32.74 9.09 -33.78
C SER A 574 33.05 8.15 -34.93
N CYS A 575 34.21 8.35 -35.54
CA CYS A 575 34.64 7.53 -36.67
C CYS A 575 36.14 7.32 -36.57
N SER A 576 36.59 6.16 -37.05
CA SER A 576 38.00 5.80 -37.07
C SER A 576 38.39 5.52 -38.50
N ILE A 577 39.31 6.31 -39.03
CA ILE A 577 39.80 6.17 -40.40
C ILE A 577 41.29 6.42 -40.41
N ALA A 578 42.00 5.65 -41.25
CA ALA A 578 43.46 5.72 -41.42
C ALA A 578 44.20 5.54 -40.09
N GLY A 579 43.67 4.71 -39.19
CA GLY A 579 44.28 4.52 -37.90
C GLY A 579 44.19 5.70 -36.97
N HIS A 580 43.27 6.64 -37.22
CA HIS A 580 43.09 7.78 -36.34
C HIS A 580 41.61 7.95 -36.06
N CYS A 581 41.30 8.46 -34.87
CA CYS A 581 39.92 8.59 -34.42
C CYS A 581 39.53 10.06 -34.34
N TYR A 582 38.27 10.34 -34.68
CA TYR A 582 37.76 11.71 -34.66
C TYR A 582 36.43 11.71 -33.94
N ILE A 583 36.26 12.66 -33.01
CA ILE A 583 35.08 12.76 -32.18
C ILE A 583 34.64 14.22 -32.12
N ASP A 584 33.39 14.43 -31.69
CA ASP A 584 32.81 15.76 -31.60
C ASP A 584 33.55 16.66 -30.60
N LYS A 585 33.60 16.26 -29.33
CA LYS A 585 34.42 16.93 -28.33
C LYS A 585 35.18 15.85 -27.57
N ILE A 586 36.45 16.08 -27.32
CA ILE A 586 37.34 15.05 -26.81
C ILE A 586 37.17 14.94 -25.30
N PRO A 587 36.87 13.76 -24.76
CA PRO A 587 37.12 13.52 -23.34
C PRO A 587 38.62 13.45 -23.12
N GLU A 588 39.11 14.32 -22.22
CA GLU A 588 40.52 14.70 -22.24
C GLU A 588 41.43 13.56 -21.77
N ASP A 589 40.91 12.63 -20.98
CA ASP A 589 41.69 11.46 -20.60
C ASP A 589 41.92 10.54 -21.79
N LYS A 590 40.98 10.49 -22.72
CA LYS A 590 41.12 9.74 -23.96
C LYS A 590 41.48 10.72 -25.08
N THR A 591 42.74 11.15 -25.11
CA THR A 591 43.20 12.05 -26.16
C THR A 591 44.36 11.39 -26.90
N ALA A 592 44.82 12.07 -27.94
CA ALA A 592 45.86 11.53 -28.82
C ALA A 592 47.18 11.41 -28.07
N THR A 593 47.60 10.17 -27.84
CA THR A 593 48.78 9.86 -27.03
C THR A 593 49.81 9.14 -27.89
N VAL A 594 50.92 8.79 -27.25
CA VAL A 594 51.91 7.96 -27.91
C VAL A 594 51.37 6.54 -28.07
N GLU A 595 51.59 5.97 -29.24
CA GLU A 595 51.01 4.68 -29.59
C GLU A 595 51.89 3.54 -29.13
N ASP A 596 51.32 2.33 -29.18
CA ASP A 596 52.04 1.09 -28.95
C ASP A 596 52.38 0.44 -30.29
N GLY A 597 52.57 1.28 -31.32
CA GLY A 597 52.52 0.86 -32.69
C GLY A 597 51.13 0.98 -33.30
N ILE A 598 50.11 0.98 -32.45
CA ILE A 598 48.71 1.14 -32.84
C ILE A 598 48.19 2.42 -32.20
N GLU A 599 47.75 3.36 -33.02
CA GLU A 599 47.39 4.68 -32.55
C GLU A 599 46.03 4.64 -31.84
N VAL A 600 46.00 5.12 -30.60
CA VAL A 600 44.76 5.26 -29.84
C VAL A 600 44.68 6.71 -29.35
N GLY A 601 43.46 7.17 -29.14
CA GLY A 601 43.23 8.55 -28.78
C GLY A 601 42.08 9.13 -29.58
N TYR A 602 41.94 10.45 -29.47
CA TYR A 602 40.86 11.17 -30.13
C TYR A 602 41.34 12.49 -30.69
N ARG A 603 40.80 12.85 -31.86
CA ARG A 603 41.00 14.15 -32.47
C ARG A 603 39.64 14.79 -32.69
N LYS A 604 39.65 16.09 -32.98
CA LYS A 604 38.39 16.77 -33.26
C LYS A 604 38.01 16.59 -34.72
N PHE A 605 36.81 17.06 -35.06
CA PHE A 605 36.36 16.97 -36.45
C PHE A 605 36.89 18.11 -37.32
N ASP A 606 37.37 19.20 -36.70
CA ASP A 606 38.01 20.24 -37.49
C ASP A 606 39.36 19.79 -38.03
N ASP A 607 40.03 18.88 -37.31
CA ASP A 607 41.24 18.27 -37.84
C ASP A 607 40.94 17.31 -38.99
N LEU A 608 39.73 16.75 -39.02
CA LEU A 608 39.28 16.01 -40.18
C LEU A 608 39.08 16.93 -41.37
N LYS A 609 38.63 18.16 -41.12
CA LYS A 609 38.46 19.13 -42.18
C LYS A 609 39.80 19.64 -42.69
N LYS A 610 40.78 19.81 -41.81
CA LYS A 610 42.08 20.30 -42.22
C LYS A 610 42.89 19.22 -42.94
N LYS A 611 42.69 17.95 -42.58
CA LYS A 611 43.36 16.87 -43.30
C LYS A 611 42.68 16.55 -44.63
N LEU A 612 41.48 17.05 -44.86
CA LEU A 612 40.76 16.82 -46.11
C LEU A 612 41.10 17.84 -47.18
N ASN A 613 41.20 19.12 -46.80
CA ASN A 613 41.45 20.18 -47.78
C ASN A 613 42.92 20.31 -48.15
N ASP A 614 43.81 19.48 -47.61
CA ASP A 614 45.21 19.52 -47.99
C ASP A 614 45.49 18.43 -49.02
N PRO A 615 45.93 18.78 -50.23
CA PRO A 615 46.40 17.75 -51.17
C PRO A 615 47.78 17.22 -50.84
N SER A 616 48.46 17.79 -49.85
CA SER A 616 49.77 17.31 -49.41
C SER A 616 49.68 16.12 -48.46
N ASP A 617 48.58 15.98 -47.74
CA ASP A 617 48.39 14.85 -46.84
C ASP A 617 47.79 13.68 -47.61
N GLU A 618 48.29 12.47 -47.34
CA GLU A 618 47.96 11.33 -48.19
C GLU A 618 46.67 10.65 -47.71
N ASP A 619 46.19 10.97 -46.51
CA ASP A 619 44.90 10.46 -46.06
C ASP A 619 43.73 11.16 -46.75
N SER A 620 43.96 12.29 -47.41
CA SER A 620 42.86 13.05 -48.01
C SER A 620 42.13 12.36 -49.16
N PRO A 621 42.74 11.51 -50.00
CA PRO A 621 41.91 10.65 -50.86
C PRO A 621 41.13 9.60 -50.10
N ILE A 622 41.66 9.05 -49.01
CA ILE A 622 40.96 7.98 -48.31
C ILE A 622 39.96 8.53 -47.30
N ILE A 623 40.10 9.80 -46.91
CA ILE A 623 39.04 10.47 -46.16
C ILE A 623 37.89 10.80 -47.10
N ASN A 624 38.20 11.14 -48.36
CA ASN A 624 37.17 11.60 -49.29
C ASN A 624 36.22 10.49 -49.69
N ASP A 625 36.74 9.29 -49.96
CA ASP A 625 35.85 8.18 -50.28
C ASP A 625 35.21 7.56 -49.04
N PHE A 626 35.66 7.95 -47.85
CA PHE A 626 35.00 7.53 -46.63
C PHE A 626 33.74 8.34 -46.38
N LEU A 627 33.84 9.67 -46.50
CA LEU A 627 32.68 10.52 -46.27
C LEU A 627 31.64 10.42 -47.38
N THR A 628 32.03 10.08 -48.61
CA THR A 628 31.02 9.84 -49.63
C THR A 628 30.34 8.50 -49.43
N LEU A 629 31.00 7.55 -48.79
CA LEU A 629 30.36 6.29 -48.41
C LEU A 629 29.35 6.53 -47.31
N LEU A 630 29.56 7.55 -46.47
CA LEU A 630 28.57 7.93 -45.48
C LEU A 630 27.32 8.52 -46.13
N ALA A 631 27.45 9.10 -47.32
CA ALA A 631 26.35 9.78 -47.96
C ALA A 631 25.89 9.14 -49.27
N THR A 632 26.30 7.89 -49.55
CA THR A 632 25.77 7.19 -50.72
C THR A 632 25.23 5.79 -50.46
N CYS A 633 25.84 4.98 -49.59
CA CYS A 633 25.58 3.55 -49.58
C CYS A 633 24.27 3.18 -48.88
N HIS A 634 23.56 4.17 -48.35
CA HIS A 634 22.34 3.98 -47.59
C HIS A 634 21.17 3.65 -48.50
N THR A 635 19.98 3.60 -47.89
CA THR A 635 18.70 3.58 -48.60
C THR A 635 17.78 4.69 -48.09
N VAL A 636 18.39 5.76 -47.55
CA VAL A 636 17.63 6.91 -47.05
C VAL A 636 17.06 7.71 -48.21
N ILE A 637 15.81 8.12 -48.07
CA ILE A 637 15.11 8.94 -49.05
C ILE A 637 15.03 10.37 -48.52
N PRO A 638 15.54 11.36 -49.24
CA PRO A 638 15.49 12.73 -48.71
C PRO A 638 14.25 13.49 -49.14
N GLU A 639 13.70 14.29 -48.24
CA GLU A 639 12.53 15.11 -48.54
C GLU A 639 12.79 16.52 -48.07
N PHE A 640 12.80 17.46 -49.01
CA PHE A 640 12.98 18.86 -48.65
C PHE A 640 11.71 19.41 -48.02
N GLN A 641 11.87 20.15 -46.92
CA GLN A 641 10.75 20.76 -46.26
C GLN A 641 10.41 22.09 -46.94
N SER A 642 9.53 22.86 -46.30
CA SER A 642 9.19 24.17 -46.84
C SER A 642 10.34 25.15 -46.65
N ASP A 643 11.12 24.97 -45.59
CA ASP A 643 12.32 25.75 -45.36
C ASP A 643 13.49 25.11 -46.09
N GLY A 644 14.72 25.54 -45.77
CA GLY A 644 15.90 24.92 -46.35
C GLY A 644 16.30 23.65 -45.60
N SER A 645 15.55 23.29 -44.56
CA SER A 645 15.84 22.09 -43.80
C SER A 645 15.45 20.85 -44.59
N ILE A 646 16.29 19.82 -44.51
CA ILE A 646 16.07 18.56 -45.19
C ILE A 646 15.82 17.48 -44.13
N LYS A 647 14.79 16.67 -44.37
CA LYS A 647 14.45 15.58 -43.47
C LYS A 647 14.84 14.26 -44.13
N TYR A 648 15.63 13.46 -43.40
CA TYR A 648 16.08 12.18 -43.89
C TYR A 648 15.13 11.08 -43.42
N GLN A 649 14.62 10.29 -44.36
CA GLN A 649 13.61 9.30 -44.10
C GLN A 649 14.22 7.91 -44.26
N ALA A 650 14.70 7.34 -43.16
CA ALA A 650 15.39 6.05 -43.18
C ALA A 650 14.54 4.99 -42.52
N ALA A 651 14.56 3.78 -43.09
CA ALA A 651 13.96 2.63 -42.42
C ALA A 651 14.77 2.25 -41.20
N SER A 652 16.04 1.95 -41.37
CA SER A 652 16.86 1.61 -40.22
C SER A 652 17.44 2.88 -39.60
N PRO A 653 17.33 3.06 -38.29
CA PRO A 653 17.85 4.29 -37.67
C PRO A 653 19.37 4.34 -37.59
N ASP A 654 20.06 3.22 -37.86
CA ASP A 654 21.51 3.24 -37.89
C ASP A 654 22.03 4.01 -39.09
N GLU A 655 21.55 3.65 -40.29
CA GLU A 655 22.03 4.31 -41.49
C GLU A 655 21.38 5.68 -41.67
N GLY A 656 20.35 6.00 -40.89
CA GLY A 656 19.81 7.34 -40.92
C GLY A 656 20.69 8.32 -40.16
N ALA A 657 21.44 7.83 -39.17
CA ALA A 657 22.37 8.66 -38.43
C ALA A 657 23.71 8.78 -39.14
N LEU A 658 24.03 7.86 -40.05
CA LEU A 658 25.25 7.99 -40.84
C LEU A 658 25.13 9.08 -41.88
N VAL A 659 23.95 9.26 -42.46
CA VAL A 659 23.74 10.33 -43.43
C VAL A 659 23.70 11.68 -42.75
N GLN A 660 22.98 11.77 -41.63
CA GLN A 660 22.88 13.04 -40.91
C GLN A 660 24.20 13.39 -40.25
N GLY A 661 24.87 12.41 -39.65
CA GLY A 661 26.19 12.65 -39.11
C GLY A 661 27.25 12.82 -40.17
N GLY A 662 27.03 12.23 -41.35
CA GLY A 662 27.93 12.49 -42.47
C GLY A 662 27.81 13.91 -42.97
N ALA A 663 26.55 14.36 -43.19
CA ALA A 663 26.28 15.69 -43.72
C ALA A 663 26.68 16.82 -42.78
N ASP A 664 26.87 16.54 -41.50
CA ASP A 664 27.39 17.57 -40.60
C ASP A 664 28.89 17.76 -40.80
N LEU A 665 29.55 16.81 -41.44
CA LEU A 665 30.95 16.95 -41.81
C LEU A 665 31.13 17.41 -43.25
N GLY A 666 30.12 18.02 -43.84
CA GLY A 666 30.09 18.31 -45.25
C GLY A 666 29.51 17.13 -46.02
N TYR A 667 29.48 17.29 -47.34
CA TYR A 667 28.98 16.30 -48.30
C TYR A 667 27.52 15.94 -48.00
N LYS A 668 26.65 16.95 -48.07
CA LYS A 668 25.26 16.75 -47.71
C LYS A 668 24.50 16.04 -48.82
N PHE A 669 23.83 14.95 -48.46
CA PHE A 669 22.97 14.23 -49.38
C PHE A 669 21.65 15.00 -49.53
N ILE A 670 21.28 15.35 -50.77
CA ILE A 670 20.21 16.32 -51.01
C ILE A 670 19.01 15.68 -51.70
N ILE A 671 19.21 15.08 -52.88
CA ILE A 671 18.11 14.54 -53.66
C ILE A 671 18.46 13.14 -54.11
N ARG A 672 17.43 12.37 -54.50
CA ARG A 672 17.60 11.01 -54.97
C ARG A 672 16.72 10.81 -56.19
N LYS A 673 17.30 10.31 -57.26
CA LYS A 673 16.62 9.96 -58.49
C LYS A 673 16.42 8.45 -58.57
N PRO A 674 15.58 7.95 -59.47
CA PRO A 674 15.39 6.49 -59.56
C PRO A 674 16.63 5.69 -59.94
N ASN A 675 17.65 6.30 -60.53
CA ASN A 675 18.87 5.61 -60.86
C ASN A 675 20.14 6.29 -60.35
N SER A 676 20.02 7.32 -59.52
CA SER A 676 21.20 8.05 -59.08
C SER A 676 20.92 8.80 -57.79
N VAL A 677 21.99 9.14 -57.09
CA VAL A 677 21.96 10.07 -55.96
C VAL A 677 22.92 11.20 -56.27
N THR A 678 22.70 12.35 -55.63
CA THR A 678 23.59 13.48 -55.76
C THR A 678 23.98 13.95 -54.37
N VAL A 679 25.25 14.31 -54.19
CA VAL A 679 25.78 14.76 -52.92
C VAL A 679 26.24 16.19 -53.06
N LEU A 680 25.72 17.07 -52.20
CA LEU A 680 26.08 18.48 -52.20
C LEU A 680 27.28 18.70 -51.29
N LEU A 681 28.42 19.05 -51.88
CA LEU A 681 29.60 19.36 -51.10
C LEU A 681 29.42 20.71 -50.43
N GLU A 682 29.95 20.86 -49.21
CA GLU A 682 29.63 22.02 -48.40
C GLU A 682 30.52 23.21 -48.74
N GLU A 683 31.83 23.03 -48.60
CA GLU A 683 32.76 24.17 -48.63
C GLU A 683 33.00 24.66 -50.06
N THR A 684 32.84 23.79 -51.05
CA THR A 684 32.99 24.23 -52.44
C THR A 684 31.64 24.56 -53.07
N GLY A 685 30.57 23.94 -52.59
CA GLY A 685 29.26 24.13 -53.18
C GLY A 685 28.98 23.25 -54.37
N GLU A 686 29.92 22.40 -54.76
CA GLU A 686 29.75 21.50 -55.90
C GLU A 686 28.73 20.42 -55.57
N GLU A 687 27.91 20.08 -56.56
CA GLU A 687 26.94 19.00 -56.43
C GLU A 687 27.32 17.87 -57.36
N LYS A 688 28.05 16.89 -56.84
CA LYS A 688 28.45 15.73 -57.60
C LYS A 688 27.32 14.71 -57.59
N GLU A 689 27.15 14.03 -58.70
CA GLU A 689 26.06 13.09 -58.93
C GLU A 689 26.63 11.70 -59.19
N TYR A 690 26.18 10.73 -58.42
CA TYR A 690 26.69 9.36 -58.48
C TYR A 690 25.60 8.44 -58.99
N GLN A 691 25.88 7.69 -60.04
CA GLN A 691 24.93 6.73 -60.57
C GLN A 691 24.92 5.48 -59.70
N LEU A 692 23.78 5.21 -59.06
CA LEU A 692 23.62 3.99 -58.28
C LEU A 692 23.39 2.84 -59.26
N LEU A 693 24.39 1.95 -59.36
CA LEU A 693 24.28 0.83 -60.30
C LEU A 693 23.54 -0.35 -59.68
N ASN A 694 24.07 -0.89 -58.61
CA ASN A 694 23.44 -2.00 -57.91
C ASN A 694 23.58 -1.78 -56.41
N ILE A 695 22.64 -2.35 -55.66
CA ILE A 695 22.71 -2.34 -54.20
C ILE A 695 22.47 -3.77 -53.73
N CYS A 696 23.05 -4.12 -52.59
CA CYS A 696 22.92 -5.45 -52.01
C CYS A 696 22.35 -5.31 -50.61
N GLU A 697 21.27 -6.04 -50.32
CA GLU A 697 20.52 -5.88 -49.10
C GLU A 697 21.29 -6.37 -47.89
N PHE A 698 21.09 -5.68 -46.76
CA PHE A 698 21.54 -6.20 -45.49
C PHE A 698 20.76 -7.45 -45.13
N ASN A 699 21.45 -8.40 -44.50
CA ASN A 699 20.85 -9.65 -44.09
C ASN A 699 21.48 -10.07 -42.78
N SER A 700 20.70 -10.78 -41.96
CA SER A 700 21.23 -11.23 -40.66
C SER A 700 22.23 -12.36 -40.83
N THR A 701 22.16 -13.09 -41.94
CA THR A 701 23.19 -14.06 -42.26
C THR A 701 24.38 -13.39 -42.94
N ARG A 702 24.15 -12.27 -43.63
CA ARG A 702 25.24 -11.57 -44.28
C ARG A 702 26.01 -10.69 -43.31
N LYS A 703 25.29 -9.97 -42.45
CA LYS A 703 25.83 -8.98 -41.51
C LYS A 703 26.62 -7.88 -42.22
N ARG A 704 26.24 -7.56 -43.46
CA ARG A 704 26.86 -6.51 -44.25
C ARG A 704 25.93 -6.13 -45.39
N MET A 705 26.15 -4.94 -45.94
CA MET A 705 25.44 -4.51 -47.14
C MET A 705 26.37 -3.67 -48.00
N SER A 706 26.11 -3.67 -49.31
CA SER A 706 27.04 -3.09 -50.27
C SER A 706 26.28 -2.41 -51.40
N ALA A 707 26.97 -1.52 -52.10
CA ALA A 707 26.39 -0.77 -53.22
C ALA A 707 27.51 -0.30 -54.14
N ILE A 708 27.22 -0.30 -55.44
CA ILE A 708 28.20 0.02 -56.47
C ILE A 708 27.79 1.31 -57.16
N PHE A 709 28.72 2.27 -57.22
CA PHE A 709 28.44 3.61 -57.73
C PHE A 709 29.41 3.97 -58.84
N ARG A 710 28.86 4.41 -59.98
CA ARG A 710 29.66 5.01 -61.03
C ARG A 710 29.86 6.49 -60.72
N PHE A 711 31.12 6.90 -60.58
CA PHE A 711 31.42 8.27 -60.22
C PHE A 711 31.20 9.19 -61.42
N PRO A 712 31.19 10.52 -61.19
CA PRO A 712 31.21 11.44 -62.35
C PRO A 712 32.49 11.38 -63.16
N ASP A 713 33.56 10.79 -62.64
CA ASP A 713 34.74 10.51 -63.45
C ASP A 713 34.49 9.45 -64.50
N GLY A 714 33.52 8.58 -64.28
CA GLY A 714 33.30 7.41 -65.12
C GLY A 714 33.82 6.13 -64.50
N SER A 715 34.67 6.22 -63.49
CA SER A 715 35.21 5.06 -62.80
C SER A 715 34.22 4.57 -61.75
N ILE A 716 33.77 3.34 -61.88
CA ILE A 716 32.82 2.80 -60.92
C ILE A 716 33.59 2.36 -59.68
N LYS A 717 32.85 2.15 -58.58
CA LYS A 717 33.46 1.84 -57.31
C LYS A 717 32.45 1.10 -56.44
N LEU A 718 32.91 0.06 -55.75
CA LEU A 718 32.06 -0.66 -54.83
C LEU A 718 32.31 -0.19 -53.40
N PHE A 719 31.23 0.07 -52.68
CA PHE A 719 31.29 0.43 -51.27
C PHE A 719 30.68 -0.69 -50.45
N CYS A 720 31.10 -0.80 -49.20
CA CYS A 720 30.63 -1.88 -48.35
C CYS A 720 30.69 -1.46 -46.89
N LYS A 721 29.71 -1.93 -46.12
CA LYS A 721 29.68 -1.69 -44.68
C LYS A 721 29.11 -2.91 -44.00
N GLY A 722 29.72 -3.34 -42.89
CA GLY A 722 29.23 -4.51 -42.20
C GLY A 722 30.03 -4.84 -40.97
N ALA A 723 29.83 -6.07 -40.49
CA ALA A 723 30.50 -6.55 -39.30
C ALA A 723 31.94 -6.95 -39.61
N ASP A 724 32.80 -6.80 -38.59
CA ASP A 724 34.21 -7.16 -38.74
C ASP A 724 34.41 -8.66 -38.82
N THR A 725 33.50 -9.44 -38.26
CA THR A 725 33.58 -10.90 -38.37
C THR A 725 33.10 -11.39 -39.73
N VAL A 726 32.67 -10.51 -40.62
CA VAL A 726 32.36 -10.84 -42.00
C VAL A 726 33.24 -10.07 -42.97
N ILE A 727 33.64 -8.85 -42.61
CA ILE A 727 34.45 -8.03 -43.51
C ILE A 727 35.88 -8.55 -43.58
N LEU A 728 36.44 -8.97 -42.44
CA LEU A 728 37.86 -9.32 -42.38
C LEU A 728 38.19 -10.61 -43.13
N GLU A 729 37.17 -11.44 -43.39
CA GLU A 729 37.38 -12.59 -44.28
C GLU A 729 37.43 -12.19 -45.74
N ARG A 730 37.12 -10.92 -46.06
CA ARG A 730 37.14 -10.42 -47.43
C ARG A 730 37.98 -9.14 -47.45
N LEU A 731 39.29 -9.30 -47.56
CA LEU A 731 40.22 -8.19 -47.62
C LEU A 731 41.36 -8.51 -48.57
N ASP A 732 42.15 -7.49 -48.88
CA ASP A 732 43.46 -7.65 -49.49
C ASP A 732 44.50 -7.29 -48.44
N ASP A 733 45.21 -8.31 -47.94
CA ASP A 733 46.35 -8.07 -47.06
C ASP A 733 47.55 -7.52 -47.79
N GLU A 734 47.54 -7.52 -49.13
CA GLU A 734 48.59 -6.91 -49.90
C GLU A 734 48.54 -5.39 -49.86
N ALA A 735 47.36 -4.80 -49.64
CA ALA A 735 47.15 -3.37 -49.85
C ALA A 735 47.13 -2.55 -48.56
N ASN A 736 46.20 -2.86 -47.65
CA ASN A 736 45.88 -1.96 -46.55
C ASN A 736 46.74 -2.24 -45.32
N GLN A 737 47.05 -1.17 -44.58
CA GLN A 737 47.89 -1.25 -43.40
C GLN A 737 47.18 -0.73 -42.15
N TYR A 738 45.90 -0.41 -42.25
CA TYR A 738 45.15 0.20 -41.17
C TYR A 738 44.29 -0.80 -40.41
N VAL A 739 44.49 -2.10 -40.64
CA VAL A 739 43.56 -3.11 -40.13
C VAL A 739 43.72 -3.29 -38.63
N GLU A 740 44.95 -3.47 -38.15
CA GLU A 740 45.16 -3.67 -36.72
C GLU A 740 45.07 -2.36 -35.95
N ALA A 741 45.05 -1.23 -36.66
CA ALA A 741 44.72 0.03 -36.00
C ALA A 741 43.22 0.23 -35.92
N THR A 742 42.47 -0.38 -36.85
CA THR A 742 41.01 -0.25 -36.82
C THR A 742 40.40 -1.17 -35.78
N MET A 743 40.94 -2.39 -35.65
CA MET A 743 40.37 -3.37 -34.74
C MET A 743 40.60 -2.98 -33.29
N ARG A 744 41.68 -2.26 -33.00
CA ARG A 744 41.87 -1.77 -31.64
C ARG A 744 40.99 -0.57 -31.35
N HIS A 745 40.56 0.15 -32.38
CA HIS A 745 39.61 1.23 -32.17
C HIS A 745 38.20 0.70 -31.95
N LEU A 746 37.90 -0.46 -32.52
CA LEU A 746 36.60 -1.10 -32.28
C LEU A 746 36.47 -1.60 -30.87
N GLU A 747 37.58 -2.06 -30.27
CA GLU A 747 37.53 -2.54 -28.90
C GLU A 747 37.43 -1.39 -27.93
N ASP A 748 37.97 -0.23 -28.30
CA ASP A 748 37.80 0.96 -27.50
C ASP A 748 36.39 1.52 -27.65
N TYR A 749 35.75 1.27 -28.78
CA TYR A 749 34.39 1.75 -28.99
C TYR A 749 33.38 0.89 -28.25
N ALA A 750 33.49 -0.43 -28.37
CA ALA A 750 32.52 -1.34 -27.78
C ALA A 750 32.60 -1.40 -26.26
N SER A 751 33.76 -1.09 -25.68
CA SER A 751 33.84 -0.99 -24.23
C SER A 751 33.16 0.26 -23.73
N GLU A 752 33.04 1.28 -24.58
CA GLU A 752 32.30 2.49 -24.25
C GLU A 752 30.80 2.30 -24.47
N GLY A 753 30.42 1.31 -25.26
CA GLY A 753 29.03 0.98 -25.49
C GLY A 753 28.46 1.35 -26.85
N LEU A 754 29.29 1.82 -27.77
CA LEU A 754 28.80 2.30 -29.05
C LEU A 754 28.59 1.14 -30.02
N ARG A 755 27.79 1.39 -31.05
CA ARG A 755 27.49 0.41 -32.08
C ARG A 755 28.40 0.67 -33.28
N THR A 756 29.19 -0.32 -33.66
CA THR A 756 30.24 -0.13 -34.64
C THR A 756 29.86 -0.77 -35.97
N LEU A 757 30.62 -0.40 -36.99
CA LEU A 757 30.38 -0.84 -38.37
C LEU A 757 31.66 -0.58 -39.15
N CYS A 758 32.26 -1.62 -39.73
CA CYS A 758 33.47 -1.45 -40.51
C CYS A 758 33.15 -1.09 -41.95
N LEU A 759 33.92 -0.17 -42.51
CA LEU A 759 33.66 0.37 -43.84
C LEU A 759 34.80 -0.03 -44.77
N ALA A 760 34.47 -0.74 -45.84
CA ALA A 760 35.47 -1.17 -46.80
C ALA A 760 35.01 -0.81 -48.21
N MET A 761 35.96 -0.79 -49.13
CA MET A 761 35.68 -0.47 -50.53
C MET A 761 36.67 -1.21 -51.41
N ARG A 762 36.38 -1.20 -52.71
CA ARG A 762 37.35 -1.62 -53.72
C ARG A 762 37.10 -0.83 -55.00
N ASP A 763 38.18 -0.48 -55.67
CA ASP A 763 38.08 0.19 -56.96
C ASP A 763 37.98 -0.86 -58.06
N ILE A 764 36.75 -1.16 -58.46
CA ILE A 764 36.48 -2.06 -59.58
C ILE A 764 36.53 -1.24 -60.86
N SER A 765 37.26 -1.74 -61.85
CA SER A 765 37.39 -1.03 -63.11
C SER A 765 36.20 -1.34 -64.01
N GLU A 766 36.27 -0.81 -65.24
CA GLU A 766 35.12 -0.86 -66.14
C GLU A 766 34.84 -2.27 -66.65
N GLY A 767 35.87 -3.03 -66.99
CA GLY A 767 35.66 -4.33 -67.61
C GLY A 767 35.16 -5.41 -66.70
N GLU A 768 35.43 -5.31 -65.40
CA GLU A 768 35.06 -6.37 -64.47
C GLU A 768 33.58 -6.33 -64.11
N TYR A 769 32.85 -5.31 -64.56
CA TYR A 769 31.47 -5.16 -64.12
C TYR A 769 30.51 -5.97 -64.98
N GLU A 770 30.71 -5.99 -66.30
CA GLU A 770 29.67 -6.51 -67.20
C GLU A 770 29.56 -8.03 -67.14
N GLU A 771 30.59 -8.72 -66.65
CA GLU A 771 30.46 -10.16 -66.44
C GLU A 771 29.83 -10.46 -65.09
N TRP A 772 29.81 -9.48 -64.18
CA TRP A 772 29.19 -9.71 -62.88
C TRP A 772 27.71 -9.33 -62.89
N ASN A 773 27.36 -8.28 -63.63
CA ASN A 773 25.97 -7.83 -63.67
C ASN A 773 25.09 -8.84 -64.38
N SER A 774 25.65 -9.55 -65.37
CA SER A 774 24.96 -10.66 -66.00
C SER A 774 24.67 -11.77 -65.00
N ILE A 775 25.63 -12.02 -64.10
CA ILE A 775 25.42 -13.00 -63.02
C ILE A 775 24.40 -12.48 -62.02
N TYR A 776 24.42 -11.17 -61.76
CA TYR A 776 23.45 -10.60 -60.83
C TYR A 776 22.04 -10.57 -61.42
N ASN A 777 21.94 -10.35 -62.74
CA ASN A 777 20.63 -10.19 -63.36
C ASN A 777 19.90 -11.53 -63.45
N GLU A 778 20.63 -12.63 -63.70
CA GLU A 778 19.99 -13.93 -63.78
C GLU A 778 19.56 -14.42 -62.39
N ALA A 779 20.19 -13.90 -61.34
CA ALA A 779 19.72 -14.20 -60.00
C ALA A 779 18.47 -13.39 -59.65
N ALA A 780 18.41 -12.14 -60.10
CA ALA A 780 17.30 -11.27 -59.75
C ALA A 780 16.04 -11.60 -60.54
N THR A 781 16.19 -11.93 -61.82
CA THR A 781 15.03 -12.25 -62.65
C THR A 781 14.55 -13.68 -62.41
N THR A 782 15.29 -14.47 -61.64
CA THR A 782 14.80 -15.77 -61.20
C THR A 782 13.66 -15.56 -60.21
N LEU A 783 12.52 -16.21 -60.47
CA LEU A 783 11.30 -15.93 -59.72
C LEU A 783 11.38 -16.46 -58.30
N ASP A 784 11.64 -17.74 -58.13
CA ASP A 784 11.79 -18.35 -56.82
C ASP A 784 13.25 -18.26 -56.38
N ASN A 785 13.49 -18.75 -55.16
CA ASN A 785 14.75 -18.90 -54.41
C ASN A 785 15.74 -17.75 -54.59
N ARG A 786 15.21 -16.51 -54.67
CA ARG A 786 16.08 -15.36 -54.90
C ARG A 786 16.53 -14.74 -53.59
N ALA A 787 15.98 -15.20 -52.46
CA ALA A 787 16.42 -14.71 -51.16
C ALA A 787 17.85 -15.16 -50.86
N GLU A 788 18.22 -16.36 -51.30
CA GLU A 788 19.54 -16.89 -50.96
C GLU A 788 20.44 -17.07 -52.18
N LYS A 789 20.06 -16.53 -53.36
CA LYS A 789 20.97 -16.62 -54.49
C LYS A 789 21.57 -15.27 -54.88
N LEU A 790 20.93 -14.16 -54.49
CA LEU A 790 21.51 -12.85 -54.78
C LEU A 790 22.73 -12.58 -53.93
N ASP A 791 22.72 -13.02 -52.67
CA ASP A 791 23.91 -12.89 -51.83
C ASP A 791 25.00 -13.86 -52.25
N GLU A 792 24.61 -15.00 -52.84
CA GLU A 792 25.59 -15.90 -53.44
C GLU A 792 26.08 -15.36 -54.78
N ALA A 793 25.36 -14.38 -55.34
CA ALA A 793 25.90 -13.60 -56.44
C ALA A 793 26.61 -12.35 -55.96
N ALA A 794 26.37 -11.94 -54.70
CA ALA A 794 26.99 -10.74 -54.17
C ALA A 794 28.38 -10.99 -53.60
N ASN A 795 28.65 -12.18 -53.09
CA ASN A 795 29.97 -12.44 -52.53
C ASN A 795 31.00 -12.75 -53.61
N LEU A 796 30.58 -12.87 -54.86
CA LEU A 796 31.52 -13.04 -55.97
C LEU A 796 32.20 -11.73 -56.37
N ILE A 797 31.74 -10.60 -55.87
CA ILE A 797 32.35 -9.31 -56.18
C ILE A 797 32.94 -8.65 -54.95
N GLU A 798 32.56 -9.08 -53.74
CA GLU A 798 33.00 -8.45 -52.50
C GLU A 798 34.21 -9.13 -51.90
N LYS A 799 35.05 -9.78 -52.71
CA LYS A 799 36.12 -10.59 -52.14
C LYS A 799 37.34 -9.77 -51.75
N ASN A 800 37.77 -8.84 -52.59
CA ASN A 800 39.04 -8.13 -52.40
C ASN A 800 38.77 -6.67 -52.06
N LEU A 801 38.57 -6.38 -50.78
CA LEU A 801 38.20 -5.05 -50.31
C LEU A 801 39.37 -4.36 -49.62
N ILE A 802 39.25 -3.04 -49.48
CA ILE A 802 40.25 -2.21 -48.80
C ILE A 802 39.57 -1.52 -47.63
N LEU A 803 40.05 -1.79 -46.42
CA LEU A 803 39.42 -1.31 -45.20
C LEU A 803 39.72 0.17 -45.03
N ILE A 804 38.73 1.02 -45.28
CA ILE A 804 38.90 2.45 -45.06
C ILE A 804 38.88 2.76 -43.57
N GLY A 805 37.96 2.15 -42.84
CA GLY A 805 37.85 2.38 -41.42
C GLY A 805 36.53 1.96 -40.81
N ALA A 806 36.08 2.67 -39.78
CA ALA A 806 34.90 2.24 -39.04
C ALA A 806 34.21 3.42 -38.40
N THR A 807 32.92 3.26 -38.15
CA THR A 807 32.06 4.26 -37.54
C THR A 807 31.60 3.78 -36.17
N ALA A 808 31.01 4.71 -35.41
CA ALA A 808 30.49 4.39 -34.09
C ALA A 808 29.24 5.21 -33.85
N ILE A 809 28.10 4.54 -33.75
CA ILE A 809 26.82 5.19 -33.52
C ILE A 809 26.39 4.96 -32.08
N GLU A 810 25.96 6.03 -31.42
CA GLU A 810 25.53 5.97 -30.03
C GLU A 810 24.02 5.92 -29.94
N ASP A 811 23.49 4.79 -29.48
CA ASP A 811 22.08 4.70 -29.13
C ASP A 811 21.86 5.46 -27.84
N LYS A 812 21.05 6.51 -27.90
CA LYS A 812 20.88 7.41 -26.77
C LYS A 812 20.06 6.74 -25.68
N LEU A 813 20.63 6.68 -24.48
CA LEU A 813 19.86 6.26 -23.33
C LEU A 813 19.09 7.46 -22.78
N GLN A 814 18.12 7.18 -21.92
CA GLN A 814 17.45 8.25 -21.22
C GLN A 814 18.38 8.81 -20.16
N ASP A 815 18.07 9.99 -19.66
CA ASP A 815 18.96 10.65 -18.72
C ASP A 815 18.87 10.01 -17.35
N GLY A 816 20.02 9.78 -16.73
CA GLY A 816 20.05 9.16 -15.42
C GLY A 816 19.83 7.67 -15.40
N VAL A 817 19.89 7.01 -16.55
CA VAL A 817 19.78 5.55 -16.60
C VAL A 817 21.01 4.84 -16.04
N PRO A 818 22.28 5.20 -16.39
CA PRO A 818 23.40 4.47 -15.77
C PRO A 818 23.59 4.76 -14.29
N GLU A 819 23.13 5.90 -13.79
CA GLU A 819 23.25 6.16 -12.36
C GLU A 819 22.13 5.51 -11.56
N THR A 820 20.98 5.28 -12.18
CA THR A 820 19.89 4.60 -11.48
C THR A 820 20.16 3.12 -11.35
N ILE A 821 20.70 2.50 -12.41
CA ILE A 821 20.97 1.06 -12.39
C ILE A 821 22.08 0.73 -11.40
N HIS A 822 23.08 1.62 -11.29
CA HIS A 822 24.13 1.43 -10.31
C HIS A 822 23.63 1.63 -8.88
N THR A 823 22.71 2.56 -8.67
CA THR A 823 22.20 2.81 -7.33
C THR A 823 21.25 1.71 -6.87
N LEU A 824 20.40 1.22 -7.77
CA LEU A 824 19.46 0.17 -7.40
C LEU A 824 20.15 -1.17 -7.20
N GLN A 825 21.29 -1.38 -7.84
CA GLN A 825 22.05 -2.61 -7.61
C GLN A 825 22.81 -2.57 -6.29
N GLU A 826 23.19 -1.39 -5.81
CA GLU A 826 23.77 -1.25 -4.49
C GLU A 826 22.75 -1.51 -3.39
N ALA A 827 21.47 -1.26 -3.66
CA ALA A 827 20.40 -1.50 -2.70
C ALA A 827 19.99 -2.96 -2.60
N GLY A 828 20.63 -3.84 -3.36
CA GLY A 828 20.32 -5.26 -3.30
C GLY A 828 19.30 -5.74 -4.30
N ILE A 829 18.84 -4.88 -5.18
CA ILE A 829 17.87 -5.26 -6.19
C ILE A 829 18.62 -5.83 -7.39
N LYS A 830 18.07 -6.87 -7.98
CA LYS A 830 18.70 -7.53 -9.12
C LYS A 830 17.94 -7.14 -10.38
N ILE A 831 18.60 -6.42 -11.28
CA ILE A 831 17.97 -5.89 -12.48
C ILE A 831 17.96 -6.97 -13.55
N TRP A 832 16.78 -7.22 -14.12
CA TRP A 832 16.65 -8.05 -15.30
C TRP A 832 16.14 -7.19 -16.43
N VAL A 833 16.48 -7.56 -17.66
CA VAL A 833 16.01 -6.86 -18.85
C VAL A 833 15.28 -7.86 -19.73
N LEU A 834 14.02 -7.57 -20.01
CA LEU A 834 13.20 -8.38 -20.91
C LEU A 834 12.81 -7.47 -22.07
N THR A 835 13.36 -7.73 -23.24
CA THR A 835 13.14 -6.87 -24.39
C THR A 835 12.72 -7.67 -25.61
N GLY A 836 11.88 -7.06 -26.43
CA GLY A 836 11.51 -7.61 -27.72
C GLY A 836 12.49 -7.33 -28.82
N ASP A 837 13.60 -6.66 -28.52
CA ASP A 837 14.59 -6.30 -29.52
C ASP A 837 15.56 -7.47 -29.72
N ARG A 838 16.50 -7.29 -30.65
CA ARG A 838 17.44 -8.34 -30.99
C ARG A 838 18.53 -8.45 -29.92
N GLN A 839 19.36 -9.49 -30.05
CA GLN A 839 20.33 -9.78 -29.00
C GLN A 839 21.53 -8.87 -29.05
N GLU A 840 21.99 -8.49 -30.25
CA GLU A 840 23.18 -7.67 -30.36
C GLU A 840 22.94 -6.23 -29.91
N THR A 841 21.69 -5.79 -29.87
CA THR A 841 21.35 -4.49 -29.32
C THR A 841 21.30 -4.48 -27.81
N ALA A 842 20.73 -5.53 -27.20
CA ALA A 842 20.59 -5.56 -25.75
C ALA A 842 21.92 -5.74 -25.04
N ILE A 843 22.88 -6.43 -25.68
CA ILE A 843 24.22 -6.50 -25.13
C ILE A 843 24.92 -5.15 -25.24
N ASN A 844 24.62 -4.40 -26.30
CA ASN A 844 25.19 -3.08 -26.48
C ASN A 844 24.61 -2.07 -25.50
N ILE A 845 23.29 -2.14 -25.28
CA ILE A 845 22.66 -1.24 -24.33
C ILE A 845 23.06 -1.62 -22.90
N GLY A 846 23.18 -2.91 -22.63
CA GLY A 846 23.67 -3.35 -21.33
C GLY A 846 25.11 -2.96 -21.06
N MET A 847 25.94 -2.90 -22.10
CA MET A 847 27.29 -2.40 -21.96
C MET A 847 27.30 -0.88 -21.79
N SER A 848 26.28 -0.19 -22.30
CA SER A 848 26.24 1.26 -22.22
C SER A 848 25.63 1.74 -20.91
N CYS A 849 24.63 1.03 -20.40
CA CYS A 849 23.98 1.37 -19.14
C CYS A 849 24.66 0.73 -17.94
N ARG A 850 25.80 0.07 -18.15
CA ARG A 850 26.66 -0.55 -17.14
C ARG A 850 25.97 -1.67 -16.36
N LEU A 851 24.97 -2.33 -16.95
CA LEU A 851 24.59 -3.65 -16.46
C LEU A 851 25.73 -4.63 -16.66
N LEU A 852 26.09 -4.90 -17.91
CA LEU A 852 27.30 -5.62 -18.25
C LEU A 852 28.47 -4.67 -18.10
N SER A 853 29.68 -5.22 -18.06
CA SER A 853 30.87 -4.40 -17.95
C SER A 853 32.02 -5.07 -18.67
N GLU A 854 33.18 -4.45 -18.58
CA GLU A 854 34.42 -5.10 -18.98
C GLU A 854 34.88 -5.96 -17.81
N ASP A 855 35.64 -7.02 -18.12
CA ASP A 855 35.98 -8.12 -17.22
C ASP A 855 34.70 -8.78 -16.70
N MET A 856 33.95 -9.37 -17.63
CA MET A 856 32.66 -9.99 -17.34
C MET A 856 32.38 -11.05 -18.38
N ASN A 857 31.71 -12.12 -17.96
CA ASN A 857 31.45 -13.28 -18.81
C ASN A 857 29.96 -13.39 -19.12
N LEU A 858 29.65 -13.80 -20.34
CA LEU A 858 28.28 -13.89 -20.81
C LEU A 858 27.86 -15.34 -20.92
N LEU A 859 26.91 -15.76 -20.09
CA LEU A 859 26.40 -17.13 -20.12
C LEU A 859 25.28 -17.18 -21.16
N ILE A 860 25.68 -17.22 -22.42
CA ILE A 860 24.73 -17.09 -23.53
C ILE A 860 24.03 -18.43 -23.76
N ILE A 861 22.70 -18.40 -23.85
CA ILE A 861 21.89 -19.58 -24.12
C ILE A 861 21.10 -19.30 -25.39
N ASN A 862 21.63 -19.70 -26.53
CA ASN A 862 20.94 -19.60 -27.82
C ASN A 862 20.81 -21.01 -28.37
N GLU A 863 19.67 -21.65 -28.12
CA GLU A 863 19.45 -23.03 -28.53
C GLU A 863 18.13 -23.13 -29.28
N GLU A 864 18.05 -24.08 -30.19
CA GLU A 864 16.93 -24.18 -31.12
C GLU A 864 15.90 -25.24 -30.75
N THR A 865 16.27 -26.22 -29.93
CA THR A 865 15.35 -27.26 -29.50
C THR A 865 15.30 -27.32 -27.98
N ARG A 866 14.33 -28.05 -27.45
CA ARG A 866 14.14 -28.11 -26.00
C ARG A 866 15.14 -29.02 -25.32
N ASP A 867 15.81 -29.90 -26.05
CA ASP A 867 16.83 -30.74 -25.44
C ASP A 867 18.21 -30.12 -25.58
N ASP A 868 18.39 -29.20 -26.52
CA ASP A 868 19.66 -28.48 -26.64
C ASP A 868 19.85 -27.47 -25.53
N THR A 869 18.77 -26.91 -24.99
CA THR A 869 18.91 -25.96 -23.90
C THR A 869 19.07 -26.66 -22.56
N GLU A 870 18.49 -27.86 -22.41
CA GLU A 870 18.65 -28.59 -21.15
C GLU A 870 20.06 -29.14 -21.02
N ARG A 871 20.73 -29.40 -22.16
CA ARG A 871 22.15 -29.65 -22.12
C ARG A 871 22.89 -28.39 -21.70
N ASN A 872 22.46 -27.23 -22.21
CA ASN A 872 23.18 -25.99 -21.96
C ASN A 872 22.96 -25.48 -20.54
N LEU A 873 21.78 -25.72 -19.98
CA LEU A 873 21.55 -25.39 -18.57
C LEU A 873 22.31 -26.30 -17.64
N LEU A 874 22.44 -27.58 -17.97
CA LEU A 874 23.18 -28.51 -17.13
C LEU A 874 24.69 -28.38 -17.30
N GLU A 875 25.17 -28.01 -18.50
CA GLU A 875 26.62 -27.86 -18.70
C GLU A 875 27.17 -26.66 -17.94
N LYS A 876 26.34 -25.65 -17.69
CA LYS A 876 26.78 -24.49 -16.92
C LYS A 876 26.73 -24.75 -15.42
N ILE A 877 25.68 -25.41 -14.94
CA ILE A 877 25.55 -25.63 -13.51
C ILE A 877 26.45 -26.79 -13.05
N ASN A 878 26.94 -27.60 -13.98
CA ASN A 878 28.01 -28.55 -13.67
C ASN A 878 29.35 -27.85 -13.51
N ALA A 879 29.47 -26.60 -13.93
CA ALA A 879 30.75 -25.90 -14.00
C ALA A 879 30.84 -24.69 -13.07
N LEU A 880 29.73 -24.01 -12.78
CA LEU A 880 29.82 -22.79 -12.01
C LEU A 880 29.37 -22.96 -10.56
N ASN A 881 28.85 -24.12 -10.18
CA ASN A 881 28.55 -24.39 -8.79
C ASN A 881 29.26 -25.63 -8.28
N GLU A 882 30.24 -26.15 -9.02
CA GLU A 882 31.11 -27.20 -8.52
C GLU A 882 31.97 -26.74 -7.36
N HIS A 883 32.26 -25.44 -7.28
CA HIS A 883 32.93 -24.84 -6.14
C HIS A 883 32.18 -23.56 -5.78
N GLN A 884 32.19 -23.23 -4.49
CA GLN A 884 31.46 -22.07 -4.00
C GLN A 884 32.11 -20.79 -4.48
N LEU A 885 31.32 -19.88 -5.04
CA LEU A 885 31.81 -18.67 -5.67
C LEU A 885 31.84 -17.51 -4.68
N SER A 886 32.89 -16.70 -4.76
CA SER A 886 32.98 -15.49 -3.97
C SER A 886 32.02 -14.44 -4.49
N THR A 887 31.74 -13.42 -3.67
CA THR A 887 30.80 -12.39 -4.10
C THR A 887 31.46 -11.41 -5.06
N HIS A 888 32.79 -11.41 -5.13
CA HIS A 888 33.47 -10.63 -6.15
C HIS A 888 33.38 -11.31 -7.51
N ASP A 889 33.42 -12.64 -7.53
CA ASP A 889 33.45 -13.36 -8.78
C ASP A 889 32.06 -13.52 -9.39
N MET A 890 31.01 -13.48 -8.57
CA MET A 890 29.65 -13.50 -9.11
C MET A 890 29.29 -12.19 -9.78
N ASN A 891 30.03 -11.11 -9.52
CA ASN A 891 29.89 -9.86 -10.22
C ASN A 891 30.63 -9.85 -11.56
N THR A 892 31.12 -11.00 -12.02
CA THR A 892 31.71 -11.16 -13.35
C THR A 892 30.91 -12.15 -14.18
N LEU A 893 29.65 -12.37 -13.83
CA LEU A 893 28.80 -13.32 -14.55
C LEU A 893 27.54 -12.60 -15.01
N ALA A 894 27.07 -12.96 -16.20
CA ALA A 894 25.88 -12.37 -16.77
C ALA A 894 25.17 -13.39 -17.64
N LEU A 895 23.85 -13.44 -17.53
CA LEU A 895 23.06 -14.41 -18.25
C LEU A 895 22.34 -13.73 -19.41
N VAL A 896 22.49 -14.30 -20.61
CA VAL A 896 21.85 -13.80 -21.82
C VAL A 896 21.13 -14.97 -22.47
N ILE A 897 19.81 -14.89 -22.56
CA ILE A 897 19.03 -15.99 -23.11
C ILE A 897 18.07 -15.44 -24.17
N ASP A 898 18.05 -16.10 -25.32
CA ASP A 898 17.15 -15.73 -26.40
C ASP A 898 15.70 -16.07 -26.02
N GLY A 899 14.75 -15.41 -26.68
CA GLY A 899 13.35 -15.65 -26.41
C GLY A 899 12.86 -17.00 -26.89
N LYS A 900 13.57 -17.66 -27.80
CA LYS A 900 13.18 -19.00 -28.21
C LYS A 900 13.67 -20.03 -27.19
N SER A 901 14.88 -19.84 -26.68
CA SER A 901 15.37 -20.68 -25.58
C SER A 901 14.63 -20.42 -24.28
N LEU A 902 14.11 -19.21 -24.08
CA LEU A 902 13.32 -18.93 -22.89
C LEU A 902 11.95 -19.59 -22.97
N GLY A 903 11.47 -19.88 -24.18
CA GLY A 903 10.24 -20.64 -24.30
C GLY A 903 10.39 -22.11 -23.98
N PHE A 904 11.62 -22.62 -24.03
CA PHE A 904 11.93 -23.99 -23.65
C PHE A 904 12.42 -24.11 -22.22
N ALA A 905 13.09 -23.08 -21.70
CA ALA A 905 13.56 -23.07 -20.32
C ALA A 905 12.47 -22.64 -19.34
N LEU A 906 11.24 -22.52 -19.79
CA LEU A 906 10.07 -22.37 -18.93
C LEU A 906 9.13 -23.56 -18.99
N GLU A 907 9.52 -24.64 -19.65
CA GLU A 907 8.90 -25.93 -19.40
C GLU A 907 9.11 -26.28 -17.93
N PRO A 908 8.10 -26.85 -17.27
CA PRO A 908 8.15 -27.02 -15.80
C PRO A 908 9.22 -28.00 -15.32
N GLU A 909 9.82 -28.79 -16.21
CA GLU A 909 10.93 -29.64 -15.81
C GLU A 909 12.23 -28.84 -15.77
N LEU A 910 12.29 -27.70 -16.45
CA LEU A 910 13.52 -26.93 -16.61
C LEU A 910 13.49 -25.60 -15.89
N GLU A 911 12.45 -25.34 -15.09
CA GLU A 911 12.28 -24.01 -14.50
C GLU A 911 13.27 -23.76 -13.37
N ASP A 912 13.77 -24.83 -12.74
CA ASP A 912 14.67 -24.65 -11.61
C ASP A 912 16.14 -24.66 -12.02
N TYR A 913 16.49 -25.29 -13.14
CA TYR A 913 17.83 -25.13 -13.68
C TYR A 913 18.09 -23.71 -14.16
N LEU A 914 17.05 -23.03 -14.66
CA LEU A 914 17.17 -21.65 -15.09
C LEU A 914 17.35 -20.70 -13.92
N LEU A 915 16.58 -20.87 -12.84
CA LEU A 915 16.73 -19.98 -11.70
C LEU A 915 17.99 -20.27 -10.89
N THR A 916 18.58 -21.45 -11.06
CA THR A 916 19.80 -21.74 -10.33
C THR A 916 21.00 -20.98 -10.90
N VAL A 917 21.03 -20.76 -12.21
CA VAL A 917 22.10 -19.97 -12.81
C VAL A 917 21.72 -18.49 -12.84
N ALA A 918 20.43 -18.16 -12.89
CA ALA A 918 20.01 -16.76 -12.88
C ALA A 918 20.21 -16.11 -11.53
N LYS A 919 20.24 -16.89 -10.44
CA LYS A 919 20.45 -16.32 -9.12
C LYS A 919 21.92 -16.18 -8.76
N LEU A 920 22.81 -16.80 -9.52
CA LEU A 920 24.24 -16.60 -9.30
C LEU A 920 24.86 -15.61 -10.28
N CYS A 921 24.06 -15.04 -11.19
CA CYS A 921 24.52 -14.02 -12.11
C CYS A 921 24.14 -12.64 -11.60
N LYS A 922 24.96 -11.65 -11.97
CA LYS A 922 24.70 -10.28 -11.54
C LYS A 922 23.55 -9.66 -12.34
N ALA A 923 23.55 -9.86 -13.65
CA ALA A 923 22.53 -9.30 -14.51
C ALA A 923 22.01 -10.38 -15.44
N VAL A 924 20.71 -10.32 -15.73
CA VAL A 924 20.06 -11.23 -16.66
C VAL A 924 19.45 -10.41 -17.77
N ILE A 925 19.73 -10.79 -19.02
CA ILE A 925 19.17 -10.15 -20.20
C ILE A 925 18.43 -11.20 -21.01
N CYS A 926 17.18 -10.92 -21.33
CA CYS A 926 16.38 -11.79 -22.18
C CYS A 926 15.98 -11.04 -23.44
N CYS A 927 16.33 -11.60 -24.60
CA CYS A 927 16.22 -10.91 -25.87
C CYS A 927 15.16 -11.57 -26.74
N ARG A 928 14.40 -10.75 -27.46
CA ARG A 928 13.39 -11.14 -28.45
C ARG A 928 12.32 -12.04 -27.80
N VAL A 929 11.75 -11.52 -26.73
CA VAL A 929 10.72 -12.22 -25.97
C VAL A 929 9.36 -11.66 -26.36
N SER A 930 8.36 -12.53 -26.40
CA SER A 930 7.01 -12.16 -26.78
C SER A 930 6.36 -11.34 -25.66
N PRO A 931 5.23 -10.69 -25.92
CA PRO A 931 4.48 -10.06 -24.82
C PRO A 931 3.99 -11.05 -23.77
N LEU A 932 3.69 -12.29 -24.14
CA LEU A 932 3.25 -13.27 -23.16
C LEU A 932 4.43 -13.81 -22.35
N GLN A 933 5.58 -14.02 -23.00
CA GLN A 933 6.76 -14.52 -22.30
C GLN A 933 7.32 -13.51 -21.31
N LYS A 934 7.03 -12.22 -21.47
CA LYS A 934 7.41 -11.24 -20.47
C LYS A 934 6.56 -11.37 -19.21
N ALA A 935 5.37 -11.96 -19.31
CA ALA A 935 4.55 -12.23 -18.16
C ALA A 935 4.88 -13.57 -17.50
N LEU A 936 5.22 -14.57 -18.30
CA LEU A 936 5.53 -15.89 -17.77
C LEU A 936 6.88 -15.95 -17.09
N VAL A 937 7.75 -14.96 -17.30
CA VAL A 937 8.98 -14.89 -16.53
C VAL A 937 8.69 -14.31 -15.15
N VAL A 938 7.84 -13.28 -15.09
CA VAL A 938 7.46 -12.69 -13.80
C VAL A 938 6.58 -13.66 -13.01
N LYS A 939 5.76 -14.45 -13.69
CA LYS A 939 4.95 -15.46 -13.02
C LYS A 939 5.76 -16.66 -12.58
N MET A 940 7.01 -16.79 -13.02
CA MET A 940 7.88 -17.89 -12.63
C MET A 940 8.74 -17.54 -11.43
N VAL A 941 9.18 -16.28 -11.32
CA VAL A 941 9.92 -15.86 -10.13
C VAL A 941 8.96 -15.61 -8.98
N LYS A 942 7.68 -15.34 -9.28
CA LYS A 942 6.70 -15.06 -8.24
C LYS A 942 6.35 -16.29 -7.43
N ARG A 943 6.18 -17.43 -8.09
CA ARG A 943 5.74 -18.65 -7.41
C ARG A 943 6.90 -19.55 -7.01
N LYS A 944 8.14 -19.17 -7.29
CA LYS A 944 9.27 -19.98 -6.88
C LYS A 944 10.08 -19.30 -5.79
N SER A 945 9.72 -18.08 -5.42
CA SER A 945 10.39 -17.35 -4.35
C SER A 945 9.36 -16.54 -3.58
N SER A 946 9.81 -15.93 -2.48
CA SER A 946 8.99 -15.05 -1.68
C SER A 946 9.34 -13.59 -1.90
N SER A 947 10.18 -13.31 -2.89
CA SER A 947 10.63 -11.95 -3.13
C SER A 947 9.56 -11.17 -3.90
N LEU A 948 9.58 -9.85 -3.73
CA LEU A 948 8.65 -8.98 -4.44
C LEU A 948 9.28 -8.44 -5.71
N LEU A 949 8.49 -8.39 -6.77
CA LEU A 949 8.99 -8.08 -8.11
C LEU A 949 8.35 -6.81 -8.62
N LEU A 950 9.15 -6.00 -9.30
CA LEU A 950 8.69 -4.81 -9.99
C LEU A 950 8.92 -4.97 -11.48
N ALA A 951 7.99 -4.47 -12.28
CA ALA A 951 8.11 -4.55 -13.74
C ALA A 951 7.81 -3.18 -14.32
N ILE A 952 8.82 -2.57 -14.94
CA ILE A 952 8.68 -1.26 -15.56
C ILE A 952 8.78 -1.42 -17.07
N GLY A 953 7.95 -0.69 -17.79
CA GLY A 953 7.95 -0.80 -19.24
C GLY A 953 7.15 0.33 -19.85
N ASP A 954 7.08 0.31 -21.18
CA ASP A 954 6.25 1.23 -21.93
C ASP A 954 5.66 0.50 -23.12
N GLY A 955 4.56 1.02 -23.63
CA GLY A 955 3.91 0.42 -24.78
C GLY A 955 3.16 -0.85 -24.41
N ALA A 956 2.38 -1.32 -25.38
CA ALA A 956 1.49 -2.45 -25.15
C ALA A 956 2.20 -3.80 -25.29
N ASN A 957 3.50 -3.83 -25.54
CA ASN A 957 4.19 -5.11 -25.63
C ASN A 957 4.57 -5.63 -24.24
N ASP A 958 4.63 -4.73 -23.25
CA ASP A 958 4.82 -5.14 -21.88
C ASP A 958 3.65 -4.74 -21.00
N VAL A 959 2.42 -4.91 -21.47
CA VAL A 959 1.28 -4.65 -20.62
C VAL A 959 0.93 -5.89 -19.82
N SER A 960 1.19 -7.09 -20.36
CA SER A 960 0.96 -8.31 -19.60
C SER A 960 2.03 -8.52 -18.54
N MET A 961 3.22 -7.96 -18.75
CA MET A 961 4.26 -7.96 -17.74
C MET A 961 3.88 -7.12 -16.54
N ILE A 962 3.05 -6.10 -16.73
CA ILE A 962 2.71 -5.18 -15.68
C ILE A 962 1.53 -5.69 -14.85
N GLN A 963 0.59 -6.39 -15.50
CA GLN A 963 -0.49 -7.04 -14.76
C GLN A 963 0.02 -8.21 -13.93
N ALA A 964 1.14 -8.82 -14.33
CA ALA A 964 1.60 -10.03 -13.66
C ALA A 964 2.59 -9.76 -12.53
N ALA A 965 3.03 -8.52 -12.36
CA ALA A 965 4.00 -8.22 -11.32
C ALA A 965 3.30 -7.82 -10.03
N HIS A 966 4.09 -7.73 -8.96
CA HIS A 966 3.57 -7.24 -7.70
C HIS A 966 3.31 -5.75 -7.77
N VAL A 967 4.25 -4.99 -8.31
CA VAL A 967 4.06 -3.60 -8.68
C VAL A 967 4.37 -3.47 -10.16
N GLY A 968 3.46 -2.87 -10.91
CA GLY A 968 3.69 -2.59 -12.31
C GLY A 968 3.82 -1.09 -12.52
N VAL A 969 4.93 -0.68 -13.11
CA VAL A 969 5.21 0.71 -13.40
C VAL A 969 5.17 0.90 -14.90
N GLY A 970 4.59 2.00 -15.35
CA GLY A 970 4.57 2.35 -16.76
C GLY A 970 5.29 3.65 -17.00
N ILE A 971 5.88 3.79 -18.18
CA ILE A 971 6.44 5.06 -18.61
C ILE A 971 5.34 5.87 -19.26
N SER A 972 5.23 7.14 -18.87
CA SER A 972 4.09 7.96 -19.22
C SER A 972 4.16 8.45 -20.66
N GLY A 973 3.32 9.44 -20.96
CA GLY A 973 2.95 9.75 -22.32
C GLY A 973 4.09 10.27 -23.17
N MET A 974 4.52 9.48 -24.14
CA MET A 974 5.49 9.86 -25.16
C MET A 974 4.99 9.40 -26.52
N GLU A 975 3.76 9.79 -26.85
CA GLU A 975 3.01 9.55 -28.10
C GLU A 975 2.56 8.09 -28.23
N GLY A 976 2.95 7.23 -27.31
CA GLY A 976 2.60 5.82 -27.40
C GLY A 976 2.18 5.19 -26.08
N MET A 977 1.43 5.91 -25.25
CA MET A 977 1.09 5.40 -23.92
C MET A 977 0.03 4.31 -24.05
N GLN A 978 0.37 3.11 -23.57
CA GLN A 978 -0.64 2.12 -23.22
C GLN A 978 -0.28 1.35 -21.96
N ALA A 979 1.00 1.23 -21.63
CA ALA A 979 1.40 0.62 -20.37
C ALA A 979 1.10 1.53 -19.19
N ALA A 980 1.25 2.84 -19.37
CA ALA A 980 1.02 3.78 -18.28
C ALA A 980 -0.45 3.94 -17.94
N ARG A 981 -1.35 3.53 -18.82
CA ARG A 981 -2.76 3.45 -18.45
C ARG A 981 -3.01 2.26 -17.53
N SER A 982 -2.60 1.07 -17.96
CA SER A 982 -2.85 -0.16 -17.23
C SER A 982 -1.93 -0.36 -16.04
N ALA A 983 -1.06 0.60 -15.74
CA ALA A 983 -0.09 0.38 -14.68
C ALA A 983 -0.66 0.78 -13.33
N ASP A 984 0.10 0.47 -12.29
CA ASP A 984 -0.24 0.88 -10.94
C ASP A 984 0.33 2.26 -10.64
N ILE A 985 1.56 2.51 -11.10
CA ILE A 985 2.19 3.82 -11.05
C ILE A 985 2.62 4.14 -12.47
N ALA A 986 2.42 5.38 -12.89
CA ALA A 986 2.86 5.85 -14.20
C ALA A 986 3.87 6.97 -13.98
N VAL A 987 5.14 6.68 -14.21
CA VAL A 987 6.22 7.63 -13.96
C VAL A 987 6.62 8.30 -15.26
N GLY A 988 7.37 9.40 -15.14
CA GLY A 988 7.76 10.15 -16.31
C GLY A 988 8.86 9.48 -17.10
N GLN A 989 9.88 8.98 -16.41
CA GLN A 989 10.97 8.27 -17.07
C GLN A 989 11.57 7.26 -16.10
N PHE A 990 12.66 6.62 -16.53
CA PHE A 990 13.24 5.54 -15.75
C PHE A 990 13.98 6.04 -14.52
N LYS A 991 14.55 7.24 -14.58
CA LYS A 991 15.34 7.76 -13.46
C LYS A 991 14.51 8.06 -12.23
N PHE A 992 13.19 8.14 -12.36
CA PHE A 992 12.31 8.35 -11.21
C PHE A 992 12.13 7.09 -10.37
N LEU A 993 12.60 5.94 -10.86
CA LEU A 993 12.54 4.70 -10.08
C LEU A 993 13.48 4.73 -8.88
N LYS A 994 14.48 5.60 -8.88
CA LYS A 994 15.40 5.66 -7.75
C LYS A 994 14.72 6.29 -6.53
N LYS A 995 14.11 7.46 -6.69
CA LYS A 995 13.49 8.12 -5.56
C LYS A 995 12.17 7.46 -5.18
N LEU A 996 11.52 6.78 -6.13
CA LEU A 996 10.26 6.10 -5.82
C LEU A 996 10.48 4.90 -4.92
N LEU A 997 11.59 4.18 -5.12
CA LEU A 997 11.88 3.00 -4.31
C LEU A 997 12.66 3.32 -3.05
N LEU A 998 13.71 4.12 -3.18
CA LEU A 998 14.63 4.31 -2.06
C LEU A 998 14.10 5.29 -1.03
N VAL A 999 13.18 6.17 -1.40
CA VAL A 999 12.64 7.19 -0.49
C VAL A 999 11.15 6.95 -0.22
N HIS A 1000 10.32 7.01 -1.26
CA HIS A 1000 8.89 6.86 -1.06
C HIS A 1000 8.49 5.42 -0.80
N GLY A 1001 9.32 4.47 -1.19
CA GLY A 1001 9.01 3.08 -0.93
C GLY A 1001 9.41 2.66 0.47
N SER A 1002 10.60 3.06 0.90
CA SER A 1002 11.07 2.66 2.22
C SER A 1002 10.40 3.46 3.32
N TRP A 1003 9.89 4.65 3.02
CA TRP A 1003 9.05 5.36 3.98
C TRP A 1003 7.71 4.67 4.13
N SER A 1004 7.10 4.28 3.02
CA SER A 1004 5.75 3.71 3.06
C SER A 1004 5.73 2.32 3.67
N TYR A 1005 6.86 1.62 3.72
CA TYR A 1005 6.87 0.35 4.41
C TYR A 1005 7.14 0.54 5.90
N GLN A 1006 8.02 1.47 6.26
CA GLN A 1006 8.37 1.63 7.65
C GLN A 1006 7.29 2.36 8.43
N ARG A 1007 6.56 3.27 7.78
CA ARG A 1007 5.51 4.00 8.48
C ARG A 1007 4.26 3.16 8.66
N ILE A 1008 3.89 2.37 7.66
CA ILE A 1008 2.72 1.51 7.76
C ILE A 1008 2.94 0.36 8.73
N SER A 1009 4.16 -0.16 8.86
CA SER A 1009 4.44 -1.23 9.80
C SER A 1009 4.33 -0.76 11.25
N VAL A 1010 4.60 0.53 11.50
CA VAL A 1010 4.42 1.06 12.84
C VAL A 1010 2.97 1.44 13.08
N ALA A 1011 2.24 1.86 12.05
CA ALA A 1011 0.84 2.22 12.22
C ALA A 1011 -0.06 1.00 12.36
N ILE A 1012 0.43 -0.20 12.03
CA ILE A 1012 -0.38 -1.40 12.20
C ILE A 1012 -0.11 -2.03 13.56
N LEU A 1013 1.15 -2.04 13.99
CA LEU A 1013 1.49 -2.53 15.32
C LEU A 1013 0.93 -1.65 16.43
N TYR A 1014 0.63 -0.40 16.13
CA TYR A 1014 -0.04 0.46 17.11
C TYR A 1014 -1.54 0.17 17.16
N SER A 1015 -2.17 -0.07 16.01
CA SER A 1015 -3.61 -0.33 16.00
C SER A 1015 -3.95 -1.70 16.59
N PHE A 1016 -2.98 -2.62 16.55
CA PHE A 1016 -3.15 -3.87 17.29
C PHE A 1016 -3.00 -3.63 18.79
N TYR A 1017 -2.09 -2.73 19.16
CA TYR A 1017 -1.88 -2.43 20.57
C TYR A 1017 -3.04 -1.62 21.14
N LYS A 1018 -3.67 -0.77 20.32
CA LYS A 1018 -4.62 0.20 20.85
C LYS A 1018 -5.95 -0.46 21.21
N ASN A 1019 -6.26 -1.59 20.59
CA ASN A 1019 -7.47 -2.32 20.91
C ASN A 1019 -7.22 -3.38 21.98
N THR A 1020 -5.98 -3.54 22.42
CA THR A 1020 -5.63 -4.43 23.50
C THR A 1020 -5.50 -3.72 24.83
N ALA A 1021 -5.06 -2.46 24.83
CA ALA A 1021 -4.96 -1.71 26.07
C ALA A 1021 -6.32 -1.27 26.60
N LEU A 1022 -7.35 -1.23 25.75
CA LEU A 1022 -8.68 -0.88 26.20
C LEU A 1022 -9.52 -2.11 26.52
N TYR A 1023 -9.71 -2.99 25.53
CA TYR A 1023 -10.69 -4.06 25.64
C TYR A 1023 -10.22 -5.24 26.47
N MET A 1024 -9.01 -5.21 27.02
CA MET A 1024 -8.62 -6.28 27.92
C MET A 1024 -8.99 -6.00 29.37
N THR A 1025 -9.45 -4.79 29.68
CA THR A 1025 -10.08 -4.54 30.96
C THR A 1025 -11.41 -5.25 31.09
N GLN A 1026 -12.01 -5.67 29.99
CA GLN A 1026 -13.18 -6.55 30.06
C GLN A 1026 -12.78 -7.93 30.55
N PHE A 1027 -11.54 -8.36 30.31
CA PHE A 1027 -11.14 -9.69 30.73
C PHE A 1027 -10.75 -9.73 32.20
N TRP A 1028 -10.08 -8.70 32.70
CA TRP A 1028 -9.79 -8.70 34.13
C TRP A 1028 -11.02 -8.45 34.97
N TYR A 1029 -12.09 -7.92 34.38
CA TYR A 1029 -13.34 -7.72 35.07
C TYR A 1029 -14.12 -9.00 35.27
N VAL A 1030 -13.83 -10.08 34.54
CA VAL A 1030 -14.61 -11.30 34.70
C VAL A 1030 -14.24 -12.04 35.98
N PHE A 1031 -13.11 -11.72 36.59
CA PHE A 1031 -12.80 -12.25 37.90
C PHE A 1031 -13.47 -11.47 39.02
N ALA A 1032 -14.07 -10.32 38.71
CA ALA A 1032 -14.72 -9.48 39.70
C ALA A 1032 -16.22 -9.35 39.50
N ASN A 1033 -16.82 -10.12 38.58
CA ASN A 1033 -18.28 -10.15 38.46
C ASN A 1033 -18.79 -11.57 38.31
N ALA A 1034 -18.06 -12.54 38.85
CA ALA A 1034 -18.40 -13.96 38.88
C ALA A 1034 -18.55 -14.54 37.47
N PHE A 1035 -17.69 -14.09 36.56
CA PHE A 1035 -17.57 -14.60 35.18
C PHE A 1035 -18.86 -14.45 34.40
N SER A 1036 -19.55 -13.33 34.60
CA SER A 1036 -20.81 -13.09 33.91
C SER A 1036 -20.63 -12.42 32.57
N GLY A 1037 -19.59 -11.59 32.43
CA GLY A 1037 -19.36 -10.89 31.19
C GLY A 1037 -19.91 -9.48 31.14
N GLN A 1038 -19.96 -8.79 32.28
CA GLN A 1038 -20.53 -7.46 32.31
C GLN A 1038 -19.56 -6.45 31.71
N SER A 1039 -20.08 -5.57 30.87
CA SER A 1039 -19.25 -4.56 30.22
C SER A 1039 -18.81 -3.51 31.21
N ILE A 1040 -17.52 -3.21 31.19
CA ILE A 1040 -16.96 -2.23 32.12
C ILE A 1040 -17.29 -0.81 31.66
N MET A 1041 -17.48 -0.61 30.36
CA MET A 1041 -17.76 0.69 29.78
C MET A 1041 -19.06 0.65 28.99
N GLU A 1042 -19.51 1.83 28.60
CA GLU A 1042 -20.78 1.98 27.90
C GLU A 1042 -20.69 1.40 26.49
N SER A 1043 -21.85 1.04 25.94
CA SER A 1043 -21.93 0.32 24.68
C SER A 1043 -21.53 1.21 23.50
N TRP A 1044 -21.99 2.46 23.48
CA TRP A 1044 -21.68 3.35 22.37
C TRP A 1044 -20.40 4.12 22.57
N THR A 1045 -19.93 4.24 23.81
CA THR A 1045 -18.66 4.92 24.06
C THR A 1045 -17.50 4.09 23.51
N MET A 1046 -17.65 2.78 23.48
CA MET A 1046 -16.57 1.92 23.00
C MET A 1046 -16.47 1.90 21.47
N SER A 1047 -17.58 2.17 20.77
CA SER A 1047 -17.49 2.28 19.31
C SER A 1047 -16.85 3.58 18.88
N PHE A 1048 -16.93 4.62 19.72
CA PHE A 1048 -16.31 5.89 19.38
C PHE A 1048 -14.81 5.86 19.58
N TYR A 1049 -14.31 4.81 20.26
CA TYR A 1049 -12.87 4.65 20.45
C TYR A 1049 -12.19 4.34 19.12
N ASN A 1050 -12.83 3.55 18.27
CA ASN A 1050 -12.21 3.17 17.00
C ASN A 1050 -12.49 4.19 15.92
N LEU A 1051 -13.43 5.10 16.14
CA LEU A 1051 -13.94 5.93 15.05
C LEU A 1051 -13.53 7.38 15.18
N PHE A 1052 -13.45 7.91 16.41
CA PHE A 1052 -13.16 9.33 16.57
C PHE A 1052 -11.87 9.59 17.32
N PHE A 1053 -11.69 8.98 18.50
CA PHE A 1053 -10.71 9.48 19.45
C PHE A 1053 -9.35 8.83 19.34
N THR A 1054 -9.24 7.67 18.69
CA THR A 1054 -7.94 7.04 18.46
C THR A 1054 -7.77 6.61 17.01
N VAL A 1055 -8.36 7.33 16.07
CA VAL A 1055 -8.18 6.99 14.67
C VAL A 1055 -7.15 7.91 14.01
N TRP A 1056 -6.89 9.08 14.58
CA TRP A 1056 -5.94 10.03 14.02
C TRP A 1056 -4.47 9.69 14.29
N PRO A 1057 -4.03 9.24 15.48
CA PRO A 1057 -2.61 8.89 15.63
C PRO A 1057 -2.17 7.65 14.85
N PRO A 1058 -3.05 6.67 14.53
CA PRO A 1058 -2.65 5.72 13.48
C PRO A 1058 -2.46 6.34 12.11
N PHE A 1059 -3.24 7.37 11.79
CA PHE A 1059 -3.12 8.01 10.48
C PHE A 1059 -1.85 8.85 10.38
N VAL A 1060 -1.59 9.67 11.38
CA VAL A 1060 -0.53 10.66 11.30
C VAL A 1060 0.85 10.03 11.48
N ILE A 1061 0.93 8.92 12.24
CA ILE A 1061 2.18 8.18 12.34
C ILE A 1061 2.55 7.58 10.98
N GLY A 1062 1.58 7.02 10.28
CA GLY A 1062 1.84 6.42 8.99
C GLY A 1062 2.02 7.40 7.85
N VAL A 1063 1.81 8.69 8.09
CA VAL A 1063 1.80 9.66 6.99
C VAL A 1063 2.84 10.76 7.19
N PHE A 1064 2.78 11.48 8.31
CA PHE A 1064 3.57 12.68 8.49
C PHE A 1064 4.80 12.45 9.36
N ASP A 1065 5.21 11.21 9.57
CA ASP A 1065 6.31 10.92 10.48
C ASP A 1065 7.44 10.26 9.71
N GLN A 1066 8.36 11.07 9.21
CA GLN A 1066 9.54 10.57 8.50
C GLN A 1066 10.51 10.01 9.52
N PHE A 1067 10.71 8.69 9.49
CA PHE A 1067 11.57 8.03 10.44
C PHE A 1067 13.04 8.26 10.16
N VAL A 1068 13.40 8.54 8.90
CA VAL A 1068 14.77 8.85 8.52
C VAL A 1068 14.71 9.79 7.34
N SER A 1069 15.79 10.56 7.14
CA SER A 1069 15.78 11.66 6.20
C SER A 1069 15.75 11.19 4.76
N SER A 1070 15.13 11.99 3.91
CA SER A 1070 15.16 11.73 2.48
C SER A 1070 16.53 12.01 1.89
N ARG A 1071 17.32 12.87 2.54
CA ARG A 1071 18.68 13.13 2.09
C ARG A 1071 19.61 11.97 2.45
N LEU A 1072 19.24 11.17 3.45
CA LEU A 1072 20.08 10.06 3.86
C LEU A 1072 19.74 8.77 3.11
N LEU A 1073 18.50 8.63 2.66
CA LEU A 1073 18.10 7.42 1.95
C LEU A 1073 18.65 7.38 0.54
N GLU A 1074 18.84 8.54 -0.08
CA GLU A 1074 19.42 8.57 -1.42
C GLU A 1074 20.94 8.45 -1.37
N ARG A 1075 21.56 8.91 -0.29
CA ARG A 1075 23.02 8.93 -0.23
C ARG A 1075 23.60 7.55 0.06
N TYR A 1076 22.97 6.79 0.96
CA TYR A 1076 23.40 5.45 1.33
C TYR A 1076 22.33 4.46 0.89
N PRO A 1077 22.43 3.90 -0.32
CA PRO A 1077 21.37 3.03 -0.83
C PRO A 1077 21.30 1.67 -0.17
N GLN A 1078 22.28 1.27 0.62
CA GLN A 1078 22.25 -0.02 1.28
C GLN A 1078 21.36 -0.05 2.52
N LEU A 1079 20.74 1.08 2.87
CA LEU A 1079 19.70 1.12 3.89
C LEU A 1079 18.39 0.55 3.39
N TYR A 1080 18.26 0.29 2.09
CA TYR A 1080 17.06 -0.33 1.54
C TYR A 1080 16.90 -1.78 1.97
N LYS A 1081 17.98 -2.43 2.38
CA LYS A 1081 17.92 -3.83 2.76
C LYS A 1081 17.27 -4.05 4.12
N LEU A 1082 17.02 -3.00 4.90
CA LEU A 1082 16.29 -3.15 6.14
C LEU A 1082 14.83 -3.49 5.88
N GLY A 1083 14.25 -2.94 4.80
CA GLY A 1083 12.88 -3.28 4.46
C GLY A 1083 12.76 -4.57 3.70
N GLN A 1084 13.82 -5.00 3.02
CA GLN A 1084 13.77 -6.25 2.25
C GLN A 1084 13.72 -7.48 3.15
N LYS A 1085 14.44 -7.45 4.27
CA LYS A 1085 14.42 -8.57 5.20
C LYS A 1085 13.16 -8.63 6.05
N GLY A 1086 12.37 -7.55 6.09
CA GLY A 1086 11.19 -7.53 6.92
C GLY A 1086 11.50 -7.41 8.39
N GLN A 1087 12.45 -6.55 8.77
CA GLN A 1087 12.81 -6.39 10.17
C GLN A 1087 11.76 -5.61 10.95
N PHE A 1088 10.96 -4.80 10.28
CA PHE A 1088 10.02 -3.93 10.97
C PHE A 1088 8.70 -4.62 11.26
N PHE A 1089 8.27 -5.55 10.40
CA PHE A 1089 6.90 -6.06 10.44
C PHE A 1089 6.95 -7.59 10.35
N SER A 1090 6.90 -8.24 11.50
CA SER A 1090 6.87 -9.68 11.57
C SER A 1090 5.71 -10.08 12.48
N VAL A 1091 5.64 -11.37 12.82
CA VAL A 1091 4.67 -11.84 13.80
C VAL A 1091 5.31 -11.93 15.18
N TYR A 1092 6.64 -12.11 15.25
CA TYR A 1092 7.32 -12.13 16.53
C TYR A 1092 7.36 -10.75 17.18
N ILE A 1093 7.56 -9.69 16.39
CA ILE A 1093 7.54 -8.35 16.96
C ILE A 1093 6.12 -7.86 17.20
N PHE A 1094 5.13 -8.56 16.64
CA PHE A 1094 3.73 -8.30 16.95
C PHE A 1094 3.40 -8.72 18.39
N TRP A 1095 4.14 -9.68 18.95
CA TRP A 1095 3.90 -10.11 20.32
C TRP A 1095 4.47 -9.16 21.35
N GLY A 1096 5.38 -8.26 20.97
CA GLY A 1096 5.85 -7.28 21.92
C GLY A 1096 4.91 -6.12 22.10
N TRP A 1097 3.91 -5.99 21.24
CA TRP A 1097 2.89 -4.96 21.36
C TRP A 1097 1.62 -5.48 22.02
N ILE A 1098 1.25 -6.74 21.75
CA ILE A 1098 0.09 -7.34 22.41
C ILE A 1098 0.36 -7.60 23.89
N ILE A 1099 1.57 -8.03 24.24
CA ILE A 1099 1.93 -8.13 25.66
C ILE A 1099 2.07 -6.74 26.29
N ASN A 1100 2.45 -5.75 25.50
CA ASN A 1100 2.40 -4.37 25.99
C ASN A 1100 0.96 -3.89 26.14
N GLY A 1101 0.03 -4.46 25.38
CA GLY A 1101 -1.37 -4.15 25.57
C GLY A 1101 -1.96 -4.83 26.79
N PHE A 1102 -1.43 -6.00 27.16
CA PHE A 1102 -1.89 -6.67 28.36
C PHE A 1102 -1.39 -5.98 29.62
N PHE A 1103 -0.15 -5.50 29.60
CA PHE A 1103 0.44 -4.85 30.75
C PHE A 1103 -0.17 -3.50 31.01
N HIS A 1104 -0.56 -2.78 29.96
CA HIS A 1104 -1.21 -1.49 30.14
C HIS A 1104 -2.65 -1.63 30.58
N SER A 1105 -3.29 -2.74 30.21
CA SER A 1105 -4.66 -2.99 30.59
C SER A 1105 -4.77 -3.44 32.04
N ALA A 1106 -3.74 -4.09 32.57
CA ALA A 1106 -3.76 -4.52 33.96
C ALA A 1106 -3.39 -3.40 34.91
N ILE A 1107 -2.89 -2.28 34.43
CA ILE A 1107 -2.61 -1.14 35.29
C ILE A 1107 -3.84 -0.24 35.41
N VAL A 1108 -4.61 -0.10 34.33
CA VAL A 1108 -5.88 0.62 34.38
C VAL A 1108 -6.85 -0.09 35.31
N PHE A 1109 -6.90 -1.41 35.25
CA PHE A 1109 -7.86 -2.15 36.06
C PHE A 1109 -7.46 -2.15 37.53
N ILE A 1110 -6.25 -2.60 37.85
CA ILE A 1110 -5.81 -2.66 39.24
C ILE A 1110 -5.62 -1.25 39.81
N GLY A 1111 -5.32 -0.27 38.97
CA GLY A 1111 -5.21 1.08 39.45
C GLY A 1111 -6.54 1.74 39.79
N THR A 1112 -7.61 1.39 39.08
CA THR A 1112 -8.92 1.99 39.31
C THR A 1112 -9.85 1.11 40.13
N ILE A 1113 -9.37 0.00 40.67
CA ILE A 1113 -10.15 -0.71 41.69
C ILE A 1113 -9.61 -0.46 43.09
N LEU A 1114 -8.42 0.12 43.21
CA LEU A 1114 -7.90 0.51 44.51
C LEU A 1114 -8.34 1.92 44.86
N ILE A 1115 -8.28 2.83 43.89
CA ILE A 1115 -9.19 3.97 43.91
C ILE A 1115 -10.57 3.45 43.55
N TYR A 1116 -11.61 4.17 43.98
CA TYR A 1116 -13.02 3.76 43.84
C TYR A 1116 -13.26 2.39 44.47
N ARG A 1117 -12.79 2.21 45.71
CA ARG A 1117 -12.77 0.88 46.32
C ARG A 1117 -14.17 0.38 46.63
N TYR A 1118 -14.95 1.20 47.34
CA TYR A 1118 -16.35 0.87 47.60
C TYR A 1118 -17.29 1.77 46.82
N GLY A 1119 -16.76 2.50 45.84
CA GLY A 1119 -17.44 3.65 45.29
C GLY A 1119 -17.27 4.89 46.12
N PHE A 1120 -16.54 4.82 47.22
CA PHE A 1120 -16.40 5.91 48.17
C PHE A 1120 -15.20 6.77 47.83
N ALA A 1121 -15.28 7.41 46.66
CA ALA A 1121 -14.22 8.26 46.16
C ALA A 1121 -14.64 9.70 45.95
N LEU A 1122 -15.92 10.01 46.04
CA LEU A 1122 -16.39 11.35 45.78
C LEU A 1122 -16.43 12.15 47.07
N ASN A 1123 -16.55 13.47 46.92
CA ASN A 1123 -16.93 14.35 48.03
C ASN A 1123 -18.09 15.18 47.49
N MET A 1124 -19.29 14.59 47.48
CA MET A 1124 -20.49 15.32 47.11
C MET A 1124 -21.59 14.95 48.10
N HIS A 1125 -21.53 15.55 49.29
CA HIS A 1125 -22.50 15.36 50.38
C HIS A 1125 -22.75 13.87 50.69
N GLY A 1126 -21.69 13.07 50.61
CA GLY A 1126 -21.78 11.66 50.91
C GLY A 1126 -22.19 10.76 49.78
N GLU A 1127 -22.34 11.27 48.57
CA GLU A 1127 -22.72 10.43 47.45
C GLU A 1127 -21.54 9.57 46.99
N LEU A 1128 -21.86 8.46 46.33
CA LEU A 1128 -20.88 7.46 45.94
C LEU A 1128 -20.83 7.32 44.43
N ALA A 1129 -19.65 6.99 43.91
CA ALA A 1129 -19.49 6.73 42.49
C ALA A 1129 -20.01 5.33 42.16
N ASP A 1130 -20.80 5.24 41.10
CA ASP A 1130 -21.46 3.99 40.74
C ASP A 1130 -20.62 3.20 39.74
N HIS A 1131 -21.25 2.21 39.12
CA HIS A 1131 -20.60 1.36 38.13
C HIS A 1131 -20.23 2.14 36.87
N TRP A 1132 -21.01 3.16 36.52
CA TRP A 1132 -20.79 3.88 35.28
C TRP A 1132 -19.91 5.10 35.45
N SER A 1133 -19.77 5.63 36.66
CA SER A 1133 -18.80 6.70 36.87
C SER A 1133 -17.38 6.15 36.94
N TRP A 1134 -17.23 4.89 37.33
CA TRP A 1134 -15.93 4.25 37.31
C TRP A 1134 -15.57 3.78 35.91
N GLY A 1135 -16.58 3.41 35.11
CA GLY A 1135 -16.32 2.96 33.75
C GLY A 1135 -15.87 4.07 32.82
N VAL A 1136 -16.20 5.32 33.16
CA VAL A 1136 -15.72 6.45 32.36
C VAL A 1136 -14.26 6.76 32.72
N THR A 1137 -13.89 6.54 33.98
CA THR A 1137 -12.50 6.71 34.38
C THR A 1137 -11.60 5.64 33.79
N VAL A 1138 -12.15 4.45 33.53
CA VAL A 1138 -11.35 3.41 32.88
C VAL A 1138 -11.19 3.73 31.40
N TYR A 1139 -12.25 4.24 30.76
CA TYR A 1139 -12.19 4.60 29.35
C TYR A 1139 -11.26 5.78 29.11
N THR A 1140 -11.31 6.78 29.99
CA THR A 1140 -10.53 7.99 29.76
C THR A 1140 -9.05 7.75 30.06
N THR A 1141 -8.75 6.94 31.07
CA THR A 1141 -7.35 6.61 31.38
C THR A 1141 -6.74 5.76 30.27
N SER A 1142 -7.53 4.88 29.66
CA SER A 1142 -7.04 4.09 28.56
C SER A 1142 -6.95 4.89 27.26
N VAL A 1143 -7.53 6.09 27.21
CA VAL A 1143 -7.32 6.97 26.07
C VAL A 1143 -6.03 7.76 26.22
N ILE A 1144 -5.78 8.30 27.42
CA ILE A 1144 -4.56 9.06 27.67
C ILE A 1144 -3.33 8.14 27.66
N ILE A 1145 -3.50 6.86 27.97
CA ILE A 1145 -2.39 5.92 27.89
C ILE A 1145 -2.03 5.65 26.43
N VAL A 1146 -3.04 5.43 25.59
CA VAL A 1146 -2.76 5.03 24.22
C VAL A 1146 -2.44 6.24 23.34
N LEU A 1147 -2.77 7.46 23.77
CA LEU A 1147 -2.30 8.63 23.05
C LEU A 1147 -0.93 9.04 23.52
N GLY A 1148 -0.61 8.77 24.79
CA GLY A 1148 0.73 9.00 25.28
C GLY A 1148 1.74 7.98 24.76
N LYS A 1149 1.27 6.82 24.33
CA LYS A 1149 2.16 5.87 23.68
C LYS A 1149 2.49 6.32 22.25
N ALA A 1150 1.48 6.80 21.52
CA ALA A 1150 1.70 7.34 20.18
C ALA A 1150 2.54 8.62 20.20
N ALA A 1151 2.57 9.34 21.31
CA ALA A 1151 3.45 10.48 21.46
C ALA A 1151 4.89 10.09 21.74
N LEU A 1152 5.13 8.83 22.11
CA LEU A 1152 6.48 8.30 22.26
C LEU A 1152 6.91 7.47 21.06
N VAL A 1153 5.94 6.86 20.38
CA VAL A 1153 6.22 6.06 19.20
C VAL A 1153 6.65 6.94 18.02
N THR A 1154 6.03 8.12 17.88
CA THR A 1154 6.29 8.97 16.73
C THR A 1154 7.67 9.61 16.82
N ASN A 1155 8.28 9.82 15.64
CA ASN A 1155 9.62 10.34 15.54
C ASN A 1155 9.70 11.83 15.28
N GLN A 1156 8.68 12.41 14.64
CA GLN A 1156 8.75 13.78 14.16
C GLN A 1156 7.44 14.47 14.44
N TRP A 1157 7.51 15.64 15.08
CA TRP A 1157 6.34 16.37 15.56
C TRP A 1157 6.07 17.56 14.65
N THR A 1158 5.20 17.38 13.65
CA THR A 1158 4.73 18.48 12.83
C THR A 1158 3.57 19.18 13.54
N LYS A 1159 2.87 20.05 12.83
CA LYS A 1159 1.66 20.65 13.39
C LYS A 1159 0.42 19.79 13.14
N PHE A 1160 0.51 18.80 12.26
CA PHE A 1160 -0.58 17.86 12.09
C PHE A 1160 -0.58 16.75 13.13
N THR A 1161 0.51 16.59 13.87
CA THR A 1161 0.50 15.67 15.00
C THR A 1161 -0.10 16.32 16.23
N LEU A 1162 -0.04 17.66 16.32
CA LEU A 1162 -0.64 18.36 17.45
C LEU A 1162 -2.16 18.34 17.40
N ILE A 1163 -2.75 18.15 16.23
CA ILE A 1163 -4.19 18.01 16.15
C ILE A 1163 -4.60 16.55 16.32
N ALA A 1164 -3.67 15.62 16.18
CA ALA A 1164 -3.97 14.20 16.28
C ALA A 1164 -3.75 13.65 17.68
N ILE A 1165 -2.53 13.77 18.20
CA ILE A 1165 -2.21 13.09 19.45
C ILE A 1165 -2.72 13.87 20.67
N PRO A 1166 -2.44 15.16 20.89
CA PRO A 1166 -3.11 15.83 22.02
C PRO A 1166 -4.40 16.51 21.64
N GLY A 1167 -4.79 16.50 20.37
CA GLY A 1167 -6.04 17.09 19.94
C GLY A 1167 -7.19 16.13 19.86
N SER A 1168 -6.94 14.84 20.01
CA SER A 1168 -8.02 13.88 20.18
C SER A 1168 -8.28 13.57 21.64
N LEU A 1169 -7.39 14.00 22.53
CA LEU A 1169 -7.72 14.01 23.95
C LEU A 1169 -8.63 15.19 24.28
N LEU A 1170 -8.31 16.38 23.76
CA LEU A 1170 -9.18 17.54 23.90
C LEU A 1170 -10.50 17.34 23.17
N PHE A 1171 -10.51 16.51 22.12
CA PHE A 1171 -11.75 16.16 21.46
C PHE A 1171 -12.66 15.36 22.40
N TRP A 1172 -12.13 14.34 23.08
CA TRP A 1172 -12.96 13.50 23.94
C TRP A 1172 -13.38 14.23 25.20
N LEU A 1173 -12.54 15.13 25.72
CA LEU A 1173 -12.88 15.87 26.92
C LEU A 1173 -13.90 16.97 26.69
N ILE A 1174 -14.30 17.21 25.43
CA ILE A 1174 -15.32 18.19 25.11
C ILE A 1174 -16.53 17.44 24.58
N PHE A 1175 -16.29 16.34 23.85
CA PHE A 1175 -17.37 15.52 23.33
C PHE A 1175 -18.17 14.87 24.45
N PHE A 1176 -17.51 14.44 25.52
CA PHE A 1176 -18.20 13.67 26.55
C PHE A 1176 -19.21 14.46 27.38
N PRO A 1177 -18.98 15.71 27.82
CA PRO A 1177 -20.08 16.42 28.49
C PRO A 1177 -21.21 16.83 27.55
N ILE A 1178 -20.95 16.88 26.25
CA ILE A 1178 -22.00 17.25 25.31
C ILE A 1178 -22.78 16.01 24.88
N TYR A 1179 -22.10 14.88 24.72
CA TYR A 1179 -22.78 13.63 24.36
C TYR A 1179 -23.65 13.14 25.50
N ALA A 1180 -23.17 13.27 26.74
CA ALA A 1180 -23.89 12.71 27.87
C ALA A 1180 -24.86 13.68 28.52
N SER A 1181 -25.05 14.87 27.93
CA SER A 1181 -26.09 15.78 28.37
C SER A 1181 -27.13 16.05 27.29
N ILE A 1182 -27.07 15.32 26.18
CA ILE A 1182 -28.03 15.50 25.09
C ILE A 1182 -28.65 14.16 24.76
N PHE A 1183 -27.82 13.16 24.54
CA PHE A 1183 -28.26 11.85 24.10
C PHE A 1183 -29.03 11.00 25.11
N PRO A 1184 -28.76 11.03 26.44
CA PRO A 1184 -29.66 10.33 27.37
C PRO A 1184 -31.11 10.79 27.32
N HIS A 1185 -31.36 12.05 26.97
CA HIS A 1185 -32.74 12.53 26.86
C HIS A 1185 -33.42 12.02 25.60
N ALA A 1186 -32.65 11.48 24.65
CA ALA A 1186 -33.19 10.84 23.47
C ALA A 1186 -33.24 9.33 23.60
N ASN A 1187 -33.08 8.81 24.84
CA ASN A 1187 -33.05 7.38 25.15
C ASN A 1187 -31.94 6.64 24.41
N ILE A 1188 -30.79 7.31 24.28
CA ILE A 1188 -29.58 6.72 23.73
C ILE A 1188 -28.51 6.88 24.79
N SER A 1189 -27.90 5.77 25.20
CA SER A 1189 -26.87 5.71 26.25
C SER A 1189 -27.42 6.28 27.56
N ARG A 1190 -28.45 5.61 28.07
CA ARG A 1190 -29.15 6.00 29.29
C ARG A 1190 -28.38 5.69 30.55
N GLU A 1191 -27.13 5.24 30.48
CA GLU A 1191 -26.32 5.02 31.65
C GLU A 1191 -25.59 6.28 32.09
N TYR A 1192 -25.82 7.40 31.43
CA TYR A 1192 -25.05 8.61 31.64
C TYR A 1192 -25.89 9.76 32.21
N TYR A 1193 -26.91 9.47 33.01
CA TYR A 1193 -27.77 10.55 33.49
C TYR A 1193 -27.12 11.39 34.56
N GLY A 1194 -26.26 10.82 35.39
CA GLY A 1194 -25.63 11.62 36.42
C GLY A 1194 -24.12 11.49 36.42
N VAL A 1195 -23.58 11.04 35.29
CA VAL A 1195 -22.16 10.69 35.24
C VAL A 1195 -21.29 11.95 35.13
N VAL A 1196 -21.76 12.96 34.39
CA VAL A 1196 -20.94 14.14 34.12
C VAL A 1196 -20.72 14.96 35.38
N LYS A 1197 -21.71 15.02 36.28
CA LYS A 1197 -21.50 15.69 37.55
C LYS A 1197 -20.54 14.91 38.43
N HIS A 1198 -20.71 13.60 38.48
CA HIS A 1198 -19.93 12.77 39.39
C HIS A 1198 -18.61 12.28 38.79
N THR A 1199 -18.29 12.66 37.56
CA THR A 1199 -16.93 12.55 37.05
C THR A 1199 -16.25 13.90 36.97
N TYR A 1200 -16.81 14.84 36.20
CA TYR A 1200 -16.12 16.10 35.95
C TYR A 1200 -16.12 17.01 37.17
N GLY A 1201 -17.14 16.93 38.00
CA GLY A 1201 -17.16 17.74 39.22
C GLY A 1201 -16.36 17.17 40.35
N SER A 1202 -15.88 15.93 40.21
CA SER A 1202 -15.17 15.26 41.28
C SER A 1202 -13.67 15.49 41.16
N GLY A 1203 -13.03 15.69 42.32
CA GLY A 1203 -11.59 15.85 42.34
C GLY A 1203 -10.82 14.57 42.15
N VAL A 1204 -11.46 13.41 42.32
CA VAL A 1204 -10.74 12.15 42.20
C VAL A 1204 -10.61 11.73 40.74
N PHE A 1205 -11.42 12.29 39.84
CA PHE A 1205 -11.35 11.92 38.43
C PHE A 1205 -10.22 12.67 37.74
N TRP A 1206 -10.04 13.95 38.05
CA TRP A 1206 -8.98 14.72 37.43
C TRP A 1206 -7.61 14.38 38.00
N LEU A 1207 -7.54 13.82 39.20
CA LEU A 1207 -6.28 13.36 39.73
C LEU A 1207 -5.93 11.95 39.30
N THR A 1208 -6.91 11.18 38.84
CA THR A 1208 -6.64 9.84 38.32
C THR A 1208 -6.06 9.89 36.91
N LEU A 1209 -6.52 10.85 36.10
CA LEU A 1209 -6.11 10.95 34.71
C LEU A 1209 -4.69 11.42 34.53
N ILE A 1210 -4.06 12.02 35.54
CA ILE A 1210 -2.71 12.53 35.39
C ILE A 1210 -1.70 11.77 36.25
N VAL A 1211 -2.08 10.61 36.79
CA VAL A 1211 -1.07 9.83 37.51
C VAL A 1211 -1.05 8.39 37.03
N LEU A 1212 -2.17 7.88 36.50
CA LEU A 1212 -2.14 6.52 35.96
C LEU A 1212 -1.55 6.38 34.56
N PRO A 1213 -1.74 7.32 33.61
CA PRO A 1213 -0.95 7.22 32.38
C PRO A 1213 0.54 7.44 32.59
N ILE A 1214 0.94 8.27 33.54
CA ILE A 1214 2.37 8.40 33.83
C ILE A 1214 2.88 7.13 34.51
N PHE A 1215 2.04 6.44 35.27
CA PHE A 1215 2.44 5.19 35.88
C PHE A 1215 2.57 4.06 34.87
N ALA A 1216 1.76 4.05 33.82
CA ALA A 1216 1.78 2.92 32.89
C ALA A 1216 2.73 3.15 31.73
N LEU A 1217 3.03 4.40 31.41
CA LEU A 1217 3.98 4.72 30.35
C LEU A 1217 5.36 5.05 30.88
N VAL A 1218 5.65 4.71 32.15
CA VAL A 1218 6.97 5.00 32.70
C VAL A 1218 7.99 3.98 32.20
N ARG A 1219 7.52 2.82 31.74
CA ARG A 1219 8.44 1.86 31.13
C ARG A 1219 8.67 2.21 29.67
N ASP A 1220 7.68 2.82 29.02
CA ASP A 1220 7.84 3.17 27.61
C ASP A 1220 8.66 4.45 27.45
N PHE A 1221 8.70 5.28 28.48
CA PHE A 1221 9.57 6.45 28.42
C PHE A 1221 11.01 6.07 28.77
N LEU A 1222 11.19 4.97 29.51
CA LEU A 1222 12.54 4.55 29.86
C LEU A 1222 13.13 3.66 28.78
N TRP A 1223 12.31 2.88 28.09
CA TRP A 1223 12.82 2.06 27.01
C TRP A 1223 13.14 2.90 25.78
N LYS A 1224 12.36 3.96 25.54
CA LYS A 1224 12.62 4.84 24.41
C LYS A 1224 13.88 5.67 24.66
N TYR A 1225 14.14 6.00 25.93
CA TYR A 1225 15.38 6.71 26.25
C TYR A 1225 16.57 5.78 26.22
N TYR A 1226 16.38 4.51 26.59
CA TYR A 1226 17.46 3.55 26.53
C TYR A 1226 17.75 3.14 25.09
N LYS A 1227 16.73 3.14 24.23
CA LYS A 1227 16.94 2.79 22.83
C LYS A 1227 17.68 3.89 22.08
N ARG A 1228 17.60 5.13 22.56
CA ARG A 1228 18.27 6.23 21.88
C ARG A 1228 19.76 6.28 22.22
N MET A 1229 20.09 6.21 23.51
CA MET A 1229 21.49 6.31 23.91
C MET A 1229 22.27 5.04 23.60
N TYR A 1230 21.77 3.90 24.08
CA TYR A 1230 22.40 2.61 23.83
C TYR A 1230 21.52 1.79 22.90
N GLU A 1231 21.97 0.56 22.62
CA GLU A 1231 21.35 -0.44 21.76
C GLU A 1231 20.95 0.15 20.40
N PRO A 1232 21.90 0.47 19.53
CA PRO A 1232 21.53 1.07 18.24
C PRO A 1232 21.42 0.07 17.10
N GLU A 1233 20.43 0.31 16.24
CA GLU A 1233 20.40 -0.30 14.93
C GLU A 1233 20.64 0.77 13.87
N THR A 1234 20.75 0.32 12.61
CA THR A 1234 21.36 1.13 11.55
C THR A 1234 20.51 2.33 11.13
N TYR A 1235 19.19 2.23 11.15
CA TYR A 1235 18.38 3.37 10.76
C TYR A 1235 18.33 4.40 11.89
N HIS A 1252 43.23 -16.75 -5.90
CA HIS A 1252 42.37 -17.81 -6.43
C HIS A 1252 41.42 -17.26 -7.50
N VAL A 1253 41.79 -16.11 -8.07
CA VAL A 1253 40.91 -15.42 -8.99
C VAL A 1253 40.83 -16.12 -10.35
N GLN A 1254 41.85 -16.89 -10.71
CA GLN A 1254 41.92 -17.44 -12.08
C GLN A 1254 41.49 -18.89 -12.15
N GLN A 1255 41.25 -19.54 -11.01
CA GLN A 1255 40.90 -20.97 -11.04
C GLN A 1255 39.48 -21.17 -11.56
N PHE A 1256 38.61 -20.18 -11.36
CA PHE A 1256 37.27 -20.25 -11.94
C PHE A 1256 37.20 -19.58 -13.29
N GLN A 1257 37.88 -18.45 -13.46
CA GLN A 1257 37.80 -17.69 -14.70
C GLN A 1257 38.49 -18.37 -15.87
N ASN A 1258 39.29 -19.40 -15.61
CA ASN A 1258 39.78 -20.25 -16.69
C ASN A 1258 38.88 -21.46 -16.91
N ALA A 1259 37.97 -21.73 -15.96
CA ALA A 1259 37.09 -22.90 -16.09
C ALA A 1259 35.76 -22.55 -16.74
N ILE A 1260 35.29 -21.32 -16.60
CA ILE A 1260 33.96 -20.98 -17.09
C ILE A 1260 33.95 -20.71 -18.59
N ARG A 1261 35.11 -20.47 -19.20
CA ARG A 1261 35.15 -20.18 -20.63
C ARG A 1261 35.00 -21.44 -21.48
N LYS A 1262 35.30 -22.60 -20.90
CA LYS A 1262 35.30 -23.83 -21.69
C LYS A 1262 33.91 -24.41 -21.87
N VAL A 1263 32.89 -23.78 -21.27
CA VAL A 1263 31.50 -24.18 -21.53
C VAL A 1263 31.12 -23.72 -22.94
N ARG A 1264 30.00 -24.28 -23.45
CA ARG A 1264 29.69 -24.31 -24.87
C ARG A 1264 29.55 -22.92 -25.49
N GLN A 1265 28.68 -22.08 -24.92
CA GLN A 1265 28.37 -20.78 -25.52
C GLN A 1265 28.73 -19.62 -24.60
N VAL A 1266 29.87 -19.68 -23.92
CA VAL A 1266 30.27 -18.60 -23.03
C VAL A 1266 31.22 -17.66 -23.75
N GLN A 1267 30.89 -16.37 -23.75
CA GLN A 1267 31.71 -15.33 -24.35
C GLN A 1267 32.11 -14.32 -23.28
N ARG A 1268 33.26 -13.69 -23.46
CA ARG A 1268 33.73 -12.67 -22.53
C ARG A 1268 33.74 -11.31 -23.19
N MET A 1269 33.63 -10.27 -22.37
CA MET A 1269 33.46 -8.90 -22.85
C MET A 1269 34.77 -8.13 -22.96
N LYS A 1270 35.89 -8.80 -23.21
CA LYS A 1270 37.16 -8.05 -23.26
C LYS A 1270 37.52 -7.59 -24.65
N LYS A 1271 37.58 -8.49 -25.63
CA LYS A 1271 37.86 -8.10 -27.01
C LYS A 1271 36.68 -8.38 -27.93
N GLN A 1272 35.46 -8.22 -27.45
CA GLN A 1272 34.30 -8.21 -28.32
C GLN A 1272 34.26 -6.89 -29.09
N ARG A 1273 34.25 -6.99 -30.42
CA ARG A 1273 34.16 -5.83 -31.29
C ARG A 1273 32.68 -5.69 -31.63
N GLY A 1274 32.01 -4.76 -30.95
CA GLY A 1274 30.56 -4.77 -30.88
C GLY A 1274 29.92 -4.23 -32.15
N PHE A 1275 29.32 -5.11 -32.94
CA PHE A 1275 28.63 -4.74 -34.17
C PHE A 1275 27.14 -4.75 -33.90
N ALA A 1276 26.44 -3.75 -34.44
CA ALA A 1276 24.99 -3.72 -34.37
C ALA A 1276 24.46 -2.93 -35.56
N PHE A 1277 23.52 -3.53 -36.29
CA PHE A 1277 22.82 -2.86 -37.37
C PHE A 1277 21.34 -3.19 -37.27
N SER A 1278 20.51 -2.15 -37.31
CA SER A 1278 19.09 -2.32 -37.01
C SER A 1278 18.24 -2.63 -38.23
N GLN A 1279 18.84 -2.76 -39.41
CA GLN A 1279 18.08 -3.08 -40.61
C GLN A 1279 17.55 -4.50 -40.54
N ALA A 1280 16.37 -4.70 -41.12
CA ALA A 1280 15.76 -6.03 -41.18
C ALA A 1280 15.51 -6.41 -42.63
N GLU A 1281 15.14 -7.67 -42.83
CA GLU A 1281 14.91 -8.18 -44.17
C GLU A 1281 13.54 -7.76 -44.68
N GLU A 1282 12.60 -7.52 -43.76
CA GLU A 1282 11.29 -6.99 -44.10
C GLU A 1282 11.25 -5.47 -44.13
N GLY A 1283 12.42 -4.80 -44.10
CA GLY A 1283 12.45 -3.36 -44.15
C GLY A 1283 12.28 -2.76 -45.54
N GLY A 1284 12.43 -3.57 -46.58
CA GLY A 1284 12.21 -3.13 -47.94
C GLY A 1284 13.22 -2.13 -48.45
N GLN A 1285 14.51 -2.47 -48.34
CA GLN A 1285 15.54 -1.54 -48.77
C GLN A 1285 15.94 -1.79 -50.22
N GLU A 1286 15.22 -2.68 -50.91
CA GLU A 1286 15.63 -3.06 -52.25
C GLU A 1286 15.03 -2.15 -53.33
N LYS A 1287 13.76 -1.81 -53.21
CA LYS A 1287 13.07 -1.19 -54.34
C LYS A 1287 12.73 0.27 -54.07
N ILE A 1288 12.89 0.72 -52.82
CA ILE A 1288 12.50 2.09 -52.48
C ILE A 1288 13.50 3.08 -53.03
N VAL A 1289 14.72 2.63 -53.33
CA VAL A 1289 15.71 3.52 -53.93
C VAL A 1289 15.40 3.70 -55.42
N ARG A 1290 14.62 2.79 -56.00
CA ARG A 1290 14.34 2.86 -57.43
C ARG A 1290 13.06 3.63 -57.73
N MET A 1291 12.25 3.92 -56.72
CA MET A 1291 10.90 4.40 -56.94
C MET A 1291 10.71 5.89 -56.63
N TYR A 1292 11.74 6.60 -56.19
CA TYR A 1292 11.59 7.95 -55.69
C TYR A 1292 12.36 8.94 -56.56
N ASP A 1293 11.67 9.99 -56.99
CA ASP A 1293 12.29 11.17 -57.59
C ASP A 1293 12.00 12.33 -56.65
N THR A 1294 13.04 12.83 -56.00
CA THR A 1294 12.90 13.91 -55.03
C THR A 1294 12.58 15.25 -55.70
N THR A 1295 13.17 15.52 -56.85
CA THR A 1295 12.89 16.75 -57.61
C THR A 1295 11.46 16.80 -58.12
N GLN A 1296 10.83 15.65 -58.35
CA GLN A 1296 9.42 15.62 -58.71
C GLN A 1296 8.57 16.07 -57.53
N LYS A 1297 7.67 17.01 -57.77
CA LYS A 1297 6.87 17.55 -56.69
C LYS A 1297 5.50 16.89 -56.62
N ARG A 1298 4.70 17.36 -55.69
CA ARG A 1298 3.53 16.64 -55.20
C ARG A 1298 2.35 16.77 -56.15
N GLY A 1299 1.49 15.75 -56.11
CA GLY A 1299 0.29 15.74 -56.93
C GLY A 1299 -0.83 16.57 -56.34
N LYS A 1300 -1.97 16.53 -57.03
CA LYS A 1300 -3.12 17.33 -56.63
C LYS A 1300 -3.88 16.69 -55.48
N TYR A 1301 -3.92 15.35 -55.45
CA TYR A 1301 -4.59 14.62 -54.37
C TYR A 1301 -3.60 14.43 -53.23
N GLY A 1302 -3.45 15.48 -52.42
CA GLY A 1302 -2.57 15.43 -51.27
C GLY A 1302 -1.10 15.46 -51.63
N GLU A 1303 -0.29 14.76 -50.84
CA GLU A 1303 1.15 14.70 -50.98
C GLU A 1303 1.57 13.50 -51.83
N LEU A 1304 0.74 13.10 -52.77
CA LEU A 1304 0.94 11.84 -53.48
C LEU A 1304 2.00 12.00 -54.56
N GLN A 1305 2.93 11.04 -54.60
CA GLN A 1305 4.00 10.99 -55.57
C GLN A 1305 3.88 9.70 -56.38
N ASP A 1306 4.06 9.81 -57.69
CA ASP A 1306 3.97 8.63 -58.55
C ASP A 1306 5.25 7.82 -58.50
N ALA A 1307 5.15 6.56 -58.90
CA ALA A 1307 6.30 5.68 -59.02
C ALA A 1307 7.11 6.10 -60.24
N SER A 1308 8.24 6.78 -59.99
CA SER A 1308 9.05 7.32 -61.06
C SER A 1308 9.97 6.30 -61.72
N ALA A 1309 9.86 5.02 -61.34
CA ALA A 1309 10.66 3.97 -61.98
C ALA A 1309 10.15 3.68 -63.39
N SER B 20 0.42 23.30 -15.95
CA SER B 20 -0.96 22.87 -16.14
C SER B 20 -1.24 21.62 -15.32
N LYS B 21 -0.23 20.77 -15.17
CA LYS B 21 -0.32 19.58 -14.34
C LYS B 21 0.74 19.54 -13.25
N LYS B 22 1.54 20.58 -13.12
CA LYS B 22 2.62 20.59 -12.15
C LYS B 22 2.06 20.79 -10.75
N PRO B 23 2.42 19.93 -9.78
CA PRO B 23 1.95 20.14 -8.42
C PRO B 23 2.66 21.33 -7.78
N PRO B 24 2.02 22.00 -6.83
CA PRO B 24 2.61 23.20 -6.25
C PRO B 24 3.79 22.88 -5.32
N ASN B 25 4.66 23.87 -5.15
CA ASN B 25 5.88 23.71 -4.37
C ASN B 25 5.70 24.23 -2.94
N THR B 26 4.52 24.05 -2.38
CA THR B 26 4.32 24.35 -0.96
C THR B 26 5.03 23.31 -0.10
N ALA B 27 5.35 23.71 1.14
CA ALA B 27 6.06 22.81 2.03
C ALA B 27 5.18 21.67 2.55
N PHE B 28 3.88 21.74 2.33
CA PHE B 28 2.97 20.68 2.73
C PHE B 28 2.86 19.60 1.65
N ARG B 29 2.89 20.01 0.38
CA ARG B 29 2.79 19.03 -0.70
C ARG B 29 4.12 18.34 -0.97
N GLN B 30 5.23 18.95 -0.57
CA GLN B 30 6.54 18.40 -0.86
C GLN B 30 7.17 17.68 0.33
N GLN B 31 6.38 17.39 1.37
CA GLN B 31 6.80 16.60 2.54
C GLN B 31 8.00 17.22 3.26
N ARG B 32 8.04 18.54 3.31
CA ARG B 32 9.07 19.26 4.05
C ARG B 32 8.43 20.27 5.00
N LEU B 33 7.42 19.81 5.73
CA LEU B 33 6.78 20.62 6.76
C LEU B 33 7.75 20.92 7.89
N LYS B 34 7.52 22.03 8.58
CA LYS B 34 8.34 22.38 9.72
C LYS B 34 8.02 21.44 10.87
N ALA B 35 9.04 20.78 11.41
CA ALA B 35 8.82 19.70 12.35
C ALA B 35 9.83 19.79 13.48
N TRP B 36 9.50 19.13 14.58
CA TRP B 36 10.34 19.07 15.76
C TRP B 36 10.65 17.63 16.09
N GLN B 37 11.92 17.34 16.34
CA GLN B 37 12.32 15.99 16.70
C GLN B 37 12.74 15.96 18.16
N PRO B 38 12.33 14.94 18.92
CA PRO B 38 12.62 14.92 20.37
C PRO B 38 14.09 14.63 20.63
N ILE B 39 14.75 15.56 21.30
CA ILE B 39 16.13 15.35 21.76
C ILE B 39 16.07 14.61 23.09
N LEU B 40 16.49 13.35 23.07
CA LEU B 40 16.54 12.57 24.31
C LEU B 40 17.96 12.53 24.82
N SER B 41 18.22 13.28 25.88
CA SER B 41 19.57 13.49 26.38
C SER B 41 19.48 13.79 27.87
N PRO B 42 20.56 13.54 28.63
CA PRO B 42 20.51 13.83 30.07
C PRO B 42 20.51 15.31 30.43
N GLN B 43 20.53 16.23 29.46
CA GLN B 43 20.27 17.63 29.72
C GLN B 43 18.88 18.06 29.29
N SER B 44 18.18 17.24 28.50
CA SER B 44 16.85 17.56 28.03
C SER B 44 15.76 16.98 28.92
N VAL B 45 15.81 15.66 29.18
CA VAL B 45 14.75 15.04 29.97
C VAL B 45 15.03 15.15 31.46
N LEU B 46 16.14 15.78 31.86
CA LEU B 46 16.37 16.00 33.28
C LEU B 46 15.49 17.08 33.90
N PRO B 47 15.30 18.28 33.32
CA PRO B 47 14.34 19.21 33.95
C PRO B 47 12.89 18.82 33.74
N LEU B 48 12.60 17.82 32.90
CA LEU B 48 11.26 17.25 32.85
C LEU B 48 11.00 16.37 34.07
N LEU B 49 11.97 15.51 34.42
CA LEU B 49 11.81 14.61 35.55
C LEU B 49 11.89 15.32 36.90
N ILE B 50 12.49 16.52 36.95
CA ILE B 50 12.53 17.29 38.18
C ILE B 50 11.25 18.09 38.37
N PHE B 51 10.68 18.65 37.30
CA PHE B 51 9.40 19.33 37.38
C PHE B 51 8.26 18.39 37.74
N VAL B 52 8.34 17.12 37.36
CA VAL B 52 7.33 16.13 37.73
C VAL B 52 7.45 15.73 39.20
N ALA B 53 8.66 15.45 39.68
CA ALA B 53 8.86 15.02 41.05
C ALA B 53 9.01 16.17 42.03
N CYS B 54 8.65 17.39 41.63
CA CYS B 54 8.52 18.52 42.54
C CYS B 54 7.10 19.05 42.57
N ILE B 55 6.25 18.60 41.64
CA ILE B 55 4.84 18.96 41.66
C ILE B 55 3.97 17.76 42.04
N PHE B 56 4.51 16.55 42.06
CA PHE B 56 3.72 15.39 42.44
C PHE B 56 3.84 15.07 43.93
N THR B 57 4.96 15.44 44.55
CA THR B 57 5.10 15.22 45.99
C THR B 57 4.30 16.19 46.88
N PRO B 58 4.05 17.47 46.54
CA PRO B 58 3.03 18.19 47.32
C PRO B 58 1.63 17.71 47.05
N ILE B 59 1.38 17.10 45.89
CA ILE B 59 0.07 16.49 45.63
C ILE B 59 -0.01 15.14 46.33
N GLY B 60 1.08 14.37 46.30
CA GLY B 60 1.03 13.01 46.82
C GLY B 60 0.91 12.94 48.33
N ILE B 61 1.56 13.85 49.05
CA ILE B 61 1.40 13.87 50.50
C ILE B 61 0.15 14.65 50.87
N GLY B 62 -0.37 15.45 49.95
CA GLY B 62 -1.63 16.14 50.20
C GLY B 62 -2.83 15.23 50.09
N LEU B 63 -2.68 14.12 49.37
CA LEU B 63 -3.74 13.12 49.31
C LEU B 63 -3.59 12.08 50.40
N ILE B 64 -2.43 12.03 51.06
CA ILE B 64 -2.24 11.13 52.19
C ILE B 64 -2.63 11.83 53.48
N VAL B 65 -2.35 13.14 53.59
CA VAL B 65 -2.72 13.88 54.78
C VAL B 65 -4.23 14.12 54.82
N SER B 66 -4.89 14.02 53.67
CA SER B 66 -6.35 14.15 53.66
C SER B 66 -7.03 12.83 53.98
N ALA B 67 -6.41 11.72 53.58
CA ALA B 67 -7.01 10.42 53.85
C ALA B 67 -6.84 9.98 55.29
N THR B 68 -5.85 10.52 56.00
CA THR B 68 -5.69 10.21 57.41
C THR B 68 -6.39 11.20 58.33
N LYS B 69 -7.21 12.09 57.78
CA LYS B 69 -8.10 12.91 58.57
C LYS B 69 -9.54 12.40 58.55
N VAL B 70 -9.80 11.31 57.83
CA VAL B 70 -11.11 10.68 57.79
C VAL B 70 -11.26 9.80 59.02
N GLN B 71 -12.34 10.03 59.78
CA GLN B 71 -12.64 9.26 60.97
C GLN B 71 -13.82 8.36 60.69
N ASP B 72 -13.70 7.07 61.05
CA ASP B 72 -14.71 6.10 60.70
C ASP B 72 -14.82 5.02 61.77
N LEU B 73 -15.85 4.20 61.64
CA LEU B 73 -16.09 3.08 62.53
C LEU B 73 -16.90 2.05 61.76
N THR B 74 -16.41 0.81 61.70
CA THR B 74 -17.03 -0.25 60.91
C THR B 74 -17.30 -1.44 61.81
N ILE B 75 -18.57 -1.73 62.03
CA ILE B 75 -18.99 -2.82 62.91
C ILE B 75 -19.67 -3.89 62.06
N ASP B 76 -19.06 -5.06 61.99
CA ASP B 76 -19.59 -6.18 61.22
C ASP B 76 -20.64 -6.88 62.09
N TYR B 77 -21.90 -6.52 61.88
CA TYR B 77 -23.01 -7.05 62.67
C TYR B 77 -23.62 -8.30 62.04
N SER B 78 -22.83 -9.03 61.24
CA SER B 78 -23.35 -10.15 60.46
C SER B 78 -23.85 -11.29 61.33
N HIS B 79 -23.03 -11.71 62.30
CA HIS B 79 -23.44 -12.73 63.26
C HIS B 79 -23.96 -12.12 64.56
N CYS B 80 -24.94 -11.23 64.46
CA CYS B 80 -25.59 -10.69 65.66
C CYS B 80 -26.76 -11.53 66.10
N ASP B 81 -27.38 -12.29 65.19
CA ASP B 81 -28.49 -13.17 65.55
C ASP B 81 -28.01 -14.51 66.08
N THR B 82 -26.70 -14.74 66.13
CA THR B 82 -26.15 -16.01 66.58
C THR B 82 -25.16 -15.87 67.73
N LYS B 83 -24.28 -14.88 67.71
CA LYS B 83 -23.21 -14.77 68.69
C LYS B 83 -23.45 -13.67 69.72
N ALA B 84 -24.68 -13.23 69.91
CA ALA B 84 -24.99 -12.18 70.87
C ALA B 84 -26.10 -12.64 71.80
N SER B 85 -25.86 -12.54 73.11
CA SER B 85 -26.85 -12.91 74.09
C SER B 85 -27.91 -11.81 74.22
N THR B 86 -29.13 -12.23 74.58
CA THR B 86 -30.25 -11.31 74.63
C THR B 86 -30.45 -10.67 75.99
N THR B 87 -29.47 -10.74 76.90
CA THR B 87 -29.68 -10.25 78.26
C THR B 87 -28.95 -8.93 78.54
N ALA B 88 -27.65 -8.86 78.24
CA ALA B 88 -26.86 -7.69 78.62
C ALA B 88 -25.94 -7.33 77.46
N PHE B 89 -25.08 -6.34 77.69
CA PHE B 89 -24.16 -5.83 76.68
C PHE B 89 -22.81 -6.51 76.82
N GLU B 90 -22.60 -7.57 76.04
CA GLU B 90 -21.29 -8.18 75.90
C GLU B 90 -20.48 -7.41 74.87
N ASP B 91 -19.19 -7.69 74.80
CA ASP B 91 -18.32 -7.00 73.86
C ASP B 91 -18.30 -7.71 72.52
N ILE B 92 -18.09 -6.92 71.47
CA ILE B 92 -17.96 -7.48 70.12
C ILE B 92 -16.56 -8.07 69.96
N PRO B 93 -16.42 -9.25 69.35
CA PRO B 93 -15.09 -9.75 69.01
C PRO B 93 -14.39 -8.79 68.05
N LYS B 94 -13.07 -8.63 68.26
CA LYS B 94 -12.33 -7.57 67.59
C LYS B 94 -12.10 -7.87 66.11
N LYS B 95 -12.37 -9.10 65.66
CA LYS B 95 -12.37 -9.41 64.24
C LYS B 95 -13.52 -8.77 63.48
N TYR B 96 -14.53 -8.25 64.17
CA TYR B 96 -15.66 -7.59 63.54
C TYR B 96 -15.60 -6.08 63.66
N ILE B 97 -14.52 -5.51 64.21
CA ILE B 97 -14.45 -4.10 64.50
C ILE B 97 -13.24 -3.50 63.80
N LYS B 98 -13.48 -2.46 63.01
CA LYS B 98 -12.43 -1.58 62.50
C LYS B 98 -12.84 -0.16 62.83
N TYR B 99 -11.87 0.67 63.20
CA TYR B 99 -12.15 2.04 63.59
C TYR B 99 -10.87 2.87 63.50
N HIS B 100 -11.01 4.11 63.05
CA HIS B 100 -9.91 5.05 63.03
C HIS B 100 -10.43 6.40 63.52
N PHE B 101 -9.82 6.93 64.58
CA PHE B 101 -10.20 8.21 65.13
C PHE B 101 -8.94 9.00 65.43
N LYS B 102 -9.13 10.28 65.77
CA LYS B 102 -7.99 11.11 66.14
C LYS B 102 -7.49 10.76 67.54
N SER B 103 -8.40 10.63 68.50
CA SER B 103 -8.04 10.36 69.88
C SER B 103 -8.19 8.88 70.18
N LYS B 104 -7.59 8.47 71.30
CA LYS B 104 -7.59 7.06 71.69
C LYS B 104 -8.93 6.66 72.29
N VAL B 105 -9.43 5.50 71.88
CA VAL B 105 -10.67 4.95 72.42
C VAL B 105 -10.35 4.35 73.79
N GLU B 106 -11.37 4.25 74.64
CA GLU B 106 -11.18 3.71 75.98
C GLU B 106 -12.01 2.45 76.22
N ASN B 107 -13.20 2.37 75.65
CA ASN B 107 -14.05 1.20 75.80
C ASN B 107 -14.35 0.60 74.45
N LYS B 108 -14.29 -0.73 74.37
CA LYS B 108 -14.64 -1.43 73.15
C LYS B 108 -16.14 -1.35 72.92
N PRO B 109 -16.59 -1.42 71.66
CA PRO B 109 -18.03 -1.39 71.39
C PRO B 109 -18.73 -2.65 71.86
N GLN B 110 -19.98 -2.48 72.27
CA GLN B 110 -20.80 -3.55 72.83
C GLN B 110 -22.03 -3.78 71.97
N TRP B 111 -22.71 -4.90 72.23
CA TRP B 111 -23.72 -5.37 71.29
C TRP B 111 -24.61 -6.40 71.99
N ARG B 112 -25.91 -6.38 71.65
CA ARG B 112 -26.84 -7.35 72.19
C ARG B 112 -28.00 -7.56 71.23
N LEU B 113 -28.61 -8.72 71.32
CA LEU B 113 -29.80 -9.03 70.52
C LEU B 113 -31.05 -8.68 71.31
N THR B 114 -32.12 -8.34 70.60
CA THR B 114 -33.37 -7.95 71.24
C THR B 114 -34.54 -8.40 70.37
N GLU B 115 -35.34 -9.33 70.87
CA GLU B 115 -36.57 -9.71 70.22
C GLU B 115 -37.72 -8.87 70.76
N ASN B 116 -38.77 -8.75 69.97
CA ASN B 116 -39.94 -7.97 70.31
C ASN B 116 -41.16 -8.87 70.47
N GLU B 117 -42.33 -8.24 70.59
CA GLU B 117 -43.57 -9.00 70.71
C GLU B 117 -43.95 -9.68 69.41
N ASN B 118 -43.45 -9.19 68.27
CA ASN B 118 -43.74 -9.83 66.99
C ASN B 118 -42.80 -10.99 66.71
N GLY B 119 -41.66 -11.04 67.40
CA GLY B 119 -40.66 -12.06 67.16
C GLY B 119 -39.58 -11.69 66.17
N GLU B 120 -39.44 -10.42 65.82
CA GLU B 120 -38.39 -9.98 64.90
C GLU B 120 -37.22 -9.41 65.71
N GLN B 121 -36.02 -9.84 65.37
CA GLN B 121 -34.84 -9.51 66.16
C GLN B 121 -34.36 -8.09 65.87
N SER B 122 -33.45 -7.62 66.72
CA SER B 122 -32.86 -6.30 66.56
C SER B 122 -31.48 -6.32 67.21
N CYS B 123 -30.53 -5.69 66.52
CA CYS B 123 -29.14 -5.66 66.96
C CYS B 123 -28.82 -4.24 67.41
N GLU B 124 -28.52 -4.07 68.69
CA GLU B 124 -28.24 -2.77 69.27
C GLU B 124 -26.75 -2.65 69.53
N LEU B 125 -26.10 -1.73 68.84
CA LEU B 125 -24.66 -1.53 68.94
C LEU B 125 -24.40 -0.26 69.73
N GLN B 126 -23.69 -0.38 70.84
CA GLN B 126 -23.23 0.75 71.62
C GLN B 126 -21.75 0.97 71.36
N PHE B 127 -21.34 2.22 71.23
CA PHE B 127 -19.93 2.51 70.97
C PHE B 127 -19.57 3.87 71.54
N GLU B 128 -18.27 4.07 71.76
CA GLU B 128 -17.72 5.33 72.22
C GLU B 128 -17.05 6.04 71.06
N ILE B 129 -17.26 7.34 70.96
CA ILE B 129 -16.59 8.19 69.98
C ILE B 129 -15.65 9.12 70.75
N PRO B 130 -14.33 8.96 70.62
CA PRO B 130 -13.43 9.55 71.63
C PRO B 130 -13.20 11.04 71.50
N ASN B 131 -13.62 11.69 70.42
CA ASN B 131 -13.33 13.10 70.26
C ASN B 131 -14.46 13.77 69.48
N ASP B 132 -14.45 15.10 69.50
CA ASP B 132 -15.42 15.89 68.76
C ASP B 132 -15.16 15.76 67.26
N ILE B 133 -16.12 15.22 66.53
CA ILE B 133 -16.02 15.10 65.08
C ILE B 133 -16.79 16.27 64.48
N LYS B 134 -16.07 17.31 64.06
CA LYS B 134 -16.72 18.51 63.59
C LYS B 134 -16.91 18.58 62.08
N LYS B 135 -16.84 17.44 61.39
CA LYS B 135 -17.25 17.40 60.00
C LYS B 135 -18.65 16.81 59.90
N SER B 136 -19.12 16.63 58.67
CA SER B 136 -20.40 16.00 58.44
C SER B 136 -20.28 14.50 58.66
N ILE B 137 -21.37 13.87 59.10
CA ILE B 137 -21.37 12.47 59.49
C ILE B 137 -22.30 11.69 58.56
N PHE B 138 -21.76 10.65 57.93
CA PHE B 138 -22.49 9.86 56.95
C PHE B 138 -22.54 8.41 57.40
N ILE B 139 -23.72 7.81 57.33
CA ILE B 139 -23.94 6.44 57.76
C ILE B 139 -24.09 5.57 56.53
N TYR B 140 -23.16 4.64 56.35
CA TYR B 140 -23.22 3.68 55.26
C TYR B 140 -23.40 2.28 55.82
N TYR B 141 -23.86 1.36 54.99
CA TYR B 141 -23.72 -0.06 55.28
C TYR B 141 -22.84 -0.70 54.22
N LYS B 142 -21.92 -1.55 54.65
CA LYS B 142 -21.00 -2.23 53.75
C LYS B 142 -21.48 -3.65 53.52
N ILE B 143 -21.57 -4.05 52.26
CA ILE B 143 -21.96 -5.40 51.90
C ILE B 143 -20.84 -6.01 51.05
N THR B 144 -20.36 -7.18 51.46
CA THR B 144 -19.36 -7.91 50.70
C THR B 144 -20.00 -9.15 50.07
N ASN B 145 -19.37 -9.65 49.00
CA ASN B 145 -19.75 -10.87 48.28
C ASN B 145 -21.15 -10.79 47.66
N PHE B 146 -21.59 -9.59 47.32
CA PHE B 146 -22.86 -9.38 46.63
C PHE B 146 -22.54 -8.84 45.24
N TYR B 147 -22.96 -9.58 44.22
CA TYR B 147 -22.64 -9.19 42.85
C TYR B 147 -23.73 -8.28 42.30
N GLN B 148 -23.61 -6.98 42.62
CA GLN B 148 -24.38 -5.96 41.93
C GLN B 148 -23.98 -5.84 40.47
N ASN B 149 -22.77 -6.26 40.12
CA ASN B 149 -22.23 -6.08 38.77
C ASN B 149 -22.33 -7.33 37.93
N HIS B 150 -23.20 -8.26 38.29
CA HIS B 150 -23.47 -9.41 37.44
C HIS B 150 -24.22 -8.95 36.20
N ARG B 151 -23.95 -9.59 35.07
CA ARG B 151 -24.55 -9.16 33.82
C ARG B 151 -26.04 -9.46 33.78
N ARG B 152 -26.47 -10.49 34.49
CA ARG B 152 -27.89 -10.76 34.65
C ARG B 152 -28.56 -9.74 35.58
N TYR B 153 -27.78 -9.05 36.39
CA TYR B 153 -28.30 -8.21 37.46
C TYR B 153 -28.35 -6.73 37.10
N VAL B 154 -27.38 -6.22 36.35
CA VAL B 154 -27.27 -4.78 36.12
C VAL B 154 -28.43 -4.28 35.26
N GLN B 155 -28.74 -5.01 34.19
CA GLN B 155 -29.76 -4.60 33.24
C GLN B 155 -31.17 -4.98 33.67
N SER B 156 -31.35 -5.56 34.85
CA SER B 156 -32.64 -6.16 35.21
C SER B 156 -33.48 -5.17 36.02
N PHE B 157 -34.08 -4.23 35.30
CA PHE B 157 -35.11 -3.32 35.80
C PHE B 157 -35.79 -2.72 34.59
N ASP B 158 -36.93 -2.07 34.83
CA ASP B 158 -37.69 -1.43 33.76
C ASP B 158 -37.55 0.07 33.91
N THR B 159 -37.11 0.73 32.83
CA THR B 159 -36.83 2.16 32.89
C THR B 159 -38.12 2.97 32.93
N LYS B 160 -39.14 2.51 32.22
CA LYS B 160 -40.39 3.26 32.15
C LYS B 160 -41.17 3.15 33.46
N GLN B 161 -41.05 2.03 34.16
CA GLN B 161 -41.74 1.85 35.44
C GLN B 161 -41.15 2.75 36.51
N ILE B 162 -39.84 3.00 36.45
CA ILE B 162 -39.21 3.92 37.39
C ILE B 162 -39.65 5.36 37.11
N LEU B 163 -39.88 5.69 35.84
CA LEU B 163 -40.41 7.01 35.51
C LEU B 163 -41.87 7.15 35.89
N GLY B 164 -42.59 6.04 35.94
CA GLY B 164 -43.96 6.04 36.44
C GLY B 164 -45.01 5.61 35.45
N GLU B 165 -44.63 5.16 34.27
CA GLU B 165 -45.62 4.83 33.25
C GLU B 165 -46.26 3.49 33.57
N PRO B 166 -47.60 3.41 33.57
CA PRO B 166 -48.28 2.12 33.81
C PRO B 166 -48.17 1.17 32.62
N ILE B 167 -47.01 0.52 32.53
CA ILE B 167 -46.74 -0.44 31.46
C ILE B 167 -47.53 -1.71 31.70
N LYS B 168 -48.13 -2.23 30.62
CA LYS B 168 -48.83 -3.50 30.66
C LYS B 168 -47.83 -4.66 30.59
N LYS B 169 -48.35 -5.87 30.38
CA LYS B 169 -47.54 -7.06 30.62
C LYS B 169 -46.53 -7.32 29.50
N ASP B 170 -47.02 -7.46 28.27
CA ASP B 170 -46.13 -7.91 27.19
C ASP B 170 -45.23 -6.82 26.64
N ASP B 171 -45.43 -5.56 27.01
CA ASP B 171 -44.48 -4.52 26.67
C ASP B 171 -43.58 -4.14 27.84
N LEU B 172 -43.48 -5.00 28.85
CA LEU B 172 -42.50 -4.81 29.91
C LEU B 172 -41.11 -5.10 29.37
N ASP B 173 -40.10 -4.61 30.07
CA ASP B 173 -38.72 -4.91 29.71
C ASP B 173 -38.43 -6.38 29.94
N THR B 174 -38.01 -7.07 28.89
CA THR B 174 -37.78 -8.52 28.98
C THR B 174 -36.47 -8.87 29.68
N SER B 175 -35.64 -7.89 30.03
CA SER B 175 -34.45 -8.18 30.80
C SER B 175 -34.77 -8.37 32.29
N CYS B 176 -35.92 -7.90 32.76
CA CYS B 176 -36.36 -8.22 34.12
C CYS B 176 -37.21 -9.49 34.14
N SER B 177 -36.66 -10.54 33.53
CA SER B 177 -37.38 -11.75 33.12
C SER B 177 -37.84 -12.70 34.22
N PRO B 178 -37.03 -13.09 35.22
CA PRO B 178 -37.57 -14.05 36.21
C PRO B 178 -38.55 -13.42 37.17
N ILE B 179 -38.47 -12.11 37.39
CA ILE B 179 -39.37 -11.39 38.30
C ILE B 179 -39.99 -10.25 37.48
N ARG B 180 -41.09 -10.55 36.79
CA ARG B 180 -41.94 -9.50 36.24
C ARG B 180 -43.42 -9.81 36.29
N SER B 181 -43.84 -11.05 36.52
CA SER B 181 -45.25 -11.42 36.45
C SER B 181 -45.48 -12.71 37.23
N ARG B 182 -46.25 -12.64 38.31
CA ARG B 182 -46.43 -13.83 39.15
C ARG B 182 -47.72 -14.61 38.85
N GLU B 183 -48.88 -13.98 39.07
CA GLU B 183 -50.15 -14.68 38.80
C GLU B 183 -50.95 -13.78 37.86
N ASP B 184 -50.62 -13.86 36.56
CA ASP B 184 -51.21 -13.04 35.50
C ASP B 184 -51.25 -11.55 35.86
N LYS B 185 -50.18 -11.07 36.47
CA LYS B 185 -50.13 -9.75 37.06
C LYS B 185 -48.83 -9.07 36.70
N ILE B 186 -48.62 -7.90 37.29
CA ILE B 186 -47.40 -7.12 37.08
C ILE B 186 -46.69 -7.03 38.41
N ILE B 187 -45.46 -7.51 38.47
CA ILE B 187 -44.62 -7.13 39.60
C ILE B 187 -44.15 -5.71 39.34
N TYR B 188 -44.51 -4.78 40.24
CA TYR B 188 -44.38 -3.37 39.88
C TYR B 188 -42.91 -2.94 39.88
N PRO B 189 -42.10 -3.06 40.95
CA PRO B 189 -40.68 -2.79 40.72
C PRO B 189 -40.03 -4.07 40.22
N CYS B 190 -40.15 -4.36 38.92
CA CYS B 190 -39.67 -5.63 38.40
C CYS B 190 -38.15 -5.65 38.39
N GLY B 191 -37.61 -6.84 38.39
CA GLY B 191 -36.18 -6.98 38.24
C GLY B 191 -35.54 -7.65 39.44
N LEU B 192 -34.31 -8.10 39.23
CA LEU B 192 -33.55 -8.68 40.32
C LEU B 192 -33.05 -7.63 41.30
N ILE B 193 -33.01 -6.36 40.89
CA ILE B 193 -32.41 -5.33 41.74
C ILE B 193 -33.36 -4.92 42.84
N ALA B 194 -34.59 -4.60 42.48
CA ALA B 194 -35.57 -4.17 43.46
C ALA B 194 -36.06 -5.33 44.33
N ASN B 195 -36.06 -6.55 43.79
CA ASN B 195 -36.46 -7.71 44.58
C ASN B 195 -35.47 -8.01 45.68
N SER B 196 -34.18 -7.77 45.43
CA SER B 196 -33.12 -8.11 46.37
C SER B 196 -32.70 -6.93 47.22
N MET B 197 -33.63 -6.03 47.54
CA MET B 197 -33.27 -4.81 48.25
C MET B 197 -32.94 -5.10 49.71
N PHE B 198 -31.94 -4.38 50.22
CA PHE B 198 -31.47 -4.55 51.59
C PHE B 198 -32.53 -4.05 52.57
N ASN B 199 -32.90 -4.90 53.53
CA ASN B 199 -34.10 -4.66 54.32
C ASN B 199 -33.80 -4.16 55.72
N ASP B 200 -32.52 -4.14 56.12
CA ASP B 200 -32.18 -3.76 57.49
C ASP B 200 -32.42 -2.28 57.72
N THR B 201 -33.30 -1.96 58.66
CA THR B 201 -33.74 -0.60 58.90
C THR B 201 -32.87 0.02 59.99
N PHE B 202 -31.97 0.91 59.60
CA PHE B 202 -31.17 1.63 60.58
C PHE B 202 -32.06 2.67 61.26
N SER B 203 -31.94 2.78 62.58
CA SER B 203 -32.70 3.78 63.30
C SER B 203 -32.12 5.16 63.06
N GLN B 204 -32.99 6.14 62.83
CA GLN B 204 -32.57 7.46 62.38
C GLN B 204 -32.06 8.36 63.49
N VAL B 205 -31.67 7.81 64.64
CA VAL B 205 -31.11 8.58 65.73
C VAL B 205 -30.02 7.75 66.40
N LEU B 206 -28.90 8.39 66.74
CA LEU B 206 -27.89 7.78 67.60
C LEU B 206 -28.24 8.15 69.03
N SER B 207 -28.83 7.19 69.75
CA SER B 207 -29.32 7.45 71.09
C SER B 207 -28.16 7.58 72.08
N GLY B 208 -28.07 8.72 72.74
CA GLY B 208 -27.05 8.91 73.77
C GLY B 208 -27.42 8.14 75.02
N ILE B 209 -26.42 7.52 75.65
CA ILE B 209 -26.70 6.57 76.70
C ILE B 209 -26.81 7.26 78.06
N ASP B 210 -25.73 7.88 78.52
CA ASP B 210 -25.70 8.51 79.83
C ASP B 210 -24.87 9.78 79.75
N ASP B 211 -25.48 10.90 80.16
CA ASP B 211 -24.89 12.25 80.06
C ASP B 211 -24.50 12.59 78.63
N THR B 212 -25.23 12.07 77.66
CA THR B 212 -24.95 12.26 76.23
C THR B 212 -26.25 12.48 75.51
N GLU B 213 -26.31 13.55 74.71
CA GLU B 213 -27.51 13.88 73.95
C GLU B 213 -27.69 12.93 72.78
N ASP B 214 -28.83 13.05 72.11
CA ASP B 214 -29.05 12.30 70.90
C ASP B 214 -28.39 12.98 69.70
N TYR B 215 -28.41 12.29 68.57
CA TYR B 215 -27.87 12.82 67.32
C TYR B 215 -28.81 12.37 66.20
N ASN B 216 -29.67 13.28 65.75
CA ASN B 216 -30.63 12.96 64.71
C ASN B 216 -29.94 12.93 63.35
N LEU B 217 -30.35 11.99 62.51
CA LEU B 217 -29.72 11.75 61.22
C LEU B 217 -30.79 11.75 60.14
N THR B 218 -30.62 12.61 59.14
CA THR B 218 -31.59 12.75 58.08
C THR B 218 -31.40 11.65 57.04
N ASN B 219 -32.52 11.15 56.51
CA ASN B 219 -32.48 10.28 55.35
C ASN B 219 -32.98 10.98 54.09
N LYS B 220 -32.84 12.30 54.03
CA LYS B 220 -33.23 13.09 52.87
C LYS B 220 -31.99 13.65 52.20
N HIS B 221 -32.10 13.82 50.87
CA HIS B 221 -30.97 14.11 49.97
C HIS B 221 -29.86 13.09 50.16
N ILE B 222 -30.23 11.83 50.09
CA ILE B 222 -29.31 10.71 50.23
C ILE B 222 -28.88 10.19 48.86
N SER B 223 -29.83 10.12 47.93
CA SER B 223 -29.56 9.62 46.59
C SER B 223 -28.99 10.73 45.72
N TRP B 224 -28.75 10.43 44.45
CA TRP B 224 -28.24 11.44 43.52
C TRP B 224 -29.34 12.42 43.15
N SER B 225 -28.93 13.60 42.66
CA SER B 225 -29.91 14.63 42.33
C SER B 225 -30.64 14.31 41.04
N ILE B 226 -30.01 13.61 40.10
CA ILE B 226 -30.72 13.17 38.90
C ILE B 226 -31.59 11.95 39.18
N ASP B 227 -31.38 11.29 40.31
CA ASP B 227 -32.23 10.15 40.66
C ASP B 227 -33.55 10.60 41.26
N ARG B 228 -33.58 11.76 41.93
CA ARG B 228 -34.83 12.22 42.52
C ARG B 228 -35.75 12.82 41.47
N HIS B 229 -35.22 13.10 40.27
CA HIS B 229 -36.08 13.56 39.19
C HIS B 229 -36.69 12.38 38.44
N ARG B 230 -35.86 11.43 38.02
CA ARG B 230 -36.32 10.33 37.19
C ARG B 230 -37.07 9.26 37.97
N PHE B 231 -36.96 9.23 39.29
CA PHE B 231 -37.78 8.35 40.12
C PHE B 231 -39.02 9.14 40.49
N LYS B 232 -40.13 8.84 39.81
CA LYS B 232 -41.39 9.50 40.05
C LYS B 232 -42.40 8.48 40.54
N THR B 233 -43.43 8.97 41.25
CA THR B 233 -44.50 8.13 41.76
C THR B 233 -45.25 7.45 40.62
N THR B 234 -45.74 6.25 40.89
CA THR B 234 -46.31 5.44 39.83
C THR B 234 -47.70 5.92 39.46
N LYS B 235 -48.10 5.59 38.23
CA LYS B 235 -49.45 5.87 37.78
C LYS B 235 -50.21 4.56 37.61
N TYR B 236 -49.76 3.53 38.32
CA TYR B 236 -50.51 2.30 38.48
C TYR B 236 -51.59 2.55 39.52
N ASN B 237 -52.62 1.70 39.54
CA ASN B 237 -53.75 1.95 40.41
C ASN B 237 -53.91 0.92 41.51
N ALA B 238 -52.85 0.17 41.84
CA ALA B 238 -52.71 -0.74 42.98
C ALA B 238 -53.67 -1.93 42.94
N SER B 239 -54.29 -2.22 41.82
CA SER B 239 -55.12 -3.40 41.67
C SER B 239 -54.62 -4.35 40.59
N ASP B 240 -53.67 -3.93 39.78
CA ASP B 240 -53.05 -4.78 38.76
C ASP B 240 -51.58 -5.01 39.03
N ILE B 241 -51.08 -4.63 40.20
CA ILE B 241 -49.66 -4.75 40.53
C ILE B 241 -49.48 -5.51 41.83
N VAL B 242 -48.47 -6.37 41.86
CA VAL B 242 -48.14 -7.26 42.97
C VAL B 242 -46.75 -6.86 43.42
N PRO B 243 -46.42 -6.91 44.71
CA PRO B 243 -45.03 -6.67 45.14
C PRO B 243 -44.10 -7.76 44.63
N PRO B 244 -42.79 -7.50 44.62
CA PRO B 244 -41.83 -8.57 44.30
C PRO B 244 -41.84 -9.63 45.38
N PRO B 245 -41.42 -10.87 45.05
CA PRO B 245 -41.62 -11.98 46.00
C PRO B 245 -40.82 -11.90 47.28
N ASN B 246 -39.81 -11.06 47.36
CA ASN B 246 -39.07 -10.88 48.60
C ASN B 246 -39.56 -9.70 49.42
N TRP B 247 -40.54 -8.94 48.92
CA TRP B 247 -41.16 -7.87 49.69
C TRP B 247 -42.44 -8.32 50.36
N MET B 248 -42.75 -9.62 50.32
CA MET B 248 -44.05 -10.11 50.75
C MET B 248 -44.17 -10.23 52.26
N LYS B 249 -43.17 -9.80 53.02
CA LYS B 249 -43.35 -9.72 54.47
C LYS B 249 -43.83 -8.33 54.87
N LYS B 250 -43.42 -7.30 54.14
CA LYS B 250 -43.91 -5.96 54.42
C LYS B 250 -45.31 -5.76 53.86
N TYR B 251 -45.63 -6.41 52.74
CA TYR B 251 -46.94 -6.34 52.10
C TYR B 251 -47.52 -7.75 52.06
N PRO B 252 -48.06 -8.25 53.17
CA PRO B 252 -48.54 -9.64 53.20
C PRO B 252 -49.84 -9.82 52.42
N ASP B 253 -50.75 -8.86 52.55
CA ASP B 253 -51.99 -8.91 51.81
C ASP B 253 -51.80 -8.45 50.36
N GLY B 254 -50.77 -7.66 50.11
CA GLY B 254 -50.48 -7.19 48.77
C GLY B 254 -50.45 -5.68 48.66
N TYR B 255 -50.63 -5.17 47.46
CA TYR B 255 -50.67 -3.74 47.18
C TYR B 255 -52.10 -3.22 47.29
N THR B 256 -52.28 -2.20 48.11
CA THR B 256 -53.51 -1.42 48.17
C THR B 256 -53.19 0.03 47.82
N ASP B 257 -54.22 0.87 47.83
CA ASP B 257 -54.00 2.29 47.56
C ASP B 257 -53.39 3.00 48.75
N GLU B 258 -53.38 2.37 49.92
CA GLU B 258 -52.85 3.00 51.11
C GLU B 258 -51.36 2.73 51.28
N ASN B 259 -50.96 1.45 51.17
CA ASN B 259 -49.61 1.07 51.52
C ASN B 259 -48.64 1.20 50.34
N LEU B 260 -49.11 1.67 49.18
CA LEU B 260 -48.34 1.73 47.94
C LEU B 260 -47.13 2.66 48.08
N PRO B 261 -45.94 2.21 47.72
CA PRO B 261 -44.74 3.01 47.99
C PRO B 261 -44.57 4.14 46.99
N ASP B 262 -44.19 5.30 47.51
CA ASP B 262 -43.88 6.48 46.71
C ASP B 262 -42.36 6.49 46.52
N ILE B 263 -41.91 6.05 45.35
CA ILE B 263 -40.49 5.87 45.10
C ILE B 263 -39.82 7.19 44.75
N HIS B 264 -40.59 8.26 44.66
CA HIS B 264 -40.01 9.59 44.50
C HIS B 264 -39.39 10.10 45.80
N THR B 265 -39.98 9.80 46.94
CA THR B 265 -39.45 10.18 48.23
C THR B 265 -38.84 9.02 48.99
N TRP B 266 -38.86 7.81 48.42
CA TRP B 266 -38.23 6.63 49.01
C TRP B 266 -36.77 6.62 48.59
N GLU B 267 -35.96 7.38 49.33
CA GLU B 267 -34.57 7.58 48.93
C GLU B 267 -33.65 6.47 49.42
N GLU B 268 -34.16 5.50 50.18
CA GLU B 268 -33.37 4.30 50.43
C GLU B 268 -33.48 3.32 49.28
N PHE B 269 -34.57 3.39 48.52
CA PHE B 269 -34.74 2.53 47.37
C PHE B 269 -33.94 3.03 46.18
N GLN B 270 -33.76 4.35 46.08
CA GLN B 270 -32.99 4.93 44.98
C GLN B 270 -31.51 4.66 45.11
N VAL B 271 -31.02 4.46 46.32
CA VAL B 271 -29.61 4.17 46.53
C VAL B 271 -29.30 2.73 46.11
N TRP B 272 -30.25 1.82 46.36
CA TRP B 272 -30.01 0.42 46.02
C TRP B 272 -30.03 0.18 44.51
N MET B 273 -30.86 0.91 43.78
CA MET B 273 -30.97 0.68 42.34
C MET B 273 -29.77 1.23 41.58
N ARG B 274 -29.09 2.22 42.15
CA ARG B 274 -27.84 2.72 41.59
C ARG B 274 -26.77 1.68 41.92
N THR B 275 -26.57 0.75 41.00
CA THR B 275 -25.77 -0.44 41.27
C THR B 275 -24.29 -0.12 41.41
N ALA B 276 -23.56 -1.02 42.04
CA ALA B 276 -22.16 -0.85 42.34
C ALA B 276 -21.29 -1.50 41.27
N ALA B 277 -19.99 -1.24 41.36
CA ALA B 277 -19.03 -1.76 40.40
C ALA B 277 -18.42 -3.09 40.83
N PHE B 278 -18.21 -3.28 42.12
CA PHE B 278 -17.46 -4.40 42.67
C PHE B 278 -18.30 -5.10 43.72
N PRO B 279 -17.99 -6.35 44.06
CA PRO B 279 -18.80 -7.06 45.07
C PRO B 279 -18.62 -6.59 46.51
N LYS B 280 -17.79 -5.59 46.78
CA LYS B 280 -17.72 -4.97 48.10
C LYS B 280 -18.05 -3.50 47.93
N PHE B 281 -19.13 -3.05 48.56
CA PHE B 281 -19.61 -1.70 48.30
C PHE B 281 -20.26 -1.10 49.53
N TYR B 282 -20.38 0.22 49.51
CA TYR B 282 -21.13 0.99 50.49
C TYR B 282 -22.44 1.43 49.86
N LYS B 283 -23.43 1.72 50.72
CA LYS B 283 -24.65 2.41 50.31
C LYS B 283 -25.00 3.42 51.39
N LEU B 284 -25.37 4.62 50.99
CA LEU B 284 -25.69 5.66 51.96
C LEU B 284 -27.08 5.47 52.53
N THR B 285 -27.21 5.70 53.84
CA THR B 285 -28.51 5.63 54.48
C THR B 285 -28.88 6.91 55.22
N LEU B 286 -27.95 7.48 55.98
CA LEU B 286 -28.25 8.61 56.84
C LEU B 286 -27.12 9.63 56.75
N LYS B 287 -27.46 10.88 57.02
CA LYS B 287 -26.47 11.95 57.00
C LYS B 287 -26.91 13.06 57.92
N ASN B 288 -25.97 13.93 58.28
CA ASN B 288 -26.25 15.08 59.15
C ASN B 288 -25.22 16.16 58.82
N GLU B 289 -25.62 17.14 58.02
CA GLU B 289 -24.72 18.22 57.64
C GLU B 289 -24.77 19.39 58.59
N SER B 290 -25.76 19.44 59.47
CA SER B 290 -26.05 20.67 60.19
C SER B 290 -25.16 20.87 61.41
N ALA B 291 -24.79 19.79 62.10
CA ALA B 291 -24.11 19.95 63.37
C ALA B 291 -23.00 18.92 63.51
N SER B 292 -22.31 18.98 64.64
CA SER B 292 -21.19 18.11 64.95
C SER B 292 -21.55 17.22 66.13
N LEU B 293 -21.23 15.93 66.04
CA LEU B 293 -21.48 15.13 67.23
C LEU B 293 -20.30 15.23 68.19
N PRO B 294 -20.55 15.41 69.48
CA PRO B 294 -19.48 15.47 70.46
C PRO B 294 -19.12 14.08 70.96
N LYS B 295 -18.16 14.04 71.88
CA LYS B 295 -17.73 12.77 72.45
C LYS B 295 -18.80 12.24 73.39
N GLY B 296 -19.19 10.99 73.20
CA GLY B 296 -20.19 10.38 74.05
C GLY B 296 -20.37 8.92 73.68
N LYS B 297 -21.23 8.26 74.45
CA LYS B 297 -21.56 6.86 74.24
C LYS B 297 -22.92 6.82 73.53
N TYR B 298 -22.91 6.42 72.27
CA TYR B 298 -24.11 6.40 71.45
C TYR B 298 -24.58 4.97 71.26
N GLN B 299 -25.79 4.85 70.72
CA GLN B 299 -26.36 3.53 70.43
C GLN B 299 -27.10 3.59 69.11
N MET B 300 -26.85 2.59 68.26
CA MET B 300 -27.55 2.43 67.00
C MET B 300 -28.30 1.10 67.04
N ASN B 301 -29.58 1.13 66.73
CA ASN B 301 -30.40 -0.08 66.69
C ASN B 301 -30.66 -0.43 65.23
N ILE B 302 -30.44 -1.70 64.88
CA ILE B 302 -30.60 -2.18 63.52
C ILE B 302 -31.63 -3.30 63.54
N GLU B 303 -32.73 -3.10 62.81
CA GLU B 303 -33.72 -4.15 62.66
C GLU B 303 -33.19 -5.19 61.69
N LEU B 304 -33.00 -6.42 62.17
CA LEU B 304 -32.35 -7.46 61.38
C LEU B 304 -33.38 -8.18 60.53
N ASN B 305 -33.45 -7.81 59.24
CA ASN B 305 -34.35 -8.47 58.30
C ASN B 305 -33.63 -9.17 57.16
N TYR B 306 -32.38 -8.81 56.86
CA TYR B 306 -31.69 -9.34 55.70
C TYR B 306 -30.75 -10.47 56.12
N PRO B 307 -31.02 -11.72 55.74
CA PRO B 307 -30.12 -12.81 56.12
C PRO B 307 -28.92 -12.89 55.18
N ILE B 308 -27.76 -13.17 55.76
CA ILE B 308 -26.54 -13.28 54.98
C ILE B 308 -26.39 -14.62 54.28
N SER B 309 -27.31 -15.56 54.51
CA SER B 309 -27.30 -16.81 53.78
C SER B 309 -27.84 -16.65 52.36
N LEU B 310 -28.42 -15.49 52.03
CA LEU B 310 -28.90 -15.24 50.69
C LEU B 310 -27.73 -15.05 49.71
N PHE B 311 -26.65 -14.43 50.17
CA PHE B 311 -25.56 -14.12 49.25
C PHE B 311 -24.23 -14.69 49.73
N GLY B 312 -24.08 -14.93 51.03
CA GLY B 312 -22.91 -15.61 51.53
C GLY B 312 -21.77 -14.72 51.98
N GLY B 313 -22.01 -13.44 52.18
CA GLY B 313 -20.96 -12.55 52.62
C GLY B 313 -21.26 -11.93 53.98
N THR B 314 -20.76 -10.72 54.21
CA THR B 314 -20.97 -10.03 55.47
C THR B 314 -21.70 -8.73 55.22
N LYS B 315 -22.36 -8.21 56.26
CA LYS B 315 -22.97 -6.90 56.22
C LYS B 315 -22.48 -6.08 57.40
N SER B 316 -22.19 -4.80 57.15
CA SER B 316 -21.53 -3.98 58.15
C SER B 316 -22.29 -2.67 58.34
N PHE B 317 -21.78 -1.86 59.25
CA PHE B 317 -22.35 -0.57 59.61
C PHE B 317 -21.20 0.42 59.63
N VAL B 318 -21.28 1.46 58.81
CA VAL B 318 -20.15 2.36 58.60
C VAL B 318 -20.57 3.76 59.04
N LEU B 319 -19.65 4.49 59.67
CA LEU B 319 -19.88 5.82 60.22
C LEU B 319 -18.76 6.77 59.81
N THR B 320 -18.50 6.85 58.51
CA THR B 320 -17.38 7.65 57.99
C THR B 320 -17.65 9.15 58.12
N THR B 321 -16.62 9.91 57.75
CA THR B 321 -16.75 11.29 57.29
C THR B 321 -16.08 11.35 55.93
N ASN B 322 -16.34 12.42 55.18
CA ASN B 322 -15.77 12.53 53.85
C ASN B 322 -14.47 13.30 53.85
N GLY B 323 -13.56 12.88 52.96
CA GLY B 323 -12.36 13.63 52.66
C GLY B 323 -12.45 14.21 51.27
N ALA B 324 -11.36 14.76 50.75
CA ALA B 324 -11.39 15.32 49.41
C ALA B 324 -11.44 14.24 48.34
N ILE B 325 -10.95 13.04 48.65
CA ILE B 325 -10.96 11.93 47.71
C ILE B 325 -11.84 10.79 48.21
N GLY B 326 -12.87 11.10 49.00
CA GLY B 326 -13.73 10.06 49.52
C GLY B 326 -13.48 9.80 50.98
N GLY B 327 -12.94 8.62 51.30
CA GLY B 327 -12.73 8.22 52.67
C GLY B 327 -11.28 7.85 52.92
N ARG B 328 -11.08 6.90 53.84
CA ARG B 328 -9.75 6.49 54.25
C ARG B 328 -9.20 5.52 53.22
N ASN B 329 -8.77 6.08 52.09
CA ASN B 329 -8.25 5.31 50.97
C ASN B 329 -6.89 5.87 50.61
N MET B 330 -5.84 5.12 50.92
CA MET B 330 -4.48 5.59 50.75
C MET B 330 -3.93 5.36 49.35
N SER B 331 -4.75 4.84 48.43
CA SER B 331 -4.20 4.29 47.19
C SER B 331 -3.84 5.38 46.20
N LEU B 332 -4.57 6.49 46.19
CA LEU B 332 -4.29 7.54 45.21
C LEU B 332 -3.05 8.34 45.61
N GLY B 333 -2.88 8.59 46.91
CA GLY B 333 -1.69 9.29 47.35
C GLY B 333 -0.43 8.46 47.25
N VAL B 334 -0.55 7.14 47.37
CA VAL B 334 0.60 6.27 47.17
C VAL B 334 0.96 6.20 45.70
N LEU B 335 -0.04 6.15 44.82
CA LEU B 335 0.21 6.16 43.37
C LEU B 335 0.89 7.43 42.91
N TYR B 336 0.65 8.55 43.59
CA TYR B 336 1.37 9.76 43.26
C TYR B 336 2.80 9.74 43.77
N LEU B 337 3.08 8.92 44.78
CA LEU B 337 4.43 8.87 45.33
C LEU B 337 5.27 7.74 44.75
N ILE B 338 4.64 6.72 44.17
CA ILE B 338 5.40 5.75 43.39
C ILE B 338 5.89 6.38 42.10
N VAL B 339 5.05 7.18 41.46
CA VAL B 339 5.42 7.86 40.22
C VAL B 339 6.47 8.93 40.49
N ALA B 340 6.25 9.75 41.52
CA ALA B 340 7.26 10.74 41.91
C ALA B 340 8.46 10.10 42.58
N GLY B 341 8.34 8.84 43.02
CA GLY B 341 9.51 8.13 43.48
C GLY B 341 10.37 7.65 42.33
N LEU B 342 9.73 7.19 41.25
CA LEU B 342 10.49 6.78 40.06
C LEU B 342 11.05 7.97 39.31
N CYS B 343 10.35 9.11 39.34
CA CYS B 343 10.85 10.30 38.67
C CYS B 343 11.85 11.08 39.51
N ALA B 344 12.08 10.66 40.76
CA ALA B 344 13.18 11.19 41.54
C ALA B 344 14.31 10.17 41.69
N LEU B 345 14.01 8.90 41.45
CA LEU B 345 15.08 7.91 41.34
C LEU B 345 15.85 8.09 40.04
N PHE B 346 15.17 8.05 38.90
CA PHE B 346 15.84 8.10 37.61
C PHE B 346 16.29 9.51 37.25
N GLY B 347 16.00 10.50 38.11
CA GLY B 347 16.66 11.79 37.99
C GLY B 347 18.04 11.78 38.64
N ILE B 348 18.39 10.66 39.27
CA ILE B 348 19.74 10.52 39.84
C ILE B 348 20.51 9.46 39.08
N ILE B 349 19.83 8.41 38.58
CA ILE B 349 20.51 7.32 37.88
C ILE B 349 20.83 7.73 36.44
N PHE B 350 20.47 8.96 36.04
CA PHE B 350 21.10 9.56 34.86
C PHE B 350 22.59 9.73 35.08
N LEU B 351 22.98 10.07 36.30
CA LEU B 351 24.38 10.40 36.58
C LEU B 351 25.20 9.16 36.88
N VAL B 352 24.56 8.00 37.00
CA VAL B 352 25.26 6.79 37.44
C VAL B 352 25.84 6.04 36.24
N LYS B 353 25.02 5.77 35.24
CA LYS B 353 25.48 5.00 34.09
C LYS B 353 26.32 5.83 33.12
N LEU B 354 26.20 7.17 33.19
CA LEU B 354 26.99 8.04 32.33
C LEU B 354 28.47 7.99 32.70
N ILE B 355 28.79 7.99 33.99
CA ILE B 355 30.18 8.06 34.42
C ILE B 355 30.85 6.69 34.31
N PHE B 356 30.04 5.63 34.25
CA PHE B 356 30.60 4.28 34.18
C PHE B 356 30.64 3.78 32.73
#